data_7RSY
#
_entry.id   7RSY
#
_cell.length_a   71.577
_cell.length_b   120.754
_cell.length_c   195.277
_cell.angle_alpha   90.000
_cell.angle_beta   90.000
_cell.angle_gamma   90.000
#
_symmetry.space_group_name_H-M   'P 21 21 21'
#
loop_
_entity.id
_entity.type
_entity.pdbx_description
1 polymer 'HIV-1 gp120 Clade C1086'
2 non-polymer 2-acetamido-2-deoxy-beta-D-glucopyranose
3 non-polymer N~1~-{(1R,2R,3S)-2-(carbamimidamidomethyl)-3-[(3R)-3,4-dihydroxybutyl]-5-[(methylamino)methyl]-2,3-dihydro-1H-inden-1-yl}-N~2~-(4-chloro-3-fluorophenyl)ethanediamide
4 water water
#
_entity_poly.entity_id   1
_entity_poly.type   'polypeptide(L)'
_entity_poly.pdbx_seq_one_letter_code
;VWKEAKTTLFCASDAKAYEKEVHNVWATHACVPTDPNPQEMVLANVTENFNMWKNDMVEQMHEDIISLWDESLKPCVKLT
GGSAITQACPKVSFDPIPLHYCAPAGFAILKCNNKTFNGTGPCRNVSTVQCTHGIKPVVSTQLLLNGSLAEEEIIIRSEN
LTNNAKTIIVHLNESVNIVCTRPNNGGSGSGGNIRQAHCNINESKWNNTLQKVGEELAKHFPSKTIKFEPSSGGDLEITT
HSFNCRGEFFYCNTSDLFNGTYRNGTYNHTGRSSNGTITLQCKIKQIINMWQEVGRAIYAPPIEGEITCNSNITGLLLLR
DGGNDDNDTETFRPGGGDMRDNWRSELYKYKVVEIKHHHHHH
;
_entity_poly.pdbx_strand_id   A,B,C,D
#
# COMPACT_ATOMS: atom_id res chain seq x y z
N LYS A 6 9.28 23.10 -53.61
CA LYS A 6 9.04 24.31 -52.84
C LYS A 6 8.51 25.41 -53.76
N THR A 7 7.39 26.01 -53.36
CA THR A 7 6.79 27.16 -54.00
C THR A 7 6.38 28.12 -52.89
N THR A 8 5.64 29.16 -53.24
CA THR A 8 5.04 30.05 -52.25
C THR A 8 3.58 29.66 -52.07
N LEU A 9 3.20 29.31 -50.84
CA LEU A 9 1.83 28.92 -50.56
C LEU A 9 1.01 30.12 -50.12
N PHE A 10 -0.31 29.99 -50.22
CA PHE A 10 -1.21 31.08 -49.83
C PHE A 10 -2.17 30.59 -48.75
N CYS A 11 -2.52 31.51 -47.84
CA CYS A 11 -3.39 31.17 -46.72
C CYS A 11 -4.86 31.39 -47.06
N ALA A 12 -5.71 30.68 -46.33
CA ALA A 12 -7.15 30.76 -46.46
C ALA A 12 -7.77 30.81 -45.08
N SER A 13 -8.62 31.81 -44.84
CA SER A 13 -9.19 32.03 -43.52
C SER A 13 -10.67 32.38 -43.64
N ASP A 14 -11.43 32.00 -42.62
CA ASP A 14 -12.80 32.47 -42.46
C ASP A 14 -12.87 33.78 -41.67
N ALA A 15 -11.87 34.64 -41.85
CA ALA A 15 -11.85 35.92 -41.18
C ALA A 15 -12.86 36.87 -41.79
N LYS A 16 -13.29 37.83 -40.98
CA LYS A 16 -14.34 38.75 -41.36
C LYS A 16 -13.79 40.17 -41.42
N ALA A 17 -14.07 40.87 -42.52
CA ALA A 17 -13.54 42.21 -42.74
C ALA A 17 -14.07 43.23 -41.75
N TYR A 18 -15.08 42.89 -40.95
CA TYR A 18 -15.73 43.87 -40.09
C TYR A 18 -15.29 43.79 -38.63
N GLU A 19 -14.65 42.70 -38.20
CA GLU A 19 -14.23 42.59 -36.81
C GLU A 19 -12.89 43.28 -36.61
N LYS A 20 -12.76 43.96 -35.46
CA LYS A 20 -11.53 44.65 -35.11
C LYS A 20 -10.52 43.75 -34.39
N GLU A 21 -10.83 42.47 -34.21
CA GLU A 21 -9.83 41.55 -33.71
C GLU A 21 -8.73 41.39 -34.74
N VAL A 22 -7.48 41.38 -34.25
CA VAL A 22 -6.34 41.63 -35.14
C VAL A 22 -6.00 40.41 -35.99
N HIS A 23 -6.35 39.20 -35.57
CA HIS A 23 -6.16 38.04 -36.44
C HIS A 23 -7.07 38.15 -37.66
N ASN A 24 -8.32 38.57 -37.44
CA ASN A 24 -9.23 38.79 -38.57
C ASN A 24 -8.74 39.92 -39.46
N VAL A 25 -8.29 41.02 -38.86
CA VAL A 25 -7.81 42.16 -39.63
C VAL A 25 -6.63 41.75 -40.50
N TRP A 26 -5.71 40.96 -39.93
CA TRP A 26 -4.55 40.50 -40.71
C TRP A 26 -4.99 39.56 -41.83
N ALA A 27 -5.85 38.60 -41.51
CA ALA A 27 -6.21 37.58 -42.48
C ALA A 27 -7.03 38.14 -43.63
N THR A 28 -7.89 39.14 -43.38
CA THR A 28 -8.60 39.77 -44.48
C THR A 28 -7.62 40.42 -45.45
N HIS A 29 -6.55 41.03 -44.92
CA HIS A 29 -5.55 41.73 -45.71
C HIS A 29 -4.51 40.81 -46.32
N ALA A 30 -4.43 39.55 -45.89
CA ALA A 30 -3.35 38.66 -46.33
C ALA A 30 -3.81 37.31 -46.83
N CYS A 31 -5.05 36.89 -46.58
CA CYS A 31 -5.49 35.56 -46.94
C CYS A 31 -6.76 35.62 -47.77
N VAL A 32 -7.02 34.55 -48.51
CA VAL A 32 -8.21 34.43 -49.34
C VAL A 32 -9.28 33.68 -48.54
N PRO A 33 -10.56 33.79 -48.90
CA PRO A 33 -11.57 33.00 -48.19
C PRO A 33 -11.40 31.51 -48.43
N THR A 34 -11.65 30.73 -47.37
CA THR A 34 -11.58 29.28 -47.50
C THR A 34 -12.70 28.77 -48.39
N ASP A 35 -12.42 27.69 -49.10
CA ASP A 35 -13.42 27.14 -49.99
C ASP A 35 -14.19 26.02 -49.30
N PRO A 36 -15.50 25.96 -49.46
CA PRO A 36 -16.23 24.75 -49.07
C PRO A 36 -16.22 23.73 -50.20
N ASN A 37 -15.17 23.81 -51.04
CA ASN A 37 -14.89 22.91 -52.15
C ASN A 37 -13.71 22.02 -51.76
N PRO A 38 -13.81 21.23 -50.69
CA PRO A 38 -12.61 20.57 -50.16
C PRO A 38 -12.48 19.16 -50.69
N GLN A 39 -11.84 19.01 -51.86
CA GLN A 39 -11.72 17.71 -52.52
C GLN A 39 -10.47 17.01 -52.00
N GLU A 40 -10.66 15.99 -51.18
CA GLU A 40 -9.58 15.16 -50.67
C GLU A 40 -9.57 13.85 -51.46
N MET A 41 -8.42 13.48 -52.01
CA MET A 41 -8.33 12.29 -52.85
C MET A 41 -7.31 11.31 -52.26
N VAL A 42 -7.78 10.11 -51.93
CA VAL A 42 -7.00 9.08 -51.24
C VAL A 42 -6.26 8.22 -52.26
N LEU A 43 -5.03 7.81 -51.94
CA LEU A 43 -4.25 6.89 -52.76
C LEU A 43 -3.59 5.88 -51.82
N ALA A 44 -4.14 4.67 -51.76
CA ALA A 44 -3.73 3.72 -50.74
C ALA A 44 -2.38 3.06 -51.06
N ASN A 45 -2.11 2.76 -52.32
CA ASN A 45 -0.85 2.10 -52.64
C ASN A 45 0.24 3.08 -53.07
N VAL A 46 -0.10 4.34 -53.35
CA VAL A 46 0.91 5.39 -53.40
C VAL A 46 1.39 5.66 -51.98
N THR A 47 2.71 5.68 -51.79
CA THR A 47 3.31 5.85 -50.47
C THR A 47 4.45 6.84 -50.56
N GLU A 48 4.53 7.77 -49.61
CA GLU A 48 5.49 8.85 -49.70
C GLU A 48 6.21 9.06 -48.37
N ASN A 49 7.34 9.76 -48.43
CA ASN A 49 8.18 10.01 -47.27
C ASN A 49 8.01 11.46 -46.81
N PHE A 50 7.86 11.66 -45.50
CA PHE A 50 7.74 12.98 -44.90
C PHE A 50 8.83 13.19 -43.87
N ASN A 51 9.18 14.45 -43.65
CA ASN A 51 10.04 14.86 -42.53
C ASN A 51 9.48 16.16 -41.97
N MET A 52 8.75 16.06 -40.86
CA MET A 52 8.17 17.24 -40.24
C MET A 52 9.23 18.25 -39.80
N TRP A 53 10.49 17.82 -39.65
CA TRP A 53 11.56 18.71 -39.23
C TRP A 53 12.31 19.32 -40.40
N LYS A 54 12.07 18.85 -41.61
CA LYS A 54 12.56 19.47 -42.85
C LYS A 54 11.33 19.70 -43.72
N ASN A 55 10.69 20.86 -43.52
CA ASN A 55 9.40 21.16 -44.16
C ASN A 55 9.31 22.67 -44.32
N ASP A 56 9.37 23.15 -45.56
CA ASP A 56 9.39 24.59 -45.79
C ASP A 56 8.05 25.25 -45.48
N MET A 57 6.96 24.47 -45.41
CA MET A 57 5.70 25.03 -44.98
C MET A 57 5.78 25.60 -43.58
N VAL A 58 6.60 24.97 -42.73
CA VAL A 58 6.78 25.47 -41.38
C VAL A 58 7.42 26.85 -41.41
N GLU A 59 8.43 27.03 -42.26
CA GLU A 59 9.10 28.33 -42.34
C GLU A 59 8.19 29.38 -42.95
N GLN A 60 7.37 28.99 -43.94
CA GLN A 60 6.44 29.94 -44.54
C GLN A 60 5.40 30.40 -43.50
N MET A 61 4.85 29.45 -42.73
CA MET A 61 3.91 29.83 -41.69
C MET A 61 4.59 30.66 -40.60
N HIS A 62 5.85 30.34 -40.28
CA HIS A 62 6.60 31.15 -39.31
C HIS A 62 6.72 32.59 -39.77
N GLU A 63 7.09 32.80 -41.03
CA GLU A 63 7.16 34.15 -41.57
C GLU A 63 5.80 34.85 -41.49
N ASP A 64 4.73 34.13 -41.87
CA ASP A 64 3.40 34.72 -41.83
C ASP A 64 3.03 35.16 -40.42
N ILE A 65 3.32 34.32 -39.42
CA ILE A 65 2.90 34.65 -38.05
C ILE A 65 3.77 35.76 -37.49
N ILE A 66 5.05 35.84 -37.88
CA ILE A 66 5.87 36.98 -37.49
C ILE A 66 5.28 38.27 -38.04
N SER A 67 4.90 38.27 -39.32
CA SER A 67 4.26 39.44 -39.90
C SER A 67 2.99 39.79 -39.14
N LEU A 68 2.17 38.77 -38.83
CA LEU A 68 0.95 38.99 -38.05
C LEU A 68 1.26 39.71 -36.75
N TRP A 69 2.18 39.17 -35.96
CA TRP A 69 2.42 39.71 -34.64
C TRP A 69 2.98 41.13 -34.71
N ASP A 70 3.89 41.39 -35.64
CA ASP A 70 4.45 42.73 -35.68
C ASP A 70 3.53 43.75 -36.33
N GLU A 71 2.50 43.30 -37.05
CA GLU A 71 1.46 44.21 -37.51
C GLU A 71 0.29 44.29 -36.55
N SER A 72 0.25 43.44 -35.52
CA SER A 72 -0.90 43.34 -34.63
C SER A 72 -0.57 43.56 -33.16
N LEU A 73 0.64 43.26 -32.72
CA LEU A 73 1.07 43.54 -31.34
C LEU A 73 2.25 44.51 -31.40
N LYS A 74 1.97 45.75 -31.81
CA LYS A 74 2.99 46.79 -31.85
C LYS A 74 3.44 47.10 -30.42
N PRO A 75 4.70 46.84 -30.07
CA PRO A 75 5.19 47.24 -28.76
C PRO A 75 5.50 48.72 -28.73
N CYS A 76 5.31 49.33 -27.56
CA CYS A 76 5.72 50.71 -27.37
C CYS A 76 7.20 50.87 -27.68
N VAL A 77 8.02 49.94 -27.24
CA VAL A 77 9.44 49.98 -27.55
C VAL A 77 9.85 48.63 -28.10
N LYS A 78 10.75 48.63 -29.08
CA LYS A 78 11.33 47.40 -29.61
C LYS A 78 12.82 47.60 -29.66
N LEU A 79 13.55 46.74 -28.96
CA LEU A 79 14.99 46.87 -28.74
C LEU A 79 15.69 45.75 -29.47
N THR A 80 16.37 46.09 -30.57
CA THR A 80 17.06 45.12 -31.40
C THR A 80 18.36 45.73 -31.92
N GLY A 81 19.46 44.99 -31.75
CA GLY A 81 20.75 45.36 -32.32
C GLY A 81 21.17 46.79 -32.11
N GLY A 82 21.25 47.22 -30.85
CA GLY A 82 21.68 48.57 -30.55
C GLY A 82 20.74 49.67 -30.98
N SER A 83 19.63 49.35 -31.65
CA SER A 83 18.66 50.35 -32.03
C SER A 83 17.33 50.08 -31.34
N ALA A 84 16.55 51.15 -31.19
CA ALA A 84 15.23 51.09 -30.56
C ALA A 84 14.21 51.70 -31.50
N ILE A 85 13.02 51.11 -31.52
CA ILE A 85 11.95 51.53 -32.41
C ILE A 85 10.70 51.75 -31.57
N THR A 86 10.15 52.95 -31.60
CA THR A 86 8.96 53.30 -30.85
C THR A 86 7.78 53.49 -31.79
N GLN A 87 6.61 53.03 -31.37
CA GLN A 87 5.37 53.23 -32.12
C GLN A 87 4.20 53.20 -31.15
N ALA A 88 3.02 53.55 -31.66
CA ALA A 88 1.81 53.46 -30.87
C ALA A 88 1.56 52.01 -30.50
N CYS A 89 1.19 51.79 -29.24
CA CYS A 89 1.03 50.44 -28.68
C CYS A 89 -0.33 50.33 -27.98
N PRO A 90 -1.41 50.44 -28.74
CA PRO A 90 -2.74 50.40 -28.12
C PRO A 90 -3.10 48.98 -27.71
N LYS A 91 -3.93 48.87 -26.68
CA LYS A 91 -4.53 47.60 -26.36
C LYS A 91 -5.48 47.21 -27.48
N VAL A 92 -5.49 45.93 -27.83
CA VAL A 92 -6.25 45.44 -28.96
C VAL A 92 -7.09 44.25 -28.53
N SER A 93 -7.90 43.76 -29.46
CA SER A 93 -8.69 42.56 -29.27
C SER A 93 -7.95 41.39 -29.93
N PHE A 94 -7.54 40.42 -29.11
CA PHE A 94 -6.61 39.37 -29.52
C PHE A 94 -7.23 38.01 -29.23
N ASP A 95 -7.53 37.25 -30.28
CA ASP A 95 -8.02 35.88 -30.15
C ASP A 95 -7.77 35.11 -31.44
N PRO A 96 -6.83 34.16 -31.44
CA PRO A 96 -6.39 33.54 -32.69
C PRO A 96 -7.51 32.82 -33.41
N ILE A 97 -7.43 32.83 -34.74
CA ILE A 97 -8.42 32.18 -35.59
C ILE A 97 -7.70 31.12 -36.40
N PRO A 98 -8.42 30.16 -36.97
CA PRO A 98 -7.75 29.13 -37.78
C PRO A 98 -7.22 29.70 -39.10
N LEU A 99 -6.14 29.11 -39.58
CA LEU A 99 -5.54 29.46 -40.86
C LEU A 99 -5.27 28.18 -41.64
N HIS A 100 -5.62 28.18 -42.92
CA HIS A 100 -5.32 27.09 -43.82
C HIS A 100 -4.18 27.50 -44.74
N TYR A 101 -3.30 26.56 -45.07
CA TYR A 101 -2.22 26.80 -46.01
C TYR A 101 -2.44 25.95 -47.25
N CYS A 102 -2.30 26.58 -48.42
CA CYS A 102 -2.76 26.02 -49.68
C CYS A 102 -1.67 26.14 -50.74
N ALA A 103 -1.45 25.03 -51.46
CA ALA A 103 -0.55 25.06 -52.60
C ALA A 103 -1.19 25.81 -53.76
N PRO A 104 -0.43 26.62 -54.49
CA PRO A 104 -0.99 27.29 -55.68
C PRO A 104 -1.19 26.31 -56.84
N ALA A 105 -1.65 26.84 -57.98
CA ALA A 105 -1.86 26.00 -59.15
C ALA A 105 -0.55 25.36 -59.60
N GLY A 106 -0.63 24.12 -60.05
CA GLY A 106 0.55 23.35 -60.35
C GLY A 106 1.16 22.64 -59.16
N PHE A 107 0.52 22.73 -57.99
CA PHE A 107 1.04 22.14 -56.77
C PHE A 107 -0.11 21.57 -55.97
N ALA A 108 0.19 20.52 -55.21
CA ALA A 108 -0.78 19.89 -54.32
C ALA A 108 -0.16 19.80 -52.93
N ILE A 109 -0.95 19.31 -51.97
CA ILE A 109 -0.44 19.04 -50.63
C ILE A 109 -0.80 17.61 -50.28
N LEU A 110 0.21 16.79 -50.02
CA LEU A 110 -0.02 15.42 -49.60
C LEU A 110 -0.10 15.36 -48.09
N LYS A 111 -1.02 14.52 -47.61
CA LYS A 111 -1.43 14.45 -46.22
C LYS A 111 -1.40 12.98 -45.79
N CYS A 112 -0.64 12.68 -44.75
CA CYS A 112 -0.49 11.30 -44.30
C CYS A 112 -1.67 10.93 -43.40
N ASN A 113 -2.40 9.90 -43.79
CA ASN A 113 -3.59 9.47 -43.06
C ASN A 113 -3.30 8.41 -42.00
N ASN A 114 -2.05 8.00 -41.84
CA ASN A 114 -1.70 7.10 -40.74
C ASN A 114 -1.96 7.80 -39.42
N LYS A 115 -2.92 7.27 -38.65
CA LYS A 115 -3.26 7.87 -37.36
C LYS A 115 -2.15 7.72 -36.34
N THR A 116 -1.15 6.88 -36.58
CA THR A 116 -0.05 6.67 -35.65
C THR A 116 1.28 7.17 -36.21
N PHE A 117 1.25 8.03 -37.21
CA PHE A 117 2.47 8.53 -37.84
C PHE A 117 3.21 9.48 -36.92
N ASN A 118 4.51 9.24 -36.72
CA ASN A 118 5.30 10.05 -35.82
C ASN A 118 5.86 11.32 -36.48
N GLY A 119 5.50 11.57 -37.73
CA GLY A 119 5.95 12.74 -38.44
C GLY A 119 7.19 12.54 -39.29
N THR A 120 7.74 11.34 -39.33
CA THR A 120 8.99 11.12 -40.04
C THR A 120 9.01 9.73 -40.64
N GLY A 121 9.35 9.65 -41.92
CA GLY A 121 9.52 8.37 -42.58
C GLY A 121 8.48 8.15 -43.64
N PRO A 122 8.27 6.88 -44.02
CA PRO A 122 7.26 6.57 -45.04
C PRO A 122 5.87 6.39 -44.46
N CYS A 123 4.90 6.98 -45.17
CA CYS A 123 3.48 6.81 -44.93
C CYS A 123 2.89 6.10 -46.15
N ARG A 124 2.15 5.02 -45.90
CA ARG A 124 1.58 4.23 -46.99
C ARG A 124 0.23 4.75 -47.44
N ASN A 125 -0.60 5.25 -46.52
CA ASN A 125 -1.89 5.84 -46.87
C ASN A 125 -1.71 7.35 -46.95
N VAL A 126 -1.71 7.88 -48.17
CA VAL A 126 -1.48 9.29 -48.42
C VAL A 126 -2.64 9.84 -49.24
N SER A 127 -3.02 11.09 -48.97
CA SER A 127 -4.10 11.73 -49.70
C SER A 127 -3.63 13.09 -50.20
N THR A 128 -4.19 13.53 -51.33
CA THR A 128 -3.89 14.86 -51.83
C THR A 128 -5.04 15.80 -51.53
N VAL A 129 -4.68 17.04 -51.17
CA VAL A 129 -5.61 18.08 -50.82
C VAL A 129 -5.09 19.41 -51.37
N GLN A 130 -5.99 20.39 -51.39
CA GLN A 130 -5.63 21.74 -51.78
C GLN A 130 -5.04 22.52 -50.62
N CYS A 131 -5.58 22.31 -49.41
CA CYS A 131 -5.23 23.09 -48.23
C CYS A 131 -5.15 22.21 -46.99
N THR A 132 -4.29 22.62 -46.07
CA THR A 132 -4.29 22.08 -44.74
C THR A 132 -5.60 22.41 -44.02
N HIS A 133 -5.78 21.81 -42.85
CA HIS A 133 -6.89 22.17 -41.99
C HIS A 133 -6.62 23.53 -41.35
N GLY A 134 -7.61 24.02 -40.59
CA GLY A 134 -7.43 25.29 -39.91
C GLY A 134 -6.48 25.16 -38.74
N ILE A 135 -5.48 26.04 -38.69
CA ILE A 135 -4.46 26.01 -37.64
C ILE A 135 -4.46 27.35 -36.94
N LYS A 136 -4.61 27.33 -35.62
CA LYS A 136 -4.53 28.55 -34.84
C LYS A 136 -3.07 28.88 -34.56
N PRO A 137 -2.59 30.05 -34.93
CA PRO A 137 -1.20 30.39 -34.64
C PRO A 137 -0.99 30.72 -33.17
N VAL A 138 -1.10 29.72 -32.30
CA VAL A 138 -1.00 29.94 -30.86
C VAL A 138 0.48 29.92 -30.47
N VAL A 139 0.99 31.07 -30.05
CA VAL A 139 2.37 31.18 -29.60
C VAL A 139 2.40 30.85 -28.11
N SER A 140 3.19 29.83 -27.74
CA SER A 140 3.29 29.41 -26.35
C SER A 140 4.57 28.59 -26.18
N THR A 141 4.92 28.35 -24.91
CA THR A 141 6.04 27.50 -24.57
C THR A 141 5.57 26.41 -23.61
N GLN A 142 6.36 25.33 -23.54
CA GLN A 142 6.12 24.22 -22.62
C GLN A 142 4.84 23.46 -22.96
N LEU A 143 3.70 24.15 -22.97
CA LEU A 143 2.43 23.55 -23.30
C LEU A 143 1.96 24.03 -24.67
N LEU A 144 1.44 23.11 -25.47
CA LEU A 144 0.81 23.44 -26.75
C LEU A 144 -0.69 23.58 -26.52
N LEU A 145 -1.23 24.73 -26.90
CA LEU A 145 -2.61 25.10 -26.57
C LEU A 145 -3.48 25.09 -27.83
N ASN A 146 -4.74 24.68 -27.64
CA ASN A 146 -5.78 24.85 -28.65
C ASN A 146 -5.41 24.22 -29.99
N GLY A 147 -4.65 23.13 -29.98
CA GLY A 147 -4.30 22.42 -31.19
C GLY A 147 -5.30 21.34 -31.51
N SER A 148 -4.87 20.39 -32.34
CA SER A 148 -5.69 19.24 -32.68
C SER A 148 -5.10 17.98 -32.04
N LEU A 149 -5.98 17.04 -31.71
CA LEU A 149 -5.60 15.86 -30.94
C LEU A 149 -5.33 14.67 -31.84
N ALA A 150 -4.39 13.83 -31.41
CA ALA A 150 -4.16 12.56 -32.09
C ALA A 150 -5.41 11.70 -32.02
N GLU A 151 -5.68 10.98 -33.11
CA GLU A 151 -6.92 10.22 -33.21
C GLU A 151 -6.87 8.91 -32.44
N GLU A 152 -5.68 8.32 -32.29
CA GLU A 152 -5.56 7.05 -31.56
C GLU A 152 -4.72 7.21 -30.30
N GLU A 153 -3.48 6.72 -30.33
CA GLU A 153 -2.60 6.77 -29.18
C GLU A 153 -1.84 8.09 -29.13
N ILE A 154 -1.27 8.38 -27.96
CA ILE A 154 -0.37 9.52 -27.81
C ILE A 154 0.87 9.27 -28.65
N ILE A 155 1.32 10.32 -29.37
CA ILE A 155 2.43 10.17 -30.31
C ILE A 155 3.62 11.00 -29.83
N ILE A 156 4.81 10.41 -29.93
CA ILE A 156 6.06 11.08 -29.59
C ILE A 156 6.80 11.41 -30.87
N ARG A 157 7.15 12.69 -31.04
CA ARG A 157 7.86 13.14 -32.22
C ARG A 157 9.16 13.82 -31.79
N SER A 158 10.24 13.55 -32.53
CA SER A 158 11.46 14.32 -32.35
C SER A 158 12.40 14.04 -33.51
N GLU A 159 13.11 15.09 -33.94
CA GLU A 159 14.08 14.95 -35.02
C GLU A 159 15.13 13.89 -34.70
N ASN A 160 15.59 13.83 -33.46
CA ASN A 160 16.53 12.78 -33.06
C ASN A 160 16.35 12.50 -31.58
N LEU A 161 15.74 11.36 -31.26
CA LEU A 161 15.46 11.03 -29.86
C LEU A 161 16.74 10.79 -29.07
N THR A 162 17.82 10.35 -29.73
CA THR A 162 19.07 10.15 -29.01
C THR A 162 19.76 11.47 -28.70
N ASN A 163 19.61 12.47 -29.57
CA ASN A 163 20.10 13.80 -29.26
C ASN A 163 19.24 14.43 -28.18
N ASN A 164 19.85 14.78 -27.06
CA ASN A 164 19.12 15.39 -25.96
C ASN A 164 18.84 16.87 -26.17
N ALA A 165 19.39 17.46 -27.23
CA ALA A 165 19.18 18.87 -27.52
C ALA A 165 18.01 19.11 -28.46
N LYS A 166 17.51 18.08 -29.14
CA LYS A 166 16.37 18.25 -30.02
C LYS A 166 15.07 18.23 -29.23
N THR A 167 14.18 19.15 -29.58
CA THR A 167 12.90 19.25 -28.89
C THR A 167 12.05 18.01 -29.13
N ILE A 168 11.37 17.56 -28.08
CA ILE A 168 10.43 16.44 -28.15
C ILE A 168 9.02 17.00 -28.11
N ILE A 169 8.22 16.66 -29.12
CA ILE A 169 6.82 17.07 -29.19
C ILE A 169 5.98 15.88 -28.76
N VAL A 170 5.15 16.08 -27.75
CA VAL A 170 4.23 15.07 -27.26
C VAL A 170 2.85 15.45 -27.73
N HIS A 171 2.25 14.62 -28.58
CA HIS A 171 0.93 14.84 -29.15
C HIS A 171 -0.08 14.00 -28.36
N LEU A 172 -0.92 14.68 -27.60
CA LEU A 172 -1.91 14.05 -26.73
C LEU A 172 -3.15 13.64 -27.52
N ASN A 173 -3.85 12.63 -27.01
CA ASN A 173 -5.09 12.17 -27.62
C ASN A 173 -6.34 12.57 -26.83
N GLU A 174 -6.17 13.22 -25.68
CA GLU A 174 -7.28 13.78 -24.92
C GLU A 174 -6.81 15.08 -24.28
N SER A 175 -7.61 16.12 -24.41
CA SER A 175 -7.19 17.45 -23.98
C SER A 175 -7.18 17.55 -22.46
N VAL A 176 -6.35 18.45 -21.94
CA VAL A 176 -6.37 18.80 -20.52
C VAL A 176 -6.74 20.27 -20.41
N ASN A 177 -7.92 20.55 -19.87
CA ASN A 177 -8.35 21.94 -19.75
C ASN A 177 -7.42 22.72 -18.84
N ILE A 178 -7.18 23.98 -19.18
CA ILE A 178 -6.39 24.88 -18.35
C ILE A 178 -7.04 26.25 -18.37
N VAL A 179 -7.32 26.81 -17.19
CA VAL A 179 -8.00 28.09 -17.10
C VAL A 179 -7.04 29.08 -16.45
N CYS A 180 -6.54 30.04 -17.23
CA CYS A 180 -5.66 31.05 -16.67
C CYS A 180 -6.41 32.37 -16.58
N THR A 181 -6.19 33.08 -15.47
CA THR A 181 -6.99 34.27 -15.16
C THR A 181 -6.20 35.22 -14.29
N ARG A 182 -6.15 36.49 -14.72
CA ARG A 182 -5.91 37.61 -13.83
C ARG A 182 -7.27 38.18 -13.46
N PRO A 183 -7.70 38.04 -12.22
CA PRO A 183 -9.07 38.41 -11.85
C PRO A 183 -9.19 39.91 -11.59
N ASN A 184 -10.43 40.33 -11.38
CA ASN A 184 -10.75 41.73 -11.09
C ASN A 184 -10.53 42.05 -9.62
N ASN A 193 -2.05 43.09 -6.58
CA ASN A 193 -1.21 43.59 -7.65
C ASN A 193 -1.78 43.22 -9.02
N ILE A 194 -1.86 44.21 -9.91
CA ILE A 194 -2.54 44.05 -11.19
C ILE A 194 -1.81 43.12 -12.15
N ARG A 195 -0.62 42.64 -11.80
CA ARG A 195 0.11 41.74 -12.68
C ARG A 195 0.17 40.31 -12.15
N GLN A 196 -0.62 39.98 -11.14
CA GLN A 196 -0.64 38.64 -10.56
C GLN A 196 -1.83 37.87 -11.12
N ALA A 197 -1.60 36.63 -11.54
CA ALA A 197 -2.63 35.81 -12.14
C ALA A 197 -2.36 34.35 -11.81
N HIS A 198 -3.33 33.49 -12.12
CA HIS A 198 -3.16 32.07 -11.79
C HIS A 198 -3.88 31.19 -12.79
N CYS A 199 -3.34 30.00 -13.00
CA CYS A 199 -3.94 28.98 -13.84
C CYS A 199 -4.42 27.80 -12.99
N ASN A 200 -5.57 27.25 -13.35
CA ASN A 200 -6.16 26.10 -12.70
C ASN A 200 -6.17 24.93 -13.68
N ILE A 201 -5.66 23.79 -13.22
CA ILE A 201 -5.61 22.54 -13.98
C ILE A 201 -6.11 21.42 -13.08
N ASN A 202 -7.08 20.64 -13.57
CA ASN A 202 -7.64 19.54 -12.78
C ASN A 202 -6.62 18.41 -12.69
N GLU A 203 -6.13 18.15 -11.48
CA GLU A 203 -4.93 17.33 -11.31
C GLU A 203 -5.16 15.85 -11.60
N SER A 204 -6.40 15.36 -11.67
CA SER A 204 -6.60 13.96 -12.01
C SER A 204 -6.42 13.72 -13.51
N LYS A 205 -6.91 14.64 -14.33
CA LYS A 205 -6.66 14.56 -15.77
C LYS A 205 -5.17 14.69 -16.06
N TRP A 206 -4.49 15.59 -15.34
CA TRP A 206 -3.04 15.70 -15.48
C TRP A 206 -2.36 14.41 -15.03
N ASN A 207 -2.86 13.79 -13.96
CA ASN A 207 -2.28 12.53 -13.48
C ASN A 207 -2.34 11.45 -14.55
N ASN A 208 -3.54 11.22 -15.10
CA ASN A 208 -3.67 10.16 -16.10
C ASN A 208 -2.90 10.50 -17.37
N THR A 209 -2.92 11.77 -17.77
CA THR A 209 -2.19 12.21 -18.95
C THR A 209 -0.70 11.93 -18.80
N LEU A 210 -0.13 12.30 -17.65
CA LEU A 210 1.31 12.13 -17.49
C LEU A 210 1.70 10.66 -17.32
N GLN A 211 0.81 9.82 -16.79
CA GLN A 211 1.17 8.40 -16.75
C GLN A 211 1.17 7.78 -18.13
N LYS A 212 0.19 8.12 -18.96
CA LYS A 212 0.22 7.58 -20.31
C LYS A 212 1.38 8.14 -21.14
N VAL A 213 1.73 9.40 -20.90
CA VAL A 213 2.92 9.97 -21.52
C VAL A 213 4.17 9.21 -21.07
N GLY A 214 4.25 8.90 -19.77
CA GLY A 214 5.36 8.09 -19.29
C GLY A 214 5.40 6.72 -19.94
N GLU A 215 4.23 6.13 -20.19
CA GLU A 215 4.18 4.85 -20.89
C GLU A 215 4.85 4.94 -22.25
N GLU A 216 4.46 5.93 -23.06
CA GLU A 216 5.07 6.03 -24.40
C GLU A 216 6.55 6.38 -24.32
N LEU A 217 6.92 7.31 -23.44
CA LEU A 217 8.33 7.65 -23.27
C LEU A 217 9.13 6.41 -22.86
N ALA A 218 8.51 5.52 -22.08
CA ALA A 218 9.16 4.27 -21.72
C ALA A 218 9.24 3.33 -22.91
N LYS A 219 8.27 3.40 -23.82
CA LYS A 219 8.43 2.59 -25.02
C LYS A 219 9.66 3.00 -25.79
N HIS A 220 9.92 4.31 -25.87
CA HIS A 220 11.15 4.74 -26.54
C HIS A 220 12.38 4.61 -25.66
N PHE A 221 12.19 4.47 -24.35
CA PHE A 221 13.26 4.15 -23.41
C PHE A 221 12.79 2.94 -22.58
N PRO A 222 13.01 1.68 -23.08
CA PRO A 222 12.34 0.47 -22.49
C PRO A 222 12.81 -0.05 -21.13
N SER A 223 14.91 -0.49 -17.57
CA SER A 223 15.30 0.45 -16.52
C SER A 223 14.53 1.75 -16.75
N LYS A 224 15.22 2.87 -16.88
CA LYS A 224 14.70 4.03 -17.58
C LYS A 224 13.46 4.62 -16.91
N THR A 225 13.59 4.91 -15.61
CA THR A 225 12.47 5.45 -14.86
C THR A 225 12.24 6.90 -15.26
N ILE A 226 11.05 7.19 -15.77
CA ILE A 226 10.76 8.48 -16.38
C ILE A 226 10.56 9.52 -15.29
N LYS A 227 11.20 10.68 -15.43
CA LYS A 227 11.09 11.74 -14.45
C LYS A 227 10.70 13.05 -15.12
N PHE A 228 9.71 13.74 -14.55
CA PHE A 228 9.27 15.05 -15.03
C PHE A 228 9.65 16.10 -14.00
N GLU A 229 10.55 16.99 -14.39
CA GLU A 229 11.05 18.04 -13.53
C GLU A 229 10.91 19.39 -14.21
N PRO A 230 10.81 20.48 -13.45
CA PRO A 230 10.61 21.80 -14.06
C PRO A 230 11.78 22.19 -14.95
N SER A 231 11.58 23.30 -15.67
CA SER A 231 12.60 23.77 -16.59
C SER A 231 13.89 24.09 -15.83
N SER A 232 15.02 23.71 -16.44
CA SER A 232 16.32 23.96 -15.83
C SER A 232 16.54 25.46 -15.65
N GLY A 233 16.90 26.14 -16.73
CA GLY A 233 17.14 27.57 -16.67
C GLY A 233 17.05 28.17 -18.06
N GLY A 234 17.21 29.49 -18.10
CA GLY A 234 17.11 30.27 -19.32
C GLY A 234 16.21 31.47 -19.12
N ASP A 235 15.85 32.10 -20.23
CA ASP A 235 14.97 33.26 -20.17
C ASP A 235 13.60 32.87 -19.64
N LEU A 236 12.98 33.82 -18.95
CA LEU A 236 11.69 33.55 -18.29
C LEU A 236 10.66 33.00 -19.25
N GLU A 237 10.78 33.32 -20.54
CA GLU A 237 9.82 32.85 -21.52
C GLU A 237 9.83 31.33 -21.64
N ILE A 238 11.00 30.70 -21.43
CA ILE A 238 11.13 29.26 -21.66
C ILE A 238 11.09 28.50 -20.34
N THR A 239 11.52 29.14 -19.25
CA THR A 239 11.47 28.51 -17.94
C THR A 239 10.07 28.55 -17.33
N THR A 240 9.12 29.23 -17.97
CA THR A 240 7.74 29.22 -17.55
C THR A 240 6.86 28.89 -18.76
N HIS A 241 5.62 28.51 -18.47
CA HIS A 241 4.58 28.46 -19.50
C HIS A 241 4.24 29.90 -19.85
N SER A 242 4.80 30.40 -20.94
CA SER A 242 4.53 31.77 -21.38
C SER A 242 3.62 31.73 -22.59
N PHE A 243 2.67 32.65 -22.62
CA PHE A 243 1.74 32.72 -23.75
C PHE A 243 1.12 34.12 -23.78
N ASN A 244 0.25 34.33 -24.75
CA ASN A 244 -0.47 35.59 -24.89
C ASN A 244 -1.96 35.31 -24.80
N CYS A 245 -2.64 36.01 -23.89
CA CYS A 245 -4.07 35.85 -23.70
C CYS A 245 -4.69 37.24 -23.67
N ARG A 246 -5.64 37.48 -24.57
CA ARG A 246 -6.32 38.79 -24.69
C ARG A 246 -5.31 39.93 -24.83
N GLY A 247 -4.17 39.66 -25.46
CA GLY A 247 -3.15 40.66 -25.67
C GLY A 247 -2.12 40.78 -24.58
N GLU A 248 -2.30 40.09 -23.46
CA GLU A 248 -1.39 40.22 -22.33
C GLU A 248 -0.45 39.02 -22.26
N PHE A 249 0.81 39.31 -21.91
CA PHE A 249 1.86 38.29 -21.89
C PHE A 249 1.91 37.63 -20.52
N PHE A 250 1.30 36.45 -20.43
CA PHE A 250 1.27 35.66 -19.21
C PHE A 250 2.53 34.81 -19.12
N TYR A 251 3.16 34.82 -17.94
CA TYR A 251 4.30 33.96 -17.61
C TYR A 251 3.90 33.16 -16.37
N CYS A 252 3.72 31.84 -16.54
CA CYS A 252 3.07 30.98 -15.57
C CYS A 252 4.02 29.89 -15.08
N ASN A 253 4.24 29.87 -13.77
CA ASN A 253 5.16 28.93 -13.14
C ASN A 253 4.66 27.50 -13.28
N THR A 254 5.50 26.58 -13.76
CA THR A 254 5.13 25.18 -13.94
C THR A 254 5.89 24.24 -13.00
N SER A 255 6.37 24.75 -11.86
CA SER A 255 7.12 23.90 -10.93
C SER A 255 6.24 22.79 -10.38
N ASP A 256 4.97 23.08 -10.16
CA ASP A 256 4.03 22.10 -9.63
C ASP A 256 3.35 21.29 -10.72
N LEU A 257 3.76 21.48 -11.98
CA LEU A 257 3.15 20.78 -13.10
C LEU A 257 4.06 19.68 -13.65
N PHE A 258 5.28 20.03 -14.07
CA PHE A 258 6.25 19.04 -14.53
C PHE A 258 7.07 18.62 -13.31
N ASN A 259 6.50 17.69 -12.55
CA ASN A 259 7.01 17.35 -11.23
C ASN A 259 6.45 16.01 -10.79
N GLY A 260 7.07 14.92 -11.23
CA GLY A 260 6.56 13.59 -10.92
C GLY A 260 7.49 12.52 -11.43
N THR A 261 7.15 11.27 -11.07
CA THR A 261 7.97 10.13 -11.43
C THR A 261 7.09 8.98 -11.91
N TYR A 262 7.50 8.36 -13.02
CA TYR A 262 6.87 7.18 -13.59
C TYR A 262 7.86 6.03 -13.44
N ARG A 263 7.51 5.05 -12.61
CA ARG A 263 8.36 3.90 -12.34
C ARG A 263 7.50 2.65 -12.15
N ASN A 264 8.05 1.51 -12.57
CA ASN A 264 7.38 0.22 -12.52
C ASN A 264 5.95 0.32 -13.04
N GLY A 265 5.77 1.06 -14.12
CA GLY A 265 4.49 1.16 -14.78
C GLY A 265 3.45 2.03 -14.12
N THR A 266 3.81 2.78 -13.08
CA THR A 266 2.84 3.65 -12.41
C THR A 266 3.42 5.06 -12.30
N TYR A 267 2.53 6.05 -12.32
CA TYR A 267 2.91 7.45 -12.20
C TYR A 267 2.52 8.01 -10.84
N ASN A 268 3.42 8.79 -10.27
CA ASN A 268 3.19 9.45 -8.99
C ASN A 268 3.55 10.92 -9.17
N HIS A 269 2.60 11.80 -8.86
CA HIS A 269 2.80 13.23 -9.03
C HIS A 269 3.39 13.83 -7.75
N THR A 270 4.60 14.37 -7.86
CA THR A 270 5.30 14.96 -6.73
C THR A 270 5.12 16.47 -6.62
N GLY A 271 4.40 17.09 -7.55
CA GLY A 271 4.13 18.51 -7.44
C GLY A 271 2.98 18.80 -6.50
N ARG A 272 3.02 19.99 -5.89
CA ARG A 272 2.06 20.33 -4.86
C ARG A 272 0.71 20.70 -5.46
N SER A 273 -0.37 20.13 -4.92
CA SER A 273 -1.72 20.44 -5.36
C SER A 273 -2.63 20.59 -4.14
N SER A 274 -3.73 21.31 -4.31
CA SER A 274 -4.67 21.58 -3.22
C SER A 274 -6.09 21.30 -3.66
N ASN A 275 -6.84 20.62 -2.79
CA ASN A 275 -8.12 19.99 -3.09
C ASN A 275 -8.29 19.58 -4.55
N GLY A 276 -7.27 18.95 -5.15
CA GLY A 276 -7.47 18.28 -6.42
C GLY A 276 -7.18 19.10 -7.65
N THR A 277 -6.60 20.28 -7.51
CA THR A 277 -6.27 21.12 -8.66
C THR A 277 -4.89 21.72 -8.45
N ILE A 278 -4.10 21.76 -9.51
CA ILE A 278 -2.84 22.49 -9.54
C ILE A 278 -3.12 23.90 -9.99
N THR A 279 -2.60 24.88 -9.25
CA THR A 279 -2.69 26.28 -9.64
C THR A 279 -1.28 26.81 -9.90
N LEU A 280 -1.05 27.25 -11.13
CA LEU A 280 0.20 27.88 -11.51
C LEU A 280 0.13 29.38 -11.19
N GLN A 281 1.18 29.89 -10.56
CA GLN A 281 1.30 31.31 -10.29
C GLN A 281 1.96 32.02 -11.47
N CYS A 282 1.42 33.19 -11.85
CA CYS A 282 1.83 33.87 -13.07
C CYS A 282 1.94 35.36 -12.87
N LYS A 283 2.79 35.96 -13.68
CA LYS A 283 2.86 37.41 -13.81
C LYS A 283 2.59 37.82 -15.26
N ILE A 284 1.85 38.91 -15.41
CA ILE A 284 1.67 39.56 -16.71
C ILE A 284 2.83 40.53 -16.88
N LYS A 285 3.71 40.24 -17.84
CA LYS A 285 4.93 41.03 -17.95
C LYS A 285 4.85 42.03 -19.10
N GLN A 286 5.64 43.09 -18.98
CA GLN A 286 5.69 44.13 -20.01
C GLN A 286 6.97 44.11 -20.83
N ILE A 287 8.06 43.59 -20.28
CA ILE A 287 9.30 43.38 -21.01
C ILE A 287 9.32 41.94 -21.46
N ILE A 288 9.37 41.72 -22.77
CA ILE A 288 9.23 40.40 -23.36
C ILE A 288 10.47 40.12 -24.19
N ASN A 289 11.08 38.96 -23.99
CA ASN A 289 12.10 38.49 -24.91
C ASN A 289 11.38 37.93 -26.13
N MET A 290 11.56 38.59 -27.27
CA MET A 290 10.78 38.26 -28.46
C MET A 290 11.15 36.86 -28.94
N TRP A 291 10.16 36.18 -29.50
CA TRP A 291 10.39 34.92 -30.20
C TRP A 291 10.62 35.13 -31.69
N GLN A 292 10.15 36.24 -32.25
CA GLN A 292 10.30 36.49 -33.67
C GLN A 292 11.75 36.69 -34.06
N GLU A 293 12.55 37.26 -33.17
CA GLU A 293 13.94 37.58 -33.44
C GLU A 293 14.63 37.83 -32.10
N VAL A 294 15.94 38.05 -32.14
CA VAL A 294 16.70 38.32 -30.93
C VAL A 294 16.50 39.79 -30.55
N GLY A 295 15.75 40.02 -29.49
CA GLY A 295 15.48 41.38 -29.06
C GLY A 295 14.40 41.38 -28.00
N ARG A 296 14.06 42.58 -27.53
CA ARG A 296 13.07 42.74 -26.48
C ARG A 296 11.96 43.68 -26.93
N ALA A 297 10.75 43.41 -26.44
CA ALA A 297 9.58 44.20 -26.77
C ALA A 297 8.95 44.72 -25.49
N ILE A 298 8.51 45.97 -25.51
CA ILE A 298 8.02 46.66 -24.33
C ILE A 298 6.61 47.16 -24.60
N TYR A 299 5.67 46.69 -23.79
CA TYR A 299 4.24 46.91 -23.93
C TYR A 299 3.70 47.69 -22.73
N ALA A 300 2.48 48.19 -22.89
CA ALA A 300 1.81 48.93 -21.84
C ALA A 300 1.34 47.98 -20.74
N PRO A 301 1.14 48.49 -19.52
CA PRO A 301 0.60 47.67 -18.43
C PRO A 301 -0.74 47.05 -18.81
N PRO A 302 -1.17 46.02 -18.10
CA PRO A 302 -2.34 45.26 -18.54
C PRO A 302 -3.64 46.05 -18.48
N ILE A 303 -4.63 45.55 -19.22
CA ILE A 303 -5.98 46.09 -19.28
C ILE A 303 -6.64 46.03 -17.90
N GLU A 304 -7.79 46.68 -17.76
CA GLU A 304 -8.64 46.54 -16.58
C GLU A 304 -9.64 45.41 -16.76
N GLY A 305 -9.92 44.69 -15.68
CA GLY A 305 -11.00 43.73 -15.63
C GLY A 305 -10.50 42.28 -15.59
N GLU A 306 -11.43 41.38 -15.85
CA GLU A 306 -11.16 39.95 -15.78
C GLU A 306 -10.49 39.50 -17.07
N ILE A 307 -9.20 39.18 -17.00
CA ILE A 307 -8.45 38.69 -18.16
C ILE A 307 -8.32 37.18 -18.02
N THR A 308 -9.09 36.42 -18.81
CA THR A 308 -9.10 34.96 -18.67
C THR A 308 -9.06 34.28 -20.03
N CYS A 309 -8.27 33.22 -20.11
CA CYS A 309 -8.32 32.28 -21.23
C CYS A 309 -8.58 30.88 -20.70
N ASN A 310 -9.63 30.24 -21.22
CA ASN A 310 -9.87 28.83 -20.99
C ASN A 310 -9.41 28.10 -22.24
N SER A 311 -8.31 27.35 -22.13
CA SER A 311 -7.70 26.70 -23.27
C SER A 311 -7.61 25.20 -23.04
N ASN A 312 -7.28 24.49 -24.11
CA ASN A 312 -7.09 23.04 -24.08
C ASN A 312 -5.61 22.74 -24.30
N ILE A 313 -4.97 22.12 -23.30
CA ILE A 313 -3.66 21.54 -23.51
C ILE A 313 -3.82 20.35 -24.45
N THR A 314 -3.19 20.45 -25.63
CA THR A 314 -3.21 19.40 -26.64
C THR A 314 -1.83 18.78 -26.90
N GLY A 315 -0.78 19.31 -26.28
CA GLY A 315 0.55 18.78 -26.52
C GLY A 315 1.55 19.37 -25.56
N LEU A 316 2.74 18.78 -25.56
CA LEU A 316 3.81 19.18 -24.67
C LEU A 316 5.11 19.35 -25.44
N LEU A 317 5.95 20.27 -24.96
CA LEU A 317 7.28 20.48 -25.49
C LEU A 317 8.29 20.10 -24.41
N LEU A 318 9.03 19.03 -24.64
CA LEU A 318 9.95 18.52 -23.64
C LEU A 318 11.38 18.50 -24.15
N LEU A 319 12.31 18.45 -23.20
CA LEU A 319 13.73 18.32 -23.44
C LEU A 319 14.28 17.32 -22.43
N ARG A 320 15.11 16.40 -22.91
CA ARG A 320 15.63 15.33 -22.07
C ARG A 320 17.01 15.69 -21.56
N ASP A 321 17.23 15.54 -20.25
CA ASP A 321 18.54 15.75 -19.68
C ASP A 321 19.51 14.69 -20.15
N ASP A 328 20.93 5.66 -14.72
CA ASP A 328 19.88 5.00 -13.96
C ASP A 328 18.49 5.46 -14.42
N THR A 329 18.35 6.72 -14.82
CA THR A 329 17.04 7.21 -15.26
C THR A 329 17.19 8.27 -16.36
N GLU A 330 16.03 8.71 -16.87
CA GLU A 330 15.93 9.78 -17.85
C GLU A 330 14.97 10.83 -17.32
N THR A 331 15.40 12.08 -17.28
CA THR A 331 14.58 13.18 -16.80
C THR A 331 14.12 14.05 -17.96
N PHE A 332 12.87 14.51 -17.90
CA PHE A 332 12.26 15.32 -18.94
C PHE A 332 11.76 16.63 -18.35
N ARG A 333 12.12 17.74 -18.99
CA ARG A 333 11.72 19.05 -18.53
C ARG A 333 11.01 19.81 -19.65
N PRO A 334 10.11 20.72 -19.30
CA PRO A 334 9.40 21.47 -20.35
C PRO A 334 10.35 22.36 -21.13
N GLY A 335 10.14 22.43 -22.44
CA GLY A 335 11.00 23.17 -23.33
C GLY A 335 10.21 24.15 -24.19
N GLY A 336 10.77 24.45 -25.36
CA GLY A 336 10.13 25.35 -26.29
C GLY A 336 10.93 26.61 -26.55
N GLY A 337 10.27 27.65 -27.07
CA GLY A 337 10.91 28.90 -27.41
C GLY A 337 11.05 29.12 -28.91
N ASP A 338 11.20 28.05 -29.68
CA ASP A 338 11.21 28.12 -31.14
C ASP A 338 9.83 27.69 -31.61
N MET A 339 8.94 28.67 -31.85
CA MET A 339 7.54 28.36 -32.18
C MET A 339 7.38 27.66 -33.52
N ARG A 340 8.48 27.49 -34.27
CA ARG A 340 8.44 26.59 -35.40
C ARG A 340 8.03 25.19 -34.96
N ASP A 341 8.41 24.77 -33.75
CA ASP A 341 7.93 23.49 -33.24
C ASP A 341 6.42 23.52 -33.01
N ASN A 342 5.90 24.66 -32.55
CA ASN A 342 4.45 24.81 -32.43
C ASN A 342 3.77 24.58 -33.78
N TRP A 343 4.34 25.14 -34.86
CA TRP A 343 3.73 24.92 -36.17
C TRP A 343 3.92 23.48 -36.65
N ARG A 344 5.09 22.89 -36.39
CA ARG A 344 5.34 21.51 -36.80
C ARG A 344 4.37 20.55 -36.15
N SER A 345 3.94 20.85 -34.93
CA SER A 345 2.98 19.96 -34.26
C SER A 345 1.68 19.83 -35.04
N GLU A 346 1.38 20.77 -35.95
CA GLU A 346 0.18 20.68 -36.77
C GLU A 346 0.47 20.44 -38.24
N LEU A 347 1.66 20.79 -38.73
CA LEU A 347 1.99 20.65 -40.14
C LEU A 347 2.69 19.33 -40.47
N TYR A 348 2.76 18.39 -39.53
CA TYR A 348 3.59 17.19 -39.73
C TYR A 348 2.99 16.25 -40.77
N LYS A 349 1.65 16.20 -40.91
CA LYS A 349 1.08 15.29 -41.89
C LYS A 349 1.25 15.77 -43.32
N TYR A 350 1.67 17.01 -43.54
CA TYR A 350 1.61 17.63 -44.85
C TYR A 350 2.97 17.66 -45.54
N LYS A 351 2.89 17.78 -46.88
CA LYS A 351 4.08 17.82 -47.74
C LYS A 351 3.66 18.48 -49.04
N VAL A 352 4.20 19.66 -49.33
CA VAL A 352 3.86 20.35 -50.58
C VAL A 352 4.56 19.65 -51.73
N VAL A 353 3.81 19.34 -52.79
CA VAL A 353 4.33 18.59 -53.93
C VAL A 353 4.00 19.33 -55.22
N GLU A 354 4.75 19.02 -56.27
CA GLU A 354 4.51 19.53 -57.61
C GLU A 354 3.72 18.51 -58.40
N LYS B 6 5.95 3.58 45.12
CA LYS B 6 5.59 2.54 44.17
C LYS B 6 4.80 1.42 44.85
N THR B 7 3.75 0.96 44.17
CA THR B 7 2.87 -0.06 44.72
C THR B 7 2.48 -1.02 43.59
N THR B 8 1.76 -2.08 43.94
CA THR B 8 1.28 -3.04 42.98
C THR B 8 -0.13 -2.64 42.55
N LEU B 9 -0.28 -2.27 41.28
CA LEU B 9 -1.56 -1.86 40.73
C LEU B 9 -2.35 -3.10 40.27
N PHE B 10 -3.67 -2.96 40.22
CA PHE B 10 -4.53 -4.02 39.73
C PHE B 10 -5.43 -3.50 38.62
N CYS B 11 -5.78 -4.38 37.69
CA CYS B 11 -6.58 -3.96 36.54
C CYS B 11 -8.07 -4.21 36.77
N ALA B 12 -8.88 -3.46 36.03
CA ALA B 12 -10.33 -3.52 36.08
C ALA B 12 -10.85 -3.47 34.66
N SER B 13 -11.72 -4.41 34.31
CA SER B 13 -12.19 -4.53 32.94
C SER B 13 -13.66 -4.89 32.94
N ASP B 14 -14.32 -4.56 31.83
CA ASP B 14 -15.68 -5.02 31.58
C ASP B 14 -15.70 -6.36 30.84
N ALA B 15 -14.67 -7.19 31.01
CA ALA B 15 -14.61 -8.45 30.29
C ALA B 15 -15.79 -9.34 30.66
N LYS B 16 -16.23 -10.14 29.70
CA LYS B 16 -17.36 -11.04 29.86
C LYS B 16 -16.89 -12.47 30.10
N ALA B 17 -17.53 -13.16 31.03
CA ALA B 17 -17.12 -14.53 31.35
C ALA B 17 -17.38 -15.48 30.20
N TYR B 18 -18.38 -15.19 29.37
CA TYR B 18 -18.81 -16.08 28.31
C TYR B 18 -18.05 -15.91 27.00
N GLU B 19 -17.20 -14.89 26.89
CA GLU B 19 -16.54 -14.61 25.62
C GLU B 19 -15.29 -15.47 25.47
N LYS B 20 -15.15 -16.10 24.30
CA LYS B 20 -13.95 -16.89 24.01
C LYS B 20 -12.79 -16.03 23.55
N GLU B 21 -13.02 -14.75 23.24
CA GLU B 21 -11.93 -13.84 22.93
C GLU B 21 -10.94 -13.79 24.10
N VAL B 22 -9.66 -13.82 23.77
CA VAL B 22 -8.64 -14.12 24.77
C VAL B 22 -8.40 -12.96 25.74
N HIS B 23 -8.59 -11.71 25.31
CA HIS B 23 -8.49 -10.60 26.25
C HIS B 23 -9.52 -10.76 27.36
N ASN B 24 -10.75 -11.13 26.99
CA ASN B 24 -11.81 -11.36 27.99
C ASN B 24 -11.42 -12.50 28.93
N VAL B 25 -10.87 -13.58 28.38
CA VAL B 25 -10.49 -14.72 29.21
C VAL B 25 -9.45 -14.31 30.24
N TRP B 26 -8.36 -13.69 29.79
CA TRP B 26 -7.32 -13.26 30.71
C TRP B 26 -7.86 -12.28 31.74
N ALA B 27 -8.78 -11.40 31.33
CA ALA B 27 -9.23 -10.35 32.26
C ALA B 27 -10.19 -10.89 33.32
N THR B 28 -11.00 -11.89 32.97
CA THR B 28 -11.90 -12.45 33.99
C THR B 28 -11.11 -13.14 35.10
N HIS B 29 -9.91 -13.62 34.80
CA HIS B 29 -9.07 -14.30 35.77
C HIS B 29 -8.02 -13.40 36.39
N ALA B 30 -7.76 -12.23 35.81
CA ALA B 30 -6.68 -11.37 36.26
C ALA B 30 -7.12 -9.98 36.69
N CYS B 31 -8.30 -9.53 36.28
CA CYS B 31 -8.79 -8.21 36.60
C CYS B 31 -10.14 -8.30 37.28
N VAL B 32 -10.51 -7.21 37.96
CA VAL B 32 -11.79 -7.11 38.66
C VAL B 32 -12.80 -6.42 37.76
N PRO B 33 -14.09 -6.51 38.05
CA PRO B 33 -15.06 -5.72 37.28
C PRO B 33 -14.89 -4.23 37.51
N THR B 34 -15.11 -3.44 36.46
CA THR B 34 -14.98 -2.00 36.58
C THR B 34 -16.01 -1.45 37.56
N ASP B 35 -15.57 -0.50 38.38
CA ASP B 35 -16.46 0.20 39.30
C ASP B 35 -17.50 0.95 38.50
N PRO B 36 -18.81 0.73 38.73
CA PRO B 36 -19.83 1.45 37.97
C PRO B 36 -20.17 2.83 38.50
N ASN B 37 -19.62 3.26 39.64
CA ASN B 37 -19.74 4.64 40.10
C ASN B 37 -18.33 5.16 40.42
N PRO B 38 -17.58 5.58 39.40
CA PRO B 38 -16.26 6.15 39.66
C PRO B 38 -16.39 7.49 40.36
N GLN B 39 -15.39 7.79 41.19
CA GLN B 39 -15.34 9.06 41.93
C GLN B 39 -14.04 9.77 41.61
N GLU B 40 -14.15 11.00 41.12
CA GLU B 40 -13.00 11.83 40.78
C GLU B 40 -13.09 13.15 41.53
N MET B 41 -11.97 13.60 42.08
CA MET B 41 -11.93 14.82 42.89
C MET B 41 -10.92 15.79 42.28
N VAL B 42 -11.40 16.97 41.89
CA VAL B 42 -10.59 17.97 41.19
C VAL B 42 -9.83 18.83 42.19
N LEU B 43 -8.56 19.12 41.90
CA LEU B 43 -7.72 19.98 42.75
C LEU B 43 -7.02 21.01 41.85
N ALA B 44 -7.78 22.00 41.39
CA ALA B 44 -7.21 23.03 40.50
C ALA B 44 -6.19 23.90 41.23
N ASN B 45 -6.32 24.06 42.55
CA ASN B 45 -5.31 24.76 43.33
C ASN B 45 -3.96 24.05 43.22
N VAL B 46 -3.96 22.72 43.32
CA VAL B 46 -2.75 21.94 43.47
C VAL B 46 -2.04 21.79 42.12
N THR B 47 -0.71 21.81 42.17
CA THR B 47 0.15 21.60 41.01
C THR B 47 1.12 20.48 41.32
N GLU B 48 1.24 19.52 40.41
CA GLU B 48 2.10 18.36 40.62
C GLU B 48 3.00 18.13 39.41
N ASN B 49 4.08 17.40 39.64
CA ASN B 49 5.06 17.11 38.61
C ASN B 49 4.84 15.70 38.06
N PHE B 50 4.79 15.59 36.73
CA PHE B 50 4.65 14.31 36.07
C PHE B 50 5.84 14.06 35.16
N ASN B 51 6.20 12.79 35.01
CA ASN B 51 7.17 12.38 34.00
C ASN B 51 6.67 11.08 33.39
N MET B 52 6.09 11.18 32.19
CA MET B 52 5.58 10.01 31.49
C MET B 52 6.68 9.02 31.12
N TRP B 53 7.95 9.42 31.16
CA TRP B 53 9.04 8.59 30.69
C TRP B 53 9.70 7.77 31.79
N LYS B 54 9.40 8.06 33.05
CA LYS B 54 9.85 7.24 34.18
C LYS B 54 8.65 6.94 35.08
N ASN B 55 7.68 6.22 34.52
CA ASN B 55 6.39 5.95 35.15
C ASN B 55 6.25 4.44 35.34
N ASP B 56 6.27 3.99 36.59
CA ASP B 56 6.20 2.56 36.89
C ASP B 56 4.89 1.94 36.40
N MET B 57 3.85 2.74 36.24
CA MET B 57 2.61 2.23 35.66
C MET B 57 2.87 1.58 34.32
N VAL B 58 3.75 2.18 33.53
CA VAL B 58 4.05 1.63 32.21
C VAL B 58 4.69 0.25 32.34
N GLU B 59 5.63 0.09 33.28
CA GLU B 59 6.26 -1.20 33.47
C GLU B 59 5.24 -2.25 33.90
N GLN B 60 4.33 -1.88 34.80
CA GLN B 60 3.32 -2.82 35.26
C GLN B 60 2.40 -3.24 34.12
N MET B 61 1.94 -2.28 33.32
CA MET B 61 1.11 -2.63 32.17
C MET B 61 1.88 -3.47 31.17
N HIS B 62 3.18 -3.20 31.00
CA HIS B 62 4.00 -3.99 30.08
C HIS B 62 4.04 -5.45 30.51
N GLU B 63 4.31 -5.69 31.80
CA GLU B 63 4.34 -7.07 32.27
C GLU B 63 2.99 -7.73 32.15
N ASP B 64 1.91 -6.99 32.43
CA ASP B 64 0.57 -7.57 32.30
C ASP B 64 0.29 -7.98 30.86
N ILE B 65 0.67 -7.14 29.89
CA ILE B 65 0.38 -7.47 28.50
C ILE B 65 1.28 -8.59 28.00
N ILE B 66 2.52 -8.68 28.51
CA ILE B 66 3.37 -9.82 28.19
C ILE B 66 2.73 -11.10 28.70
N SER B 67 2.18 -11.07 29.92
CA SER B 67 1.51 -12.25 30.45
C SER B 67 0.30 -12.61 29.60
N LEU B 68 -0.47 -11.60 29.18
CA LEU B 68 -1.65 -11.83 28.36
C LEU B 68 -1.27 -12.51 27.04
N TRP B 69 -0.29 -11.94 26.33
CA TRP B 69 0.14 -12.54 25.08
C TRP B 69 0.74 -13.92 25.26
N ASP B 70 1.42 -14.15 26.39
CA ASP B 70 2.04 -15.45 26.64
C ASP B 70 0.98 -16.52 26.89
N GLU B 71 -0.08 -16.18 27.62
CA GLU B 71 -1.14 -17.15 27.89
C GLU B 71 -2.14 -17.27 26.76
N SER B 72 -2.16 -16.33 25.82
CA SER B 72 -3.18 -16.32 24.77
C SER B 72 -2.63 -16.63 23.38
N LEU B 73 -1.62 -15.89 22.92
CA LEU B 73 -1.07 -16.09 21.57
C LEU B 73 0.14 -17.02 21.62
N LYS B 74 -0.13 -18.26 21.99
CA LYS B 74 0.90 -19.27 22.04
C LYS B 74 1.38 -19.57 20.61
N PRO B 75 2.66 -19.39 20.31
CA PRO B 75 3.17 -19.77 18.99
C PRO B 75 3.40 -21.27 18.90
N CYS B 76 3.26 -21.80 17.68
CA CYS B 76 3.62 -23.18 17.43
C CYS B 76 5.05 -23.45 17.85
N VAL B 77 5.98 -22.63 17.39
CA VAL B 77 7.37 -22.73 17.82
C VAL B 77 7.78 -21.41 18.42
N LYS B 78 8.60 -21.45 19.46
CA LYS B 78 9.21 -20.25 20.03
C LYS B 78 10.70 -20.53 20.17
N LEU B 79 11.51 -19.78 19.44
CA LEU B 79 12.94 -20.00 19.36
C LEU B 79 13.66 -18.90 20.12
N THR B 80 14.39 -19.29 21.15
CA THR B 80 15.24 -18.39 21.92
C THR B 80 16.65 -18.96 21.87
N GLY B 81 17.52 -18.31 21.09
CA GLY B 81 18.91 -18.69 20.95
C GLY B 81 19.20 -20.17 20.93
N GLY B 82 18.80 -20.84 19.85
CA GLY B 82 19.07 -22.27 19.73
C GLY B 82 18.12 -23.18 20.49
N SER B 83 17.32 -22.66 21.41
CA SER B 83 16.37 -23.48 22.17
C SER B 83 14.96 -23.19 21.69
N ALA B 84 14.31 -24.19 21.10
CA ALA B 84 12.97 -24.07 20.56
C ALA B 84 11.97 -24.81 21.42
N ILE B 85 10.89 -24.13 21.81
CA ILE B 85 9.78 -24.69 22.56
C ILE B 85 8.59 -24.82 21.63
N THR B 86 8.04 -26.03 21.50
CA THR B 86 6.88 -26.25 20.66
C THR B 86 5.66 -26.56 21.51
N GLN B 87 4.52 -25.99 21.16
CA GLN B 87 3.27 -26.16 21.90
C GLN B 87 2.11 -26.24 20.92
N ALA B 88 0.91 -26.34 21.47
CA ALA B 88 -0.30 -26.22 20.66
C ALA B 88 -0.55 -24.75 20.38
N CYS B 89 -0.86 -24.43 19.13
CA CYS B 89 -1.03 -23.05 18.66
C CYS B 89 -2.35 -22.93 17.92
N PRO B 90 -3.47 -23.09 18.61
CA PRO B 90 -4.76 -22.99 17.93
C PRO B 90 -5.03 -21.55 17.51
N LYS B 91 -5.78 -21.41 16.42
CA LYS B 91 -6.30 -20.11 16.03
C LYS B 91 -7.35 -19.67 17.05
N VAL B 92 -7.26 -18.42 17.49
CA VAL B 92 -8.11 -17.92 18.56
C VAL B 92 -8.88 -16.70 18.04
N SER B 93 -9.78 -16.22 18.88
CA SER B 93 -10.53 -14.99 18.65
C SER B 93 -9.82 -13.86 19.37
N PHE B 94 -9.47 -12.79 18.64
CA PHE B 94 -8.54 -11.78 19.12
C PHE B 94 -9.05 -10.39 18.76
N ASP B 95 -9.55 -9.67 19.77
CA ASP B 95 -10.00 -8.30 19.62
C ASP B 95 -9.78 -7.57 20.94
N PRO B 96 -8.80 -6.67 21.02
CA PRO B 96 -8.44 -6.07 22.32
C PRO B 96 -9.60 -5.33 22.96
N ILE B 97 -9.62 -5.36 24.28
CA ILE B 97 -10.67 -4.70 25.07
C ILE B 97 -9.98 -3.69 25.98
N PRO B 98 -10.72 -2.71 26.50
CA PRO B 98 -10.10 -1.71 27.36
C PRO B 98 -9.73 -2.28 28.72
N LEU B 99 -8.64 -1.77 29.28
CA LEU B 99 -8.20 -2.12 30.62
C LEU B 99 -8.01 -0.83 31.41
N HIS B 100 -8.53 -0.81 32.63
CA HIS B 100 -8.33 0.30 33.56
C HIS B 100 -7.32 -0.13 34.61
N TYR B 101 -6.41 0.77 34.96
CA TYR B 101 -5.40 0.45 35.97
C TYR B 101 -5.71 1.23 37.24
N CYS B 102 -5.70 0.51 38.37
CA CYS B 102 -6.26 0.99 39.62
C CYS B 102 -5.28 0.78 40.76
N ALA B 103 -5.25 1.76 41.69
CA ALA B 103 -4.39 1.69 42.87
C ALA B 103 -5.18 1.17 44.06
N PRO B 104 -4.53 0.41 44.93
CA PRO B 104 -5.21 -0.16 46.10
C PRO B 104 -5.43 0.91 47.18
N ALA B 105 -5.94 0.47 48.32
CA ALA B 105 -6.19 1.37 49.44
C ALA B 105 -4.87 1.96 49.94
N GLY B 106 -4.93 3.22 50.37
CA GLY B 106 -3.72 3.93 50.73
C GLY B 106 -2.98 4.54 49.56
N PHE B 107 -3.46 4.35 48.33
CA PHE B 107 -2.87 4.94 47.15
C PHE B 107 -3.97 5.49 46.26
N ALA B 108 -3.65 6.56 45.53
CA ALA B 108 -4.54 7.14 44.54
C ALA B 108 -3.77 7.32 43.25
N ILE B 109 -4.49 7.69 42.18
CA ILE B 109 -3.88 8.01 40.90
C ILE B 109 -4.19 9.46 40.59
N LEU B 110 -3.13 10.27 40.48
CA LEU B 110 -3.29 11.65 40.07
C LEU B 110 -3.35 11.72 38.56
N LYS B 111 -4.37 12.41 38.06
CA LYS B 111 -4.65 12.57 36.63
C LYS B 111 -4.60 14.05 36.30
N CYS B 112 -3.74 14.42 35.36
CA CYS B 112 -3.53 15.83 35.01
C CYS B 112 -4.48 16.22 33.87
N ASN B 113 -5.33 17.21 34.12
CA ASN B 113 -6.34 17.63 33.16
C ASN B 113 -5.90 18.81 32.31
N ASN B 114 -4.61 19.11 32.26
CA ASN B 114 -4.10 20.15 31.36
C ASN B 114 -4.18 19.64 29.94
N LYS B 115 -5.14 20.15 29.17
CA LYS B 115 -5.31 19.73 27.78
C LYS B 115 -4.08 20.01 26.93
N THR B 116 -3.11 20.75 27.45
CA THR B 116 -1.89 21.10 26.72
C THR B 116 -0.68 20.28 27.16
N PHE B 117 -0.82 19.47 28.21
CA PHE B 117 0.34 18.85 28.84
C PHE B 117 1.05 17.89 27.89
N ASN B 118 2.38 17.96 27.91
CA ASN B 118 3.20 17.14 27.02
C ASN B 118 3.77 15.90 27.71
N GLY B 119 3.42 15.67 28.97
CA GLY B 119 3.84 14.50 29.70
C GLY B 119 4.96 14.74 30.70
N THR B 120 5.65 15.86 30.61
CA THR B 120 6.78 16.15 31.49
C THR B 120 6.63 17.54 32.10
N GLY B 121 6.85 17.62 33.41
CA GLY B 121 6.94 18.89 34.08
C GLY B 121 5.77 19.16 35.01
N PRO B 122 5.50 20.45 35.26
CA PRO B 122 4.42 20.81 36.16
C PRO B 122 3.06 20.88 35.46
N CYS B 123 2.06 20.25 36.06
CA CYS B 123 0.67 20.37 35.65
C CYS B 123 -0.12 20.92 36.82
N ARG B 124 -0.93 21.94 36.55
CA ARG B 124 -1.56 22.70 37.61
C ARG B 124 -3.06 22.48 37.76
N ASN B 125 -3.71 21.82 36.80
CA ASN B 125 -5.09 21.36 36.99
C ASN B 125 -5.03 19.85 37.18
N VAL B 126 -5.09 19.41 38.44
CA VAL B 126 -4.89 18.01 38.80
C VAL B 126 -6.23 17.43 39.25
N SER B 127 -6.30 16.11 39.26
CA SER B 127 -7.46 15.40 39.76
C SER B 127 -7.01 14.10 40.42
N THR B 128 -7.91 13.55 41.23
CA THR B 128 -7.68 12.31 41.97
C THR B 128 -8.69 11.29 41.51
N VAL B 129 -8.21 10.11 41.13
CA VAL B 129 -9.05 9.00 40.69
C VAL B 129 -8.54 7.71 41.32
N GLN B 130 -9.37 6.67 41.20
CA GLN B 130 -9.00 5.34 41.66
C GLN B 130 -8.61 4.39 40.53
N CYS B 131 -9.00 4.70 39.30
CA CYS B 131 -8.56 3.95 38.13
C CYS B 131 -8.34 4.93 36.99
N THR B 132 -7.57 4.49 36.00
CA THR B 132 -7.43 5.23 34.75
C THR B 132 -8.58 4.89 33.82
N HIS B 133 -8.64 5.56 32.68
CA HIS B 133 -9.65 5.28 31.67
C HIS B 133 -9.35 3.94 30.99
N GLY B 134 -10.25 3.55 30.09
CA GLY B 134 -10.12 2.28 29.40
C GLY B 134 -9.04 2.35 28.36
N ILE B 135 -8.02 1.48 28.46
CA ILE B 135 -6.87 1.49 27.59
C ILE B 135 -6.83 0.16 26.83
N LYS B 136 -6.91 0.22 25.52
CA LYS B 136 -6.80 -0.98 24.69
C LYS B 136 -5.33 -1.32 24.48
N PRO B 137 -4.84 -2.46 24.96
CA PRO B 137 -3.42 -2.78 24.79
C PRO B 137 -3.08 -3.18 23.36
N VAL B 138 -3.00 -2.21 22.46
CA VAL B 138 -2.78 -2.50 21.05
C VAL B 138 -1.28 -2.54 20.77
N VAL B 139 -0.80 -3.67 20.28
CA VAL B 139 0.61 -3.89 19.99
C VAL B 139 0.85 -3.51 18.53
N SER B 140 1.60 -2.44 18.29
CA SER B 140 1.82 -1.97 16.93
C SER B 140 3.07 -1.10 16.88
N THR B 141 3.61 -0.95 15.67
CA THR B 141 4.73 -0.07 15.41
C THR B 141 4.29 1.07 14.49
N GLN B 142 5.03 2.17 14.55
CA GLN B 142 4.88 3.32 13.66
C GLN B 142 3.59 4.09 13.92
N LEU B 143 2.43 3.44 13.80
CA LEU B 143 1.16 4.08 14.05
C LEU B 143 0.57 3.56 15.35
N LEU B 144 0.00 4.48 16.14
CA LEU B 144 -0.72 4.10 17.34
C LEU B 144 -2.20 3.98 16.99
N LEU B 145 -2.74 2.78 17.15
CA LEU B 145 -4.10 2.46 16.76
C LEU B 145 -5.04 2.47 17.95
N ASN B 146 -6.28 2.87 17.69
CA ASN B 146 -7.39 2.67 18.62
C ASN B 146 -7.15 3.32 19.97
N GLY B 147 -6.35 4.38 20.01
CA GLY B 147 -6.08 5.11 21.23
C GLY B 147 -7.11 6.19 21.48
N SER B 148 -6.76 7.11 22.39
CA SER B 148 -7.60 8.24 22.74
C SER B 148 -6.98 9.53 22.22
N LEU B 149 -7.82 10.41 21.67
CA LEU B 149 -7.35 11.60 20.99
C LEU B 149 -7.05 12.72 21.98
N ALA B 150 -6.18 13.63 21.55
CA ALA B 150 -5.95 14.85 22.31
C ALA B 150 -7.15 15.78 22.18
N GLU B 151 -7.49 16.47 23.28
CA GLU B 151 -8.73 17.22 23.31
C GLU B 151 -8.63 18.54 22.54
N GLU B 152 -7.48 19.23 22.61
CA GLU B 152 -7.32 20.53 21.99
C GLU B 152 -6.35 20.41 20.83
N GLU B 153 -5.11 20.83 20.98
CA GLU B 153 -4.14 20.80 19.89
C GLU B 153 -3.36 19.49 19.89
N ILE B 154 -2.75 19.19 18.74
CA ILE B 154 -1.83 18.05 18.64
C ILE B 154 -0.69 18.25 19.63
N ILE B 155 -0.28 17.17 20.29
CA ILE B 155 0.76 17.23 21.30
C ILE B 155 1.97 16.45 20.82
N ILE B 156 3.15 17.03 21.02
CA ILE B 156 4.41 16.37 20.69
C ILE B 156 5.07 16.02 22.02
N ARG B 157 5.32 14.73 22.23
CA ARG B 157 5.95 14.25 23.46
C ARG B 157 7.29 13.63 23.11
N SER B 158 8.28 13.88 23.97
CA SER B 158 9.57 13.23 23.83
C SER B 158 10.32 13.36 25.14
N GLU B 159 11.09 12.32 25.47
CA GLU B 159 11.95 12.39 26.65
C GLU B 159 12.97 13.51 26.50
N ASN B 160 13.45 13.73 25.28
CA ASN B 160 14.54 14.68 25.06
C ASN B 160 14.61 14.95 23.55
N LEU B 161 13.89 15.99 23.11
CA LEU B 161 13.78 16.27 21.68
C LEU B 161 15.14 16.46 21.04
N THR B 162 16.12 16.99 21.79
CA THR B 162 17.45 17.20 21.25
C THR B 162 18.21 15.90 21.03
N ASN B 163 17.73 14.80 21.61
CA ASN B 163 18.33 13.48 21.43
C ASN B 163 17.56 12.74 20.35
N ASN B 164 18.18 12.61 19.16
CA ASN B 164 17.50 11.98 18.03
C ASN B 164 17.22 10.51 18.28
N ALA B 165 17.88 9.90 19.26
CA ALA B 165 17.61 8.51 19.59
C ALA B 165 16.32 8.34 20.37
N LYS B 166 15.79 9.40 20.98
CA LYS B 166 14.60 9.30 21.80
C LYS B 166 13.37 9.32 20.90
N THR B 167 12.48 8.35 21.11
CA THR B 167 11.28 8.24 20.30
C THR B 167 10.35 9.41 20.55
N ILE B 168 9.81 9.97 19.47
CA ILE B 168 8.83 11.04 19.54
C ILE B 168 7.45 10.43 19.41
N ILE B 169 6.54 10.83 20.30
CA ILE B 169 5.14 10.41 20.25
C ILE B 169 4.32 11.61 19.81
N VAL B 170 3.68 11.49 18.65
CA VAL B 170 2.77 12.50 18.14
C VAL B 170 1.37 12.07 18.54
N HIS B 171 0.68 12.93 19.29
CA HIS B 171 -0.66 12.67 19.78
C HIS B 171 -1.63 13.55 19.00
N LEU B 172 -2.47 12.92 18.18
CA LEU B 172 -3.37 13.61 17.28
C LEU B 172 -4.67 13.99 17.98
N ASN B 173 -5.31 15.05 17.48
CA ASN B 173 -6.60 15.49 17.98
C ASN B 173 -7.77 15.02 17.12
N GLU B 174 -7.51 14.43 15.95
CA GLU B 174 -8.55 13.88 15.10
C GLU B 174 -8.02 12.60 14.47
N SER B 175 -8.84 11.56 14.49
CA SER B 175 -8.38 10.23 14.09
C SER B 175 -8.40 10.07 12.58
N VAL B 176 -7.50 9.23 12.07
CA VAL B 176 -7.44 8.90 10.66
C VAL B 176 -7.85 7.44 10.49
N ASN B 177 -8.87 7.19 9.68
CA ASN B 177 -9.39 5.83 9.52
C ASN B 177 -8.47 5.03 8.59
N ILE B 178 -8.01 3.87 9.06
CA ILE B 178 -7.22 2.95 8.26
C ILE B 178 -7.94 1.61 8.21
N VAL B 179 -8.12 1.07 7.01
CA VAL B 179 -8.83 -0.20 6.85
C VAL B 179 -7.86 -1.20 6.25
N CYS B 180 -7.52 -2.25 7.00
CA CYS B 180 -6.59 -3.26 6.51
C CYS B 180 -7.35 -4.57 6.28
N THR B 181 -6.97 -5.29 5.22
CA THR B 181 -7.73 -6.45 4.79
C THR B 181 -6.85 -7.41 4.01
N ARG B 182 -6.89 -8.68 4.42
CA ARG B 182 -6.59 -9.83 3.58
C ARG B 182 -7.91 -10.30 2.98
N PRO B 183 -8.16 -10.00 1.72
CA PRO B 183 -9.45 -10.36 1.12
C PRO B 183 -9.58 -11.87 0.94
N ASN B 184 -10.82 -12.29 0.72
CA ASN B 184 -11.13 -13.71 0.54
C ASN B 184 -10.57 -14.25 -0.76
N ASN B 193 -1.98 -15.63 -3.58
CA ASN B 193 -1.28 -15.67 -2.30
C ASN B 193 -2.23 -15.36 -1.15
N ILE B 194 -2.30 -16.29 -0.21
CA ILE B 194 -3.15 -16.12 0.98
C ILE B 194 -2.50 -15.22 2.01
N ARG B 195 -1.25 -14.81 1.80
CA ARG B 195 -0.53 -13.94 2.71
C ARG B 195 -0.45 -12.50 2.21
N GLN B 196 -1.16 -12.17 1.14
CA GLN B 196 -1.16 -10.82 0.58
C GLN B 196 -2.37 -10.05 1.08
N ALA B 197 -2.13 -8.80 1.50
CA ALA B 197 -3.17 -7.95 2.06
C ALA B 197 -2.82 -6.51 1.77
N HIS B 198 -3.72 -5.61 2.14
CA HIS B 198 -3.48 -4.20 1.87
C HIS B 198 -4.29 -3.34 2.83
N CYS B 199 -3.82 -2.10 2.99
CA CYS B 199 -4.45 -1.12 3.87
C CYS B 199 -4.78 0.14 3.07
N ASN B 200 -5.99 0.64 3.25
CA ASN B 200 -6.45 1.84 2.57
C ASN B 200 -6.64 2.96 3.59
N ILE B 201 -6.09 4.14 3.24
CA ILE B 201 -6.21 5.35 4.03
C ILE B 201 -6.65 6.47 3.08
N ASN B 202 -7.56 7.32 3.52
CA ASN B 202 -8.05 8.40 2.67
C ASN B 202 -7.00 9.50 2.61
N GLU B 203 -6.57 9.85 1.39
CA GLU B 203 -5.39 10.71 1.24
C GLU B 203 -5.62 12.12 1.77
N SER B 204 -6.85 12.62 1.74
CA SER B 204 -7.09 13.98 2.22
C SER B 204 -6.94 14.08 3.73
N LYS B 205 -7.41 13.06 4.46
CA LYS B 205 -7.26 13.05 5.92
C LYS B 205 -5.80 12.99 6.32
N TRP B 206 -5.05 12.08 5.70
CA TRP B 206 -3.60 12.02 5.95
C TRP B 206 -2.92 13.32 5.53
N ASN B 207 -3.40 13.96 4.45
CA ASN B 207 -2.88 15.25 4.02
C ASN B 207 -2.97 16.27 5.14
N ASN B 208 -4.19 16.53 5.62
CA ASN B 208 -4.39 17.52 6.68
C ASN B 208 -3.61 17.14 7.93
N THR B 209 -3.60 15.85 8.27
CA THR B 209 -2.95 15.41 9.50
C THR B 209 -1.46 15.71 9.46
N LEU B 210 -0.77 15.27 8.40
CA LEU B 210 0.65 15.53 8.33
C LEU B 210 0.95 17.00 8.13
N GLN B 211 0.03 17.74 7.50
CA GLN B 211 0.14 19.20 7.46
C GLN B 211 0.32 19.76 8.87
N LYS B 212 -0.64 19.48 9.75
CA LYS B 212 -0.57 20.13 11.05
C LYS B 212 0.42 19.45 12.01
N VAL B 213 0.78 18.19 11.77
CA VAL B 213 1.88 17.60 12.51
C VAL B 213 3.18 18.30 12.14
N GLY B 214 3.37 18.61 10.84
CA GLY B 214 4.51 19.40 10.43
C GLY B 214 4.51 20.78 11.05
N GLU B 215 3.34 21.42 11.13
CA GLU B 215 3.24 22.69 11.84
C GLU B 215 3.76 22.58 13.27
N GLU B 216 3.23 21.62 14.03
CA GLU B 216 3.60 21.49 15.43
C GLU B 216 5.07 21.12 15.60
N LEU B 217 5.61 20.33 14.68
CA LEU B 217 7.04 20.02 14.74
C LEU B 217 7.89 21.22 14.40
N ALA B 218 7.45 22.02 13.42
CA ALA B 218 8.16 23.23 13.05
C ALA B 218 8.28 24.17 14.24
N LYS B 219 7.22 24.22 15.07
CA LYS B 219 7.32 25.02 16.29
C LYS B 219 8.53 24.61 17.12
N HIS B 220 8.86 23.31 17.16
CA HIS B 220 9.97 22.83 17.97
C HIS B 220 11.32 22.91 17.26
N PHE B 221 11.33 23.04 15.95
CA PHE B 221 12.56 23.23 15.17
C PHE B 221 12.33 24.43 14.24
N PRO B 222 12.34 25.65 14.78
CA PRO B 222 11.82 26.79 14.03
C PRO B 222 12.71 27.31 12.92
N SER B 223 14.39 28.03 9.95
CA SER B 223 14.06 27.20 8.80
C SER B 223 13.92 25.74 9.23
N LYS B 224 14.88 24.90 8.85
CA LYS B 224 14.75 23.47 9.04
C LYS B 224 13.44 23.01 8.43
N THR B 225 13.42 22.78 7.13
CA THR B 225 12.23 22.22 6.50
C THR B 225 11.96 20.83 7.08
N ILE B 226 10.68 20.53 7.32
CA ILE B 226 10.30 19.27 7.94
C ILE B 226 10.08 18.25 6.83
N LYS B 227 10.62 17.04 7.00
CA LYS B 227 10.47 16.02 5.97
C LYS B 227 10.09 14.70 6.59
N PHE B 228 9.14 14.01 5.97
CA PHE B 228 8.67 12.70 6.39
C PHE B 228 9.13 11.67 5.37
N GLU B 229 9.87 10.66 5.82
CA GLU B 229 10.45 9.64 4.96
C GLU B 229 10.28 8.28 5.63
N PRO B 230 10.34 7.19 4.86
CA PRO B 230 10.15 5.86 5.43
C PRO B 230 11.29 5.46 6.35
N SER B 231 11.09 4.34 7.04
CA SER B 231 12.04 3.90 8.05
C SER B 231 13.39 3.58 7.40
N SER B 232 14.46 4.12 7.99
CA SER B 232 15.80 3.90 7.46
C SER B 232 16.11 2.41 7.36
N GLY B 233 16.04 1.71 8.49
CA GLY B 233 16.41 0.30 8.46
C GLY B 233 16.09 -0.39 9.77
N GLY B 234 16.40 -1.67 9.81
CA GLY B 234 16.18 -2.51 10.96
C GLY B 234 15.29 -3.69 10.62
N ASP B 235 14.79 -4.33 11.67
CA ASP B 235 13.94 -5.51 11.51
C ASP B 235 12.60 -5.13 10.89
N LEU B 236 11.99 -6.10 10.21
CA LEU B 236 10.77 -5.84 9.46
C LEU B 236 9.63 -5.37 10.36
N GLU B 237 9.64 -5.77 11.63
CA GLU B 237 8.57 -5.34 12.53
C GLU B 237 8.57 -3.84 12.72
N ILE B 238 9.74 -3.21 12.68
CA ILE B 238 9.82 -1.76 12.90
C ILE B 238 9.94 -0.98 11.59
N THR B 239 10.44 -1.58 10.52
CA THR B 239 10.53 -0.87 9.25
C THR B 239 9.18 -0.77 8.54
N THR B 240 8.19 -1.55 8.97
CA THR B 240 6.84 -1.47 8.43
C THR B 240 5.88 -1.13 9.57
N HIS B 241 4.68 -0.73 9.21
CA HIS B 241 3.60 -0.65 10.19
C HIS B 241 3.12 -2.07 10.45
N SER B 242 3.49 -2.63 11.58
CA SER B 242 3.14 -3.99 11.92
C SER B 242 2.13 -3.99 13.05
N PHE B 243 1.18 -4.90 12.99
CA PHE B 243 0.14 -4.99 13.99
C PHE B 243 -0.43 -6.41 13.98
N ASN B 244 -1.33 -6.68 14.91
CA ASN B 244 -2.06 -7.94 14.95
C ASN B 244 -3.54 -7.66 14.73
N CYS B 245 -4.12 -8.35 13.75
CA CYS B 245 -5.52 -8.21 13.42
C CYS B 245 -6.17 -9.59 13.46
N ARG B 246 -7.15 -9.76 14.36
CA ARG B 246 -7.90 -11.02 14.50
C ARG B 246 -6.96 -12.22 14.62
N GLY B 247 -5.84 -12.03 15.33
CA GLY B 247 -4.90 -13.08 15.56
C GLY B 247 -3.74 -13.17 14.58
N GLU B 248 -3.87 -12.57 13.40
CA GLU B 248 -2.85 -12.67 12.37
C GLU B 248 -1.90 -11.47 12.42
N PHE B 249 -0.64 -11.71 12.09
CA PHE B 249 0.40 -10.68 12.15
C PHE B 249 0.56 -10.00 10.80
N PHE B 250 0.10 -8.75 10.71
CA PHE B 250 0.18 -7.96 9.48
C PHE B 250 1.43 -7.09 9.51
N TYR B 251 2.15 -7.07 8.39
CA TYR B 251 3.31 -6.18 8.16
C TYR B 251 3.04 -5.35 6.91
N CYS B 252 2.95 -4.03 7.10
CA CYS B 252 2.38 -3.08 6.15
C CYS B 252 3.38 -2.02 5.75
N ASN B 253 3.82 -2.06 4.49
CA ASN B 253 4.77 -1.09 3.96
C ASN B 253 4.21 0.32 4.03
N THR B 254 4.98 1.26 4.59
CA THR B 254 4.52 2.63 4.80
C THR B 254 5.32 3.67 4.00
N SER B 255 6.05 3.24 2.98
CA SER B 255 6.87 4.18 2.22
C SER B 255 6.03 5.17 1.41
N ASP B 256 4.79 4.81 1.07
CA ASP B 256 3.89 5.78 0.46
C ASP B 256 3.19 6.64 1.50
N LEU B 257 3.22 6.23 2.77
CA LEU B 257 2.51 6.95 3.81
C LEU B 257 3.38 8.01 4.48
N PHE B 258 4.62 7.66 4.81
CA PHE B 258 5.57 8.60 5.40
C PHE B 258 6.50 9.08 4.30
N ASN B 259 6.03 10.09 3.55
CA ASN B 259 6.66 10.48 2.30
C ASN B 259 6.15 11.87 1.90
N GLY B 260 6.69 12.92 2.52
CA GLY B 260 6.20 14.26 2.25
C GLY B 260 7.14 15.31 2.78
N THR B 261 6.81 16.57 2.46
CA THR B 261 7.66 17.70 2.81
C THR B 261 6.80 18.87 3.28
N TYR B 262 7.21 19.48 4.39
CA TYR B 262 6.60 20.67 4.96
C TYR B 262 7.63 21.80 4.85
N ARG B 263 7.30 22.80 4.05
CA ARG B 263 8.19 23.90 3.69
C ARG B 263 7.37 25.18 3.58
N ASN B 264 7.88 26.26 4.17
CA ASN B 264 7.27 27.58 4.09
C ASN B 264 5.80 27.54 4.51
N GLY B 265 5.56 26.95 5.68
CA GLY B 265 4.20 26.86 6.19
C GLY B 265 3.25 26.02 5.37
N THR B 266 3.75 25.34 4.33
CA THR B 266 2.90 24.49 3.51
C THR B 266 3.77 23.47 2.76
N TYR B 267 1.57 21.64 3.33
CA TYR B 267 2.31 20.39 3.29
C TYR B 267 2.13 19.75 1.91
N ASN B 268 3.17 19.09 1.41
CA ASN B 268 3.14 18.48 0.09
C ASN B 268 3.42 17.00 0.24
N HIS B 269 2.50 16.16 -0.25
CA HIS B 269 2.62 14.72 -0.12
C HIS B 269 3.27 14.13 -1.37
N THR B 270 4.44 13.53 -1.20
CA THR B 270 5.21 12.96 -2.29
C THR B 270 5.05 11.45 -2.40
N GLY B 271 4.18 10.84 -1.60
CA GLY B 271 3.92 9.42 -1.73
C GLY B 271 2.86 9.14 -2.77
N ARG B 272 2.94 7.94 -3.37
CA ARG B 272 2.04 7.60 -4.47
C ARG B 272 0.62 7.39 -3.95
N SER B 273 -0.35 7.86 -4.72
CA SER B 273 -1.75 7.75 -4.38
C SER B 273 -2.53 7.35 -5.63
N SER B 274 -3.75 6.84 -5.42
CA SER B 274 -4.62 6.45 -6.51
C SER B 274 -6.06 6.70 -6.09
N ASN B 275 -6.77 7.51 -6.88
CA ASN B 275 -8.19 7.79 -6.64
C ASN B 275 -8.42 8.31 -5.21
N GLY B 276 -7.48 9.10 -4.72
CA GLY B 276 -7.65 9.75 -3.43
C GLY B 276 -7.39 8.88 -2.22
N THR B 277 -6.85 7.67 -2.40
CA THR B 277 -6.59 6.77 -1.29
C THR B 277 -5.17 6.22 -1.40
N ILE B 278 -4.45 6.23 -0.28
CA ILE B 278 -3.16 5.57 -0.18
C ILE B 278 -3.39 4.11 0.16
N THR B 279 -2.72 3.22 -0.57
CA THR B 279 -2.81 1.79 -0.36
C THR B 279 -1.45 1.25 0.01
N LEU B 280 -1.41 0.50 1.10
CA LEU B 280 -0.19 -0.11 1.61
C LEU B 280 -0.24 -1.61 1.34
N GLN B 281 0.74 -2.12 0.59
CA GLN B 281 0.90 -3.56 0.40
C GLN B 281 1.47 -4.22 1.65
N CYS B 282 0.96 -5.41 2.00
CA CYS B 282 1.28 -6.04 3.28
C CYS B 282 1.33 -7.55 3.17
N LYS B 283 2.14 -8.11 4.05
CA LYS B 283 2.27 -9.55 4.17
C LYS B 283 1.83 -9.99 5.56
N ILE B 284 1.12 -11.12 5.61
CA ILE B 284 0.92 -11.83 6.86
C ILE B 284 2.08 -12.80 7.00
N LYS B 285 2.82 -12.69 8.10
CA LYS B 285 4.02 -13.48 8.29
C LYS B 285 3.81 -14.43 9.46
N GLN B 286 4.30 -15.65 9.31
CA GLN B 286 4.24 -16.62 10.41
C GLN B 286 5.46 -16.55 11.30
N ILE B 287 6.61 -16.16 10.75
CA ILE B 287 7.81 -15.93 11.56
C ILE B 287 7.78 -14.48 12.03
N ILE B 288 7.83 -14.30 13.35
CA ILE B 288 7.69 -13.01 14.00
C ILE B 288 8.92 -12.78 14.86
N ASN B 289 9.41 -11.55 14.87
CA ASN B 289 10.37 -11.15 15.89
C ASN B 289 9.58 -10.63 17.08
N MET B 290 9.78 -11.25 18.22
CA MET B 290 8.93 -10.95 19.36
C MET B 290 9.26 -9.57 19.93
N TRP B 291 8.22 -8.87 20.39
CA TRP B 291 8.40 -7.64 21.14
C TRP B 291 8.56 -7.89 22.62
N GLN B 292 7.94 -8.96 23.14
CA GLN B 292 8.03 -9.27 24.56
C GLN B 292 9.47 -9.48 25.00
N GLU B 293 10.25 -10.19 24.19
CA GLU B 293 11.62 -10.57 24.54
C GLU B 293 12.39 -10.81 23.25
N VAL B 294 13.72 -10.84 23.37
CA VAL B 294 14.54 -11.16 22.22
C VAL B 294 14.34 -12.63 21.88
N GLY B 295 13.94 -12.89 20.64
CA GLY B 295 13.64 -14.24 20.20
C GLY B 295 12.72 -14.17 18.99
N ARG B 296 12.30 -15.35 18.54
CA ARG B 296 11.43 -15.46 17.39
C ARG B 296 10.26 -16.37 17.71
N ALA B 297 9.09 -16.04 17.16
CA ALA B 297 7.88 -16.82 17.33
C ALA B 297 7.37 -17.27 15.97
N ILE B 298 6.89 -18.50 15.89
CA ILE B 298 6.38 -19.07 14.65
C ILE B 298 4.96 -19.53 14.89
N TYR B 299 4.05 -19.03 14.05
CA TYR B 299 2.62 -19.27 14.15
C TYR B 299 2.12 -20.04 12.92
N ALA B 300 0.86 -20.41 12.98
CA ALA B 300 0.22 -21.19 11.92
C ALA B 300 -0.17 -20.31 10.75
N PRO B 301 -0.35 -20.89 9.56
CA PRO B 301 -0.78 -20.11 8.39
C PRO B 301 -2.13 -19.44 8.64
N PRO B 302 -2.46 -18.40 7.89
CA PRO B 302 -3.64 -17.59 8.23
C PRO B 302 -4.94 -18.37 8.09
N ILE B 303 -5.94 -17.93 8.86
CA ILE B 303 -7.26 -18.54 8.76
C ILE B 303 -7.91 -18.22 7.41
N GLU B 304 -8.93 -19.00 7.08
CA GLU B 304 -9.66 -18.80 5.83
C GLU B 304 -10.59 -17.60 5.94
N GLY B 305 -10.88 -17.00 4.79
CA GLY B 305 -11.88 -15.94 4.70
C GLY B 305 -11.28 -14.55 4.66
N GLU B 306 -12.16 -13.57 4.79
CA GLU B 306 -11.78 -12.17 4.75
C GLU B 306 -11.35 -11.73 6.15
N ILE B 307 -10.11 -11.29 6.27
CA ILE B 307 -9.56 -10.79 7.52
C ILE B 307 -9.46 -9.28 7.41
N THR B 308 -10.19 -8.56 8.26
CA THR B 308 -10.24 -7.11 8.15
C THR B 308 -10.25 -6.47 9.53
N CYS B 309 -9.48 -5.39 9.67
CA CYS B 309 -9.53 -4.54 10.86
C CYS B 309 -9.70 -3.09 10.42
N ASN B 310 -10.69 -2.43 11.03
CA ASN B 310 -11.01 -1.02 10.77
C ASN B 310 -10.53 -0.25 11.99
N SER B 311 -9.41 0.46 11.85
CA SER B 311 -8.74 1.07 12.98
C SER B 311 -8.74 2.60 12.85
N ASN B 312 -8.52 3.25 13.99
CA ASN B 312 -8.35 4.69 14.08
C ASN B 312 -6.89 4.99 14.42
N ILE B 313 -6.14 5.54 13.47
CA ILE B 313 -4.84 6.13 13.78
C ILE B 313 -5.09 7.32 14.70
N THR B 314 -4.58 7.21 15.93
CA THR B 314 -4.69 8.26 16.94
C THR B 314 -3.35 8.84 17.34
N GLY B 315 -2.24 8.32 16.80
CA GLY B 315 -0.92 8.82 17.16
C GLY B 315 0.14 8.19 16.28
N LEU B 316 1.32 8.80 16.35
CA LEU B 316 2.47 8.37 15.55
C LEU B 316 3.68 8.17 16.44
N LEU B 317 4.57 7.27 16.01
CA LEU B 317 5.86 7.06 16.65
C LEU B 317 6.96 7.38 15.65
N LEU B 318 7.76 8.39 15.95
CA LEU B 318 8.72 8.90 15.00
C LEU B 318 10.12 8.93 15.61
N LEU B 319 11.11 8.96 14.72
CA LEU B 319 12.51 9.17 15.06
C LEU B 319 13.09 10.22 14.13
N ARG B 320 13.81 11.17 14.70
CA ARG B 320 14.46 12.22 13.94
C ARG B 320 15.88 11.79 13.60
N ASP B 321 16.31 12.10 12.39
CA ASP B 321 17.64 11.70 11.96
C ASP B 321 18.72 12.44 12.74
N ASP B 328 20.14 22.61 8.54
CA ASP B 328 19.61 22.48 7.19
C ASP B 328 18.12 22.23 7.19
N THR B 329 17.76 20.95 7.30
CA THR B 329 16.40 20.45 7.25
C THR B 329 16.33 19.25 8.18
N GLU B 330 15.19 19.03 8.84
CA GLU B 330 15.03 17.94 9.78
C GLU B 330 14.10 16.88 9.21
N THR B 331 14.53 15.62 9.27
CA THR B 331 13.81 14.50 8.69
C THR B 331 13.28 13.59 9.80
N PHE B 332 12.02 13.16 9.64
CA PHE B 332 11.36 12.29 10.61
C PHE B 332 10.90 11.01 9.92
N ARG B 333 11.19 9.87 10.54
CA ARG B 333 10.84 8.58 10.00
C ARG B 333 10.02 7.77 11.01
N PRO B 334 9.20 6.84 10.55
CA PRO B 334 8.38 6.07 11.49
C PRO B 334 9.23 5.12 12.32
N GLY B 335 8.96 5.07 13.61
CA GLY B 335 9.71 4.25 14.53
C GLY B 335 8.80 3.31 15.31
N GLY B 336 9.22 3.00 16.53
CA GLY B 336 8.49 2.13 17.41
C GLY B 336 9.28 0.86 17.71
N GLY B 337 8.58 -0.09 18.32
CA GLY B 337 9.20 -1.35 18.71
C GLY B 337 9.10 -1.62 20.20
N ASP B 338 9.51 -0.65 21.01
CA ASP B 338 9.41 -0.75 22.47
C ASP B 338 7.99 -0.35 22.87
N MET B 339 7.13 -1.36 23.03
CA MET B 339 5.70 -1.13 23.26
C MET B 339 5.42 -0.41 24.58
N ARG B 340 6.43 -0.28 25.45
CA ARG B 340 6.31 0.62 26.57
C ARG B 340 5.92 2.02 26.11
N ASP B 341 6.41 2.44 24.93
CA ASP B 341 6.00 3.73 24.38
C ASP B 341 4.52 3.72 24.01
N ASN B 342 4.03 2.59 23.49
CA ASN B 342 2.60 2.47 23.23
C ASN B 342 1.81 2.71 24.50
N TRP B 343 2.25 2.13 25.63
CA TRP B 343 1.52 2.38 26.88
C TRP B 343 1.69 3.82 27.36
N ARG B 344 2.89 4.38 27.21
CA ARG B 344 3.12 5.76 27.64
C ARG B 344 2.17 6.71 26.94
N SER B 345 1.88 6.46 25.66
CA SER B 345 0.96 7.31 24.92
C SER B 345 -0.40 7.42 25.59
N GLU B 346 -0.76 6.48 26.46
CA GLU B 346 -2.03 6.54 27.19
C GLU B 346 -1.89 6.81 28.68
N LEU B 347 -0.78 6.40 29.29
CA LEU B 347 -0.57 6.56 30.72
C LEU B 347 0.13 7.87 31.08
N TYR B 348 0.25 8.79 30.13
CA TYR B 348 1.05 10.00 30.37
C TYR B 348 0.42 10.89 31.43
N LYS B 349 -0.90 11.00 31.43
CA LYS B 349 -1.60 11.92 32.32
C LYS B 349 -1.79 11.38 33.73
N TYR B 350 -1.17 10.26 34.07
CA TYR B 350 -1.40 9.62 35.36
C TYR B 350 -0.11 9.43 36.13
N LYS B 351 -0.25 9.33 37.45
CA LYS B 351 0.89 9.11 38.34
C LYS B 351 0.38 8.50 39.64
N VAL B 352 0.98 7.39 40.07
CA VAL B 352 0.53 6.72 41.27
C VAL B 352 1.14 7.41 42.49
N VAL B 353 0.29 7.76 43.45
CA VAL B 353 0.73 8.52 44.63
C VAL B 353 0.22 7.82 45.88
N GLU B 354 1.01 7.89 46.94
CA GLU B 354 0.60 7.38 48.23
C GLU B 354 -0.27 8.41 48.95
N LYS C 6 23.67 -45.47 -16.63
CA LYS C 6 23.18 -45.04 -15.33
C LYS C 6 23.30 -46.16 -14.32
N THR C 7 24.12 -45.93 -13.29
CA THR C 7 24.39 -46.88 -12.23
C THR C 7 24.41 -46.11 -10.92
N THR C 8 24.90 -46.72 -9.85
CA THR C 8 24.98 -46.08 -8.54
C THR C 8 26.44 -45.81 -8.20
N LEU C 9 26.79 -44.52 -8.14
CA LEU C 9 28.16 -44.10 -7.85
C LEU C 9 28.44 -44.20 -6.35
N PHE C 10 29.72 -44.10 -6.00
CA PHE C 10 30.08 -43.99 -4.59
C PHE C 10 31.17 -42.93 -4.44
N CYS C 11 31.36 -42.48 -3.20
CA CYS C 11 32.29 -41.39 -2.94
C CYS C 11 33.54 -41.91 -2.25
N ALA C 12 34.64 -41.17 -2.47
CA ALA C 12 35.92 -41.50 -1.88
C ALA C 12 36.59 -40.19 -1.48
N SER C 13 36.96 -40.06 -0.21
CA SER C 13 37.54 -38.84 0.30
C SER C 13 38.67 -39.18 1.26
N ASP C 14 39.57 -38.21 1.46
CA ASP C 14 40.61 -38.32 2.47
C ASP C 14 40.14 -37.74 3.79
N ALA C 15 38.95 -38.16 4.22
CA ALA C 15 38.42 -37.74 5.51
C ALA C 15 39.02 -38.58 6.62
N LYS C 16 39.18 -37.96 7.77
CA LYS C 16 39.73 -38.64 8.93
C LYS C 16 38.63 -38.72 9.98
N ALA C 17 38.18 -39.95 10.30
CA ALA C 17 37.15 -40.29 11.29
C ALA C 17 37.49 -39.61 12.58
N TYR C 18 38.70 -39.13 12.48
CA TYR C 18 39.34 -38.43 13.52
C TYR C 18 38.73 -37.05 13.78
N GLU C 19 38.62 -36.25 12.75
CA GLU C 19 38.19 -34.87 12.86
C GLU C 19 36.69 -34.75 13.10
N LYS C 20 36.30 -33.80 13.96
CA LYS C 20 34.90 -33.56 14.28
C LYS C 20 34.27 -32.51 13.38
N GLU C 21 35.03 -31.95 12.43
CA GLU C 21 34.43 -31.19 11.35
C GLU C 21 33.45 -32.08 10.59
N VAL C 22 32.31 -31.50 10.22
CA VAL C 22 31.16 -32.33 9.86
C VAL C 22 31.31 -32.98 8.49
N HIS C 23 31.97 -32.30 7.54
CA HIS C 23 32.23 -32.93 6.24
C HIS C 23 33.03 -34.22 6.44
N ASN C 24 34.06 -34.17 7.29
CA ASN C 24 34.88 -35.35 7.55
C ASN C 24 34.04 -36.47 8.17
N VAL C 25 33.16 -36.12 9.10
CA VAL C 25 32.34 -37.13 9.77
C VAL C 25 31.43 -37.83 8.76
N TRP C 26 30.67 -37.03 8.00
CA TRP C 26 29.78 -37.61 7.00
C TRP C 26 30.57 -38.45 6.00
N ALA C 27 31.78 -38.02 5.66
CA ALA C 27 32.54 -38.75 4.65
C ALA C 27 33.06 -40.07 5.19
N THR C 28 33.48 -40.11 6.46
CA THR C 28 33.90 -41.38 7.02
C THR C 28 32.73 -42.34 7.11
N HIS C 29 31.54 -41.82 7.42
CA HIS C 29 30.39 -42.71 7.50
C HIS C 29 29.74 -42.99 6.15
N ALA C 30 30.20 -42.34 5.07
CA ALA C 30 29.55 -42.52 3.78
C ALA C 30 30.50 -42.70 2.60
N CYS C 31 31.80 -42.48 2.75
CA CYS C 31 32.74 -42.61 1.65
C CYS C 31 33.78 -43.67 1.95
N VAL C 32 34.52 -44.03 0.91
CA VAL C 32 35.54 -45.08 0.96
C VAL C 32 36.90 -44.38 0.88
N PRO C 33 37.96 -44.93 1.46
CA PRO C 33 39.28 -44.29 1.33
C PRO C 33 39.63 -43.96 -0.11
N THR C 34 40.34 -42.85 -0.29
CA THR C 34 40.79 -42.43 -1.61
C THR C 34 41.67 -43.49 -2.23
N ASP C 35 41.61 -43.59 -3.55
CA ASP C 35 42.53 -44.45 -4.28
C ASP C 35 43.90 -43.79 -4.34
N PRO C 36 44.93 -44.37 -3.71
CA PRO C 36 46.31 -44.03 -4.07
C PRO C 36 46.78 -44.76 -5.33
N ASN C 37 45.88 -45.48 -5.98
CA ASN C 37 46.07 -46.22 -7.21
C ASN C 37 45.27 -45.57 -8.35
N PRO C 38 45.54 -44.31 -8.70
CA PRO C 38 44.77 -43.71 -9.80
C PRO C 38 45.39 -44.13 -11.13
N GLN C 39 44.63 -44.87 -11.92
CA GLN C 39 45.05 -45.29 -13.25
C GLN C 39 44.18 -44.56 -14.27
N GLU C 40 44.73 -43.50 -14.84
CA GLU C 40 44.07 -42.72 -15.90
C GLU C 40 44.35 -43.33 -17.29
N MET C 41 43.45 -43.08 -18.27
CA MET C 41 43.47 -43.78 -19.55
C MET C 41 43.00 -42.90 -20.73
N VAL C 42 43.79 -41.86 -21.02
CA VAL C 42 43.76 -41.18 -22.29
C VAL C 42 43.39 -42.11 -23.39
N LEU C 43 42.75 -41.53 -24.39
CA LEU C 43 42.26 -42.21 -25.60
C LEU C 43 42.14 -41.10 -26.63
N ALA C 44 42.89 -41.22 -27.71
CA ALA C 44 42.86 -40.18 -28.74
C ALA C 44 42.38 -40.76 -30.05
N ASN C 45 42.13 -42.07 -30.09
CA ASN C 45 41.70 -42.72 -31.32
C ASN C 45 40.39 -42.13 -31.81
N VAL C 46 39.38 -42.02 -30.94
CA VAL C 46 38.18 -41.30 -31.31
C VAL C 46 37.44 -40.77 -30.09
N THR C 47 36.30 -40.13 -30.34
CA THR C 47 35.78 -39.02 -29.57
C THR C 47 34.36 -39.31 -29.14
N GLU C 48 33.99 -38.89 -27.93
CA GLU C 48 32.68 -39.21 -27.40
C GLU C 48 31.92 -37.94 -27.06
N ASN C 49 30.61 -38.07 -26.87
CA ASN C 49 29.72 -36.93 -26.70
C ASN C 49 29.36 -36.75 -25.23
N PHE C 50 29.43 -35.52 -24.75
CA PHE C 50 29.12 -35.16 -23.37
C PHE C 50 27.99 -34.14 -23.33
N ASN C 51 27.28 -34.12 -22.21
CA ASN C 51 26.26 -33.10 -21.95
C ASN C 51 26.22 -32.86 -20.44
N MET C 52 26.93 -31.82 -20.00
CA MET C 52 26.97 -31.49 -18.58
C MET C 52 25.60 -31.13 -18.02
N TRP C 53 24.63 -30.82 -18.88
CA TRP C 53 23.32 -30.37 -18.43
C TRP C 53 22.33 -31.50 -18.23
N LYS C 54 22.57 -32.67 -18.79
CA LYS C 54 21.80 -33.87 -18.48
C LYS C 54 22.81 -34.94 -18.08
N ASN C 55 23.28 -34.84 -16.83
CA ASN C 55 24.34 -35.68 -16.30
C ASN C 55 23.87 -36.24 -14.97
N ASP C 56 23.61 -37.55 -14.91
CA ASP C 56 23.08 -38.16 -13.70
C ASP C 56 24.06 -38.10 -12.53
N MET C 57 25.34 -37.89 -12.81
CA MET C 57 26.29 -37.68 -11.73
C MET C 57 25.97 -36.41 -10.96
N VAL C 58 25.50 -35.37 -11.65
CA VAL C 58 25.06 -34.15 -10.97
C VAL C 58 23.96 -34.47 -9.98
N GLU C 59 22.98 -35.28 -10.39
CA GLU C 59 21.86 -35.57 -9.49
C GLU C 59 22.28 -36.45 -8.32
N GLN C 60 23.15 -37.42 -8.57
CA GLN C 60 23.64 -38.24 -7.45
C GLN C 60 24.43 -37.39 -6.45
N MET C 61 25.29 -36.50 -6.94
CA MET C 61 26.04 -35.66 -6.02
C MET C 61 25.11 -34.68 -5.30
N HIS C 62 24.10 -34.18 -5.99
CA HIS C 62 23.12 -33.31 -5.35
C HIS C 62 22.45 -34.02 -4.18
N GLU C 63 22.02 -35.26 -4.39
CA GLU C 63 21.37 -36.00 -3.32
C GLU C 63 22.33 -36.28 -2.16
N ASP C 64 23.58 -36.61 -2.48
CA ASP C 64 24.54 -36.87 -1.41
C ASP C 64 24.82 -35.61 -0.61
N ILE C 65 24.90 -34.46 -1.26
CA ILE C 65 25.16 -33.21 -0.54
C ILE C 65 23.94 -32.82 0.30
N ILE C 66 22.73 -33.05 -0.21
CA ILE C 66 21.53 -32.83 0.60
C ILE C 66 21.59 -33.68 1.85
N SER C 67 21.97 -34.96 1.70
CA SER C 67 22.12 -35.82 2.87
C SER C 67 23.14 -35.25 3.85
N LEU C 68 24.29 -34.81 3.32
CA LEU C 68 25.34 -34.28 4.18
C LEU C 68 24.86 -33.08 4.97
N TRP C 69 24.14 -32.16 4.32
CA TRP C 69 23.67 -30.97 5.02
C TRP C 69 22.59 -31.33 6.04
N ASP C 70 21.68 -32.24 5.68
CA ASP C 70 20.66 -32.70 6.63
C ASP C 70 21.29 -33.26 7.88
N GLU C 71 22.36 -34.04 7.73
CA GLU C 71 23.00 -34.67 8.87
C GLU C 71 23.94 -33.73 9.63
N SER C 72 24.52 -32.75 8.93
CA SER C 72 25.62 -31.93 9.44
C SER C 72 25.18 -30.54 9.89
N LEU C 73 24.25 -29.91 9.18
CA LEU C 73 23.80 -28.56 9.50
C LEU C 73 22.33 -28.61 9.90
N LYS C 74 22.05 -29.18 11.06
CA LYS C 74 20.67 -29.26 11.52
C LYS C 74 20.21 -27.87 11.97
N PRO C 75 19.12 -27.35 11.44
CA PRO C 75 18.57 -26.10 11.95
C PRO C 75 17.73 -26.33 13.20
N CYS C 76 17.50 -25.24 13.94
CA CYS C 76 16.61 -25.32 15.09
C CYS C 76 15.18 -25.55 14.65
N VAL C 77 14.72 -24.81 13.66
CA VAL C 77 13.36 -24.97 13.15
C VAL C 77 13.42 -25.20 11.65
N LYS C 78 12.53 -26.05 11.15
CA LYS C 78 12.41 -26.35 9.73
C LYS C 78 10.93 -26.26 9.38
N LEU C 79 10.55 -25.24 8.62
CA LEU C 79 9.18 -25.05 8.17
C LEU C 79 9.07 -25.51 6.73
N THR C 80 8.26 -26.53 6.50
CA THR C 80 8.06 -27.10 5.17
C THR C 80 6.62 -27.53 5.05
N GLY C 81 5.91 -26.98 4.05
CA GLY C 81 4.51 -27.27 3.85
C GLY C 81 3.66 -27.01 5.08
N GLY C 82 3.82 -25.82 5.68
CA GLY C 82 3.17 -25.49 6.93
C GLY C 82 3.55 -26.35 8.13
N SER C 83 4.41 -27.36 7.95
CA SER C 83 4.82 -28.23 9.05
C SER C 83 6.08 -27.67 9.69
N ALA C 84 6.05 -27.54 11.01
CA ALA C 84 7.19 -27.04 11.79
C ALA C 84 7.83 -28.21 12.51
N ILE C 85 9.14 -28.40 12.29
CA ILE C 85 9.90 -29.47 12.92
C ILE C 85 11.10 -28.86 13.61
N THR C 86 11.29 -29.17 14.89
CA THR C 86 12.40 -28.62 15.64
C THR C 86 13.37 -29.73 16.05
N GLN C 87 14.66 -29.37 16.12
CA GLN C 87 15.69 -30.29 16.59
C GLN C 87 16.86 -29.47 17.10
N ALA C 88 17.78 -30.16 17.79
CA ALA C 88 18.97 -29.50 18.30
C ALA C 88 19.78 -28.90 17.17
N CYS C 89 20.27 -27.69 17.38
CA CYS C 89 21.04 -26.95 16.38
C CYS C 89 22.36 -26.49 17.01
N PRO C 90 23.30 -27.41 17.23
CA PRO C 90 24.61 -27.00 17.73
C PRO C 90 25.41 -26.30 16.65
N LYS C 91 26.28 -25.38 17.09
CA LYS C 91 27.27 -24.83 16.19
C LYS C 91 28.35 -25.87 15.93
N VAL C 92 28.67 -26.09 14.67
CA VAL C 92 29.59 -27.16 14.29
C VAL C 92 30.80 -26.58 13.59
N SER C 93 31.84 -27.40 13.47
CA SER C 93 32.98 -27.10 12.62
C SER C 93 32.60 -27.38 11.17
N PHE C 94 32.71 -26.37 10.31
CA PHE C 94 32.24 -26.46 8.93
C PHE C 94 33.34 -25.97 8.00
N ASP C 95 33.91 -26.89 7.23
CA ASP C 95 34.89 -26.56 6.21
C ASP C 95 34.88 -27.65 5.15
N PRO C 96 34.34 -27.37 3.97
CA PRO C 96 34.13 -28.44 2.98
C PRO C 96 35.44 -29.11 2.57
N ILE C 97 35.38 -30.42 2.40
CA ILE C 97 36.54 -31.19 1.96
C ILE C 97 36.26 -31.74 0.57
N PRO C 98 37.28 -32.12 -0.20
CA PRO C 98 37.03 -32.63 -1.55
C PRO C 98 36.47 -34.05 -1.52
N LEU C 99 35.53 -34.31 -2.43
CA LEU C 99 34.93 -35.62 -2.60
C LEU C 99 35.21 -36.12 -4.02
N HIS C 100 35.59 -37.38 -4.15
CA HIS C 100 35.76 -38.02 -5.44
C HIS C 100 34.56 -38.91 -5.71
N TYR C 101 34.06 -38.89 -6.95
CA TYR C 101 32.91 -39.69 -7.31
C TYR C 101 33.33 -40.81 -8.25
N CYS C 102 32.82 -42.01 -7.98
CA CYS C 102 33.39 -43.25 -8.44
C CYS C 102 32.32 -44.14 -9.06
N ALA C 103 32.70 -44.81 -10.14
CA ALA C 103 31.90 -45.86 -10.73
C ALA C 103 32.27 -47.21 -10.14
N PRO C 104 31.30 -48.04 -9.78
CA PRO C 104 31.63 -49.36 -9.21
C PRO C 104 32.21 -50.31 -10.24
N ALA C 105 32.33 -51.59 -9.88
CA ALA C 105 32.89 -52.57 -10.80
C ALA C 105 31.98 -52.77 -12.00
N GLY C 106 32.60 -52.88 -13.18
CA GLY C 106 31.87 -52.99 -14.42
C GLY C 106 31.55 -51.67 -15.08
N PHE C 107 31.93 -50.56 -14.46
CA PHE C 107 31.68 -49.22 -14.98
C PHE C 107 32.94 -48.39 -14.85
N ALA C 108 33.00 -47.32 -15.65
CA ALA C 108 34.13 -46.40 -15.60
C ALA C 108 33.60 -44.98 -15.80
N ILE C 109 34.49 -43.99 -15.65
CA ILE C 109 34.14 -42.60 -15.83
C ILE C 109 35.05 -42.03 -16.92
N LEU C 110 34.45 -41.67 -18.05
CA LEU C 110 35.21 -41.03 -19.11
C LEU C 110 35.29 -39.54 -18.84
N LYS C 111 36.52 -39.02 -18.86
CA LYS C 111 36.83 -37.62 -18.63
C LYS C 111 37.30 -36.99 -19.93
N CYS C 112 36.82 -35.80 -20.24
CA CYS C 112 37.18 -35.13 -21.48
C CYS C 112 38.43 -34.28 -21.25
N ASN C 113 39.49 -34.57 -22.00
CA ASN C 113 40.76 -33.87 -21.85
C ASN C 113 40.89 -32.63 -22.74
N ASN C 114 39.92 -32.37 -23.62
CA ASN C 114 39.88 -31.08 -24.29
C ASN C 114 39.72 -29.99 -23.26
N LYS C 115 40.68 -29.07 -23.19
CA LYS C 115 40.64 -28.02 -22.19
C LYS C 115 39.87 -26.79 -22.65
N THR C 116 39.39 -26.77 -23.88
CA THR C 116 38.46 -25.76 -24.36
C THR C 116 37.03 -26.26 -24.37
N PHE C 117 36.80 -27.49 -23.92
CA PHE C 117 35.48 -28.09 -23.99
C PHE C 117 34.46 -27.27 -23.20
N ASN C 118 33.35 -26.94 -23.85
CA ASN C 118 32.37 -26.06 -23.23
C ASN C 118 31.29 -26.81 -22.45
N GLY C 119 31.25 -28.14 -22.52
CA GLY C 119 30.35 -28.96 -21.73
C GLY C 119 29.37 -29.77 -22.55
N THR C 120 28.99 -29.28 -23.72
CA THR C 120 28.06 -29.98 -24.60
C THR C 120 28.73 -30.27 -25.93
N GLY C 121 28.62 -31.53 -26.38
CA GLY C 121 29.04 -31.88 -27.71
C GLY C 121 30.13 -32.93 -27.76
N PRO C 122 30.81 -33.03 -28.91
CA PRO C 122 31.88 -34.03 -29.06
C PRO C 122 33.19 -33.54 -28.44
N CYS C 123 33.91 -34.49 -27.87
CA CYS C 123 35.22 -34.25 -27.28
C CYS C 123 36.17 -35.35 -27.76
N ARG C 124 37.34 -34.95 -28.24
CA ARG C 124 38.27 -35.88 -28.90
C ARG C 124 39.16 -36.58 -27.88
N ASN C 125 40.13 -35.86 -27.31
CA ASN C 125 41.00 -36.46 -26.30
C ASN C 125 40.20 -36.81 -25.04
N VAL C 126 39.94 -38.09 -24.82
CA VAL C 126 39.10 -38.54 -23.71
C VAL C 126 39.84 -39.63 -22.95
N SER C 127 39.77 -39.62 -21.63
CA SER C 127 40.45 -40.61 -20.81
C SER C 127 39.45 -41.41 -19.97
N THR C 128 39.90 -42.54 -19.44
CA THR C 128 39.08 -43.42 -18.61
C THR C 128 39.68 -43.48 -17.21
N VAL C 129 38.91 -43.04 -16.21
CA VAL C 129 39.31 -43.08 -14.82
C VAL C 129 38.26 -43.89 -14.05
N GLN C 130 38.54 -44.16 -12.78
CA GLN C 130 37.53 -44.77 -11.93
C GLN C 130 36.79 -43.73 -11.11
N CYS C 131 37.50 -42.72 -10.60
CA CYS C 131 36.87 -41.65 -9.84
C CYS C 131 37.28 -40.29 -10.37
N THR C 132 36.36 -39.32 -10.20
CA THR C 132 36.58 -37.95 -10.60
C THR C 132 37.58 -37.28 -9.67
N HIS C 133 38.01 -36.08 -10.05
CA HIS C 133 38.93 -35.33 -9.21
C HIS C 133 38.23 -34.84 -7.95
N GLY C 134 39.02 -34.25 -7.05
CA GLY C 134 38.49 -33.79 -5.77
C GLY C 134 37.60 -32.58 -5.94
N ILE C 135 36.33 -32.70 -5.55
CA ILE C 135 35.34 -31.66 -5.72
C ILE C 135 34.82 -31.27 -4.34
N LYS C 136 35.10 -30.05 -3.93
CA LYS C 136 34.52 -29.52 -2.70
C LYS C 136 33.08 -29.09 -2.96
N PRO C 137 32.13 -29.57 -2.18
CA PRO C 137 30.70 -29.19 -2.38
C PRO C 137 30.35 -27.85 -1.72
N VAL C 138 30.70 -26.76 -2.40
CA VAL C 138 30.54 -25.42 -1.85
C VAL C 138 29.18 -24.87 -2.30
N VAL C 139 28.28 -24.71 -1.34
CA VAL C 139 26.96 -24.15 -1.63
C VAL C 139 27.07 -22.64 -1.64
N SER C 140 26.78 -22.03 -2.80
CA SER C 140 26.85 -20.58 -2.94
C SER C 140 26.03 -20.18 -4.17
N THR C 141 25.77 -18.88 -4.27
CA THR C 141 25.12 -18.32 -5.44
C THR C 141 26.00 -17.21 -6.03
N GLN C 142 25.63 -16.79 -7.24
CA GLN C 142 26.30 -15.71 -7.98
C GLN C 142 27.75 -16.06 -8.29
N LEU C 143 28.57 -16.27 -7.27
CA LEU C 143 29.98 -16.59 -7.43
C LEU C 143 30.25 -18.05 -7.05
N LEU C 144 30.94 -18.76 -7.94
CA LEU C 144 31.42 -20.10 -7.65
C LEU C 144 32.76 -20.01 -6.94
N LEU C 145 32.89 -20.72 -5.82
CA LEU C 145 34.01 -20.57 -4.91
C LEU C 145 34.80 -21.85 -4.80
N ASN C 146 36.12 -21.69 -4.64
CA ASN C 146 37.02 -22.78 -4.26
C ASN C 146 36.95 -23.95 -5.23
N GLY C 147 36.67 -23.68 -6.51
CA GLY C 147 36.57 -24.71 -7.52
C GLY C 147 37.83 -24.84 -8.35
N SER C 148 37.74 -25.68 -9.37
CA SER C 148 38.86 -25.93 -10.26
C SER C 148 38.87 -24.88 -11.38
N LEU C 149 40.05 -24.35 -11.66
CA LEU C 149 40.21 -23.31 -12.67
C LEU C 149 40.40 -23.95 -14.04
N ALA C 150 39.90 -23.25 -15.07
CA ALA C 150 40.19 -23.65 -16.44
C ALA C 150 41.68 -23.47 -16.73
N GLU C 151 42.21 -24.32 -17.61
CA GLU C 151 43.65 -24.35 -17.83
C GLU C 151 44.10 -23.32 -18.86
N GLU C 152 43.55 -23.38 -20.07
CA GLU C 152 44.02 -22.49 -21.13
C GLU C 152 43.30 -21.15 -21.11
N GLU C 153 41.99 -21.14 -21.33
CA GLU C 153 41.25 -19.88 -21.44
C GLU C 153 39.95 -19.98 -20.65
N ILE C 154 39.24 -18.85 -20.59
CA ILE C 154 37.96 -18.77 -19.92
C ILE C 154 36.87 -19.38 -20.80
N ILE C 155 35.97 -20.16 -20.17
CA ILE C 155 34.96 -20.92 -20.89
C ILE C 155 33.58 -20.39 -20.52
N ILE C 156 32.71 -20.30 -21.53
CA ILE C 156 31.30 -20.01 -21.34
C ILE C 156 30.53 -21.30 -21.54
N ARG C 157 29.75 -21.69 -20.53
CA ARG C 157 28.99 -22.93 -20.57
C ARG C 157 27.52 -22.60 -20.48
N SER C 158 26.72 -23.25 -21.32
CA SER C 158 25.28 -23.01 -21.35
C SER C 158 24.61 -24.12 -22.12
N GLU C 159 23.51 -24.63 -21.59
CA GLU C 159 22.67 -25.56 -22.34
C GLU C 159 22.15 -24.93 -23.63
N ASN C 160 22.03 -23.60 -23.66
CA ASN C 160 21.52 -22.87 -24.83
C ASN C 160 21.69 -21.38 -24.63
N LEU C 161 22.63 -20.76 -25.35
CA LEU C 161 22.92 -19.35 -25.12
C LEU C 161 21.80 -18.44 -25.62
N THR C 162 20.99 -18.91 -26.57
CA THR C 162 19.92 -18.07 -27.11
C THR C 162 18.70 -18.04 -26.20
N ASN C 163 18.50 -19.06 -25.38
CA ASN C 163 17.42 -19.06 -24.39
C ASN C 163 17.91 -18.34 -23.15
N ASN C 164 17.39 -17.14 -22.92
CA ASN C 164 17.87 -16.34 -21.80
C ASN C 164 17.51 -16.95 -20.44
N ALA C 165 16.64 -17.96 -20.40
CA ALA C 165 16.27 -18.59 -19.15
C ALA C 165 17.28 -19.64 -18.69
N LYS C 166 18.18 -20.08 -19.56
CA LYS C 166 19.18 -21.08 -19.18
C LYS C 166 20.37 -20.42 -18.51
N THR C 167 20.89 -21.06 -17.47
CA THR C 167 21.95 -20.49 -16.65
C THR C 167 23.29 -20.56 -17.39
N ILE C 168 24.02 -19.46 -17.36
CA ILE C 168 25.35 -19.38 -17.97
C ILE C 168 26.38 -19.57 -16.87
N ILE C 169 27.26 -20.55 -17.05
CA ILE C 169 28.37 -20.79 -16.14
C ILE C 169 29.63 -20.23 -16.78
N VAL C 170 30.26 -19.28 -16.12
CA VAL C 170 31.53 -18.72 -16.59
C VAL C 170 32.65 -19.38 -15.80
N HIS C 171 33.44 -20.22 -16.48
CA HIS C 171 34.56 -20.92 -15.88
C HIS C 171 35.83 -20.11 -16.13
N LEU C 172 36.39 -19.53 -15.08
CA LEU C 172 37.55 -18.67 -15.19
C LEU C 172 38.84 -19.49 -15.26
N ASN C 173 39.93 -18.81 -15.59
CA ASN C 173 41.25 -19.42 -15.57
C ASN C 173 42.20 -18.77 -14.58
N GLU C 174 41.84 -17.63 -13.98
CA GLU C 174 42.60 -17.03 -12.90
C GLU C 174 41.65 -16.70 -11.76
N SER C 175 41.89 -17.28 -10.59
CA SER C 175 41.02 -17.08 -9.44
C SER C 175 41.07 -15.62 -8.97
N VAL C 176 39.96 -15.16 -8.40
CA VAL C 176 39.85 -13.80 -7.87
C VAL C 176 39.59 -13.89 -6.37
N ASN C 177 40.47 -13.32 -5.56
CA ASN C 177 40.38 -13.50 -4.12
C ASN C 177 39.22 -12.69 -3.54
N ILE C 178 38.45 -13.32 -2.65
CA ILE C 178 37.41 -12.63 -1.90
C ILE C 178 37.54 -13.02 -0.43
N VAL C 179 37.62 -12.01 0.44
CA VAL C 179 37.76 -12.27 1.87
C VAL C 179 36.59 -11.63 2.59
N CYS C 180 35.82 -12.45 3.30
CA CYS C 180 34.60 -11.99 3.96
C CYS C 180 34.69 -12.25 5.45
N THR C 181 34.48 -11.19 6.23
CA THR C 181 34.67 -11.24 7.67
C THR C 181 33.52 -10.54 8.38
N ARG C 182 33.07 -11.17 9.46
CA ARG C 182 32.33 -10.49 10.51
C ARG C 182 33.32 -10.25 11.64
N PRO C 183 33.70 -9.00 11.91
CA PRO C 183 34.78 -8.74 12.87
C PRO C 183 34.34 -9.01 14.31
N ASN C 184 35.34 -9.01 15.19
CA ASN C 184 35.11 -9.26 16.61
C ASN C 184 34.44 -8.07 17.28
N ASN C 193 26.42 -4.57 16.32
CA ASN C 193 25.61 -5.41 15.45
C ASN C 193 26.39 -6.64 15.02
N ILE C 194 26.05 -7.79 15.62
CA ILE C 194 26.77 -9.03 15.37
C ILE C 194 26.45 -9.67 14.04
N ARG C 195 25.48 -9.12 13.29
CA ARG C 195 25.10 -9.66 12.00
C ARG C 195 25.74 -8.93 10.83
N GLN C 196 26.47 -7.84 11.07
CA GLN C 196 27.08 -7.06 10.00
C GLN C 196 28.44 -7.63 9.63
N ALA C 197 28.63 -7.90 8.35
CA ALA C 197 29.90 -8.40 7.84
C ALA C 197 30.24 -7.67 6.55
N HIS C 198 31.43 -7.95 6.02
CA HIS C 198 31.80 -7.32 4.76
C HIS C 198 32.80 -8.18 4.01
N CYS C 199 32.87 -7.94 2.71
CA CYS C 199 33.70 -8.68 1.77
C CYS C 199 34.62 -7.73 1.03
N ASN C 200 35.89 -8.09 0.95
CA ASN C 200 36.88 -7.31 0.22
C ASN C 200 37.34 -8.08 -1.00
N ILE C 201 37.40 -7.35 -2.13
CA ILE C 201 37.90 -7.85 -3.40
C ILE C 201 38.82 -6.78 -4.00
N ASN C 202 39.91 -7.22 -4.63
CA ASN C 202 40.82 -6.30 -5.30
C ASN C 202 40.14 -5.76 -6.57
N GLU C 203 40.04 -4.43 -6.68
CA GLU C 203 39.33 -3.84 -7.80
C GLU C 203 40.01 -4.12 -9.13
N SER C 204 41.35 -4.25 -9.13
CA SER C 204 42.06 -4.39 -10.39
C SER C 204 41.90 -5.80 -10.97
N LYS C 205 41.98 -6.83 -10.13
CA LYS C 205 41.79 -8.19 -10.62
C LYS C 205 40.37 -8.39 -11.11
N TRP C 206 39.40 -7.79 -10.43
CA TRP C 206 38.02 -7.83 -10.90
C TRP C 206 37.88 -7.13 -12.24
N ASN C 207 38.48 -5.93 -12.37
CA ASN C 207 38.57 -5.24 -13.64
C ASN C 207 39.03 -6.16 -14.75
N ASN C 208 40.18 -6.81 -14.54
CA ASN C 208 40.81 -7.60 -15.59
C ASN C 208 39.96 -8.80 -15.94
N THR C 209 39.45 -9.53 -14.94
CA THR C 209 38.74 -10.76 -15.26
C THR C 209 37.40 -10.49 -15.92
N LEU C 210 36.73 -9.38 -15.58
CA LEU C 210 35.49 -9.11 -16.30
C LEU C 210 35.75 -8.45 -17.64
N GLN C 211 36.92 -7.84 -17.83
CA GLN C 211 37.31 -7.47 -19.19
C GLN C 211 37.45 -8.71 -20.07
N LYS C 212 38.19 -9.70 -19.58
CA LYS C 212 38.36 -10.94 -20.33
C LYS C 212 37.03 -11.69 -20.50
N VAL C 213 36.17 -11.64 -19.49
CA VAL C 213 34.85 -12.26 -19.60
C VAL C 213 34.02 -11.53 -20.65
N GLY C 214 34.10 -10.20 -20.68
CA GLY C 214 33.39 -9.45 -21.71
C GLY C 214 33.87 -9.81 -23.10
N GLU C 215 35.18 -10.05 -23.25
CA GLU C 215 35.68 -10.50 -24.55
C GLU C 215 35.10 -11.86 -24.92
N GLU C 216 35.20 -12.83 -24.01
CA GLU C 216 34.70 -14.18 -24.29
C GLU C 216 33.20 -14.20 -24.52
N LEU C 217 32.46 -13.25 -23.94
CA LEU C 217 31.03 -13.14 -24.18
C LEU C 217 30.73 -12.43 -25.49
N ALA C 218 31.57 -11.46 -25.88
CA ALA C 218 31.40 -10.79 -27.16
C ALA C 218 31.64 -11.74 -28.32
N LYS C 219 32.50 -12.74 -28.14
CA LYS C 219 32.68 -13.73 -29.19
C LYS C 219 31.41 -14.53 -29.43
N HIS C 220 30.60 -14.74 -28.40
CA HIS C 220 29.33 -15.45 -28.55
C HIS C 220 28.18 -14.53 -28.91
N PHE C 221 28.40 -13.22 -28.87
CA PHE C 221 27.40 -12.24 -29.28
C PHE C 221 28.08 -11.25 -30.22
N PRO C 222 27.99 -11.47 -31.56
CA PRO C 222 28.81 -10.75 -32.54
C PRO C 222 29.20 -9.32 -32.20
N SER C 223 28.24 -8.39 -32.12
CA SER C 223 28.59 -7.06 -31.65
C SER C 223 27.38 -6.44 -30.96
N LYS C 224 27.22 -6.78 -29.69
CA LYS C 224 26.36 -6.05 -28.78
C LYS C 224 27.22 -5.50 -27.64
N THR C 225 26.78 -4.39 -27.05
CA THR C 225 27.40 -3.93 -25.82
C THR C 225 27.05 -4.89 -24.69
N ILE C 226 28.03 -5.19 -23.84
CA ILE C 226 27.83 -6.21 -22.82
C ILE C 226 27.76 -5.53 -21.46
N LYS C 227 26.59 -5.59 -20.83
CA LYS C 227 26.32 -4.96 -19.55
C LYS C 227 26.47 -5.97 -18.43
N PHE C 228 27.07 -5.54 -17.32
CA PHE C 228 27.04 -6.28 -16.07
C PHE C 228 26.27 -5.44 -15.06
N GLU C 229 25.18 -5.98 -14.56
CA GLU C 229 24.28 -5.27 -13.66
C GLU C 229 23.86 -6.23 -12.55
N PRO C 230 23.41 -5.70 -11.42
CA PRO C 230 23.05 -6.57 -10.30
C PRO C 230 21.78 -7.37 -10.58
N SER C 231 21.57 -8.38 -9.76
CA SER C 231 20.39 -9.23 -9.91
C SER C 231 19.11 -8.42 -9.70
N SER C 232 18.11 -8.68 -10.53
CA SER C 232 16.91 -7.86 -10.52
C SER C 232 16.07 -8.08 -9.26
N GLY C 233 15.63 -9.31 -9.02
CA GLY C 233 14.76 -9.57 -7.87
C GLY C 233 14.71 -11.04 -7.55
N GLY C 234 14.03 -11.34 -6.44
CA GLY C 234 13.87 -12.71 -5.99
C GLY C 234 14.19 -12.82 -4.50
N ASP C 235 14.34 -14.06 -4.05
CA ASP C 235 14.77 -14.31 -2.69
C ASP C 235 16.13 -13.67 -2.43
N LEU C 236 16.35 -13.25 -1.18
CA LEU C 236 17.64 -12.70 -0.79
C LEU C 236 18.78 -13.63 -1.15
N GLU C 237 18.55 -14.95 -1.04
CA GLU C 237 19.59 -15.94 -1.30
C GLU C 237 20.18 -15.79 -2.70
N ILE C 238 19.39 -15.40 -3.69
CA ILE C 238 19.89 -15.26 -5.06
C ILE C 238 20.05 -13.80 -5.49
N THR C 239 19.38 -12.85 -4.84
CA THR C 239 19.65 -11.45 -5.15
C THR C 239 20.96 -10.96 -4.52
N THR C 240 21.56 -11.74 -3.65
CA THR C 240 22.87 -11.43 -3.10
C THR C 240 23.81 -12.60 -3.38
N HIS C 241 25.10 -12.38 -3.14
CA HIS C 241 26.06 -13.47 -3.05
C HIS C 241 25.87 -14.12 -1.69
N SER C 242 25.20 -15.25 -1.64
CA SER C 242 24.95 -15.96 -0.40
C SER C 242 25.84 -17.19 -0.33
N PHE C 243 26.31 -17.50 0.87
CA PHE C 243 27.16 -18.67 1.06
C PHE C 243 27.20 -19.02 2.54
N ASN C 244 27.80 -20.16 2.84
CA ASN C 244 28.00 -20.59 4.23
C ASN C 244 29.48 -20.66 4.53
N CYS C 245 29.88 -20.07 5.64
CA CYS C 245 31.26 -20.01 6.09
C CYS C 245 31.30 -20.33 7.58
N ARG C 246 32.02 -21.38 7.95
CA ARG C 246 32.14 -21.79 9.35
C ARG C 246 30.77 -22.03 9.98
N GLY C 247 29.79 -22.41 9.15
CA GLY C 247 28.45 -22.68 9.61
C GLY C 247 27.50 -21.50 9.58
N GLU C 248 27.99 -20.31 9.25
CA GLU C 248 27.18 -19.10 9.26
C GLU C 248 26.78 -18.72 7.83
N PHE C 249 25.53 -18.27 7.68
CA PHE C 249 24.96 -17.96 6.37
C PHE C 249 25.13 -16.46 6.09
N PHE C 250 26.07 -16.14 5.19
CA PHE C 250 26.33 -14.79 4.75
C PHE C 250 25.51 -14.46 3.51
N TYR C 251 24.93 -13.26 3.51
CA TYR C 251 24.22 -12.68 2.38
C TYR C 251 24.90 -11.36 2.07
N CYS C 252 25.57 -11.26 0.91
CA CYS C 252 26.48 -10.17 0.61
C CYS C 252 26.01 -9.41 -0.61
N ASN C 253 25.83 -8.11 -0.46
CA ASN C 253 25.26 -7.25 -1.50
C ASN C 253 26.28 -7.01 -2.60
N THR C 254 25.96 -7.45 -3.83
CA THR C 254 26.91 -7.38 -4.94
C THR C 254 26.60 -6.28 -5.94
N SER C 255 25.85 -5.25 -5.54
CA SER C 255 25.51 -4.18 -6.48
C SER C 255 26.72 -3.37 -6.93
N ASP C 256 27.78 -3.33 -6.12
CA ASP C 256 29.02 -2.67 -6.52
C ASP C 256 29.97 -3.61 -7.25
N LEU C 257 29.55 -4.85 -7.52
CA LEU C 257 30.40 -5.83 -8.18
C LEU C 257 29.96 -6.07 -9.62
N PHE C 258 28.71 -6.47 -9.83
CA PHE C 258 28.16 -6.61 -11.17
C PHE C 258 27.60 -5.25 -11.55
N ASN C 259 28.47 -4.42 -12.12
CA ASN C 259 28.17 -3.03 -12.43
C ASN C 259 29.25 -2.51 -13.36
N GLY C 260 29.09 -2.71 -14.67
CA GLY C 260 30.10 -2.28 -15.61
C GLY C 260 29.64 -2.45 -17.04
N THR C 261 30.46 -1.95 -17.96
CA THR C 261 30.12 -1.90 -19.38
C THR C 261 31.31 -2.33 -20.22
N TYR C 262 31.10 -3.31 -21.11
CA TYR C 262 32.10 -3.73 -22.08
C TYR C 262 31.68 -3.24 -23.46
N ARG C 263 32.51 -2.39 -24.09
CA ARG C 263 32.20 -1.84 -25.40
C ARG C 263 33.50 -1.42 -26.07
N ASN C 264 33.58 -1.56 -27.39
CA ASN C 264 34.76 -1.12 -28.14
C ASN C 264 36.01 -1.91 -27.78
N GLY C 265 35.85 -3.15 -27.32
CA GLY C 265 36.95 -3.89 -26.73
C GLY C 265 37.31 -3.45 -25.33
N THR C 266 36.98 -2.21 -24.96
CA THR C 266 36.95 -1.78 -23.57
C THR C 266 36.08 -0.52 -23.41
N TYR C 267 36.36 -3.02 -20.88
CA TYR C 267 35.45 -2.96 -19.75
C TYR C 267 35.76 -1.73 -18.89
N ASN C 268 34.73 -0.91 -18.68
CA ASN C 268 34.75 0.18 -17.73
C ASN C 268 33.89 -0.22 -16.53
N HIS C 269 34.47 -0.18 -15.34
CA HIS C 269 33.77 -0.59 -14.12
C HIS C 269 33.00 0.60 -13.58
N THR C 270 31.68 0.45 -13.51
CA THR C 270 30.79 1.50 -13.01
C THR C 270 30.46 1.36 -11.54
N GLY C 271 31.03 0.35 -10.84
CA GLY C 271 30.78 0.18 -9.44
C GLY C 271 31.70 1.02 -8.55
N ARG C 272 31.26 1.23 -7.31
CA ARG C 272 31.96 2.13 -6.40
C ARG C 272 33.05 1.38 -5.64
N SER C 273 34.30 1.79 -5.86
CA SER C 273 35.44 1.27 -5.13
C SER C 273 36.07 2.37 -4.29
N SER C 274 37.05 1.98 -3.47
CA SER C 274 37.75 2.92 -2.62
C SER C 274 39.12 2.35 -2.31
N ASN C 275 40.18 3.09 -2.66
CA ASN C 275 41.55 2.65 -2.44
C ASN C 275 41.86 1.35 -3.17
N GLY C 276 41.21 1.13 -4.32
CA GLY C 276 41.42 -0.07 -5.11
C GLY C 276 40.77 -1.31 -4.57
N THR C 277 39.84 -1.20 -3.63
CA THR C 277 39.14 -2.35 -3.06
C THR C 277 37.64 -2.15 -3.19
N ILE C 278 36.96 -3.15 -3.72
CA ILE C 278 35.49 -3.20 -3.66
C ILE C 278 35.12 -3.96 -2.39
N THR C 279 34.27 -3.35 -1.57
CA THR C 279 33.83 -3.97 -0.33
C THR C 279 32.32 -4.03 -0.34
N LEU C 280 31.81 -5.24 -0.16
CA LEU C 280 30.37 -5.54 -0.19
C LEU C 280 29.86 -5.74 1.22
N GLN C 281 28.75 -5.09 1.53
CA GLN C 281 28.13 -5.24 2.85
C GLN C 281 27.35 -6.56 2.91
N CYS C 282 27.31 -7.16 4.11
CA CYS C 282 26.74 -8.48 4.29
C CYS C 282 25.97 -8.56 5.59
N LYS C 283 24.96 -9.44 5.58
CA LYS C 283 24.20 -9.81 6.77
C LYS C 283 24.37 -11.30 7.02
N ILE C 284 24.62 -11.66 8.28
CA ILE C 284 24.57 -13.05 8.69
C ILE C 284 23.13 -13.35 9.10
N LYS C 285 22.45 -14.18 8.33
CA LYS C 285 21.03 -14.41 8.53
C LYS C 285 20.78 -15.76 9.20
N GLN C 286 19.68 -15.85 9.94
CA GLN C 286 19.28 -17.10 10.57
C GLN C 286 18.07 -17.74 9.91
N ILE C 287 17.19 -16.96 9.30
CA ILE C 287 16.07 -17.50 8.54
C ILE C 287 16.52 -17.67 7.09
N ILE C 288 16.61 -18.92 6.65
CA ILE C 288 17.21 -19.28 5.37
C ILE C 288 16.13 -19.90 4.49
N ASN C 289 16.06 -19.48 3.24
CA ASN C 289 15.32 -20.23 2.24
C ASN C 289 16.21 -21.38 1.79
N MET C 290 15.80 -22.60 2.08
CA MET C 290 16.63 -23.75 1.80
C MET C 290 16.83 -23.91 0.29
N TRP C 291 18.01 -24.41 -0.08
CA TRP C 291 18.26 -24.80 -1.46
C TRP C 291 17.91 -26.25 -1.73
N GLN C 292 17.91 -27.09 -0.69
CA GLN C 292 17.65 -28.52 -0.86
C GLN C 292 16.20 -28.77 -1.25
N GLU C 293 15.28 -28.27 -0.44
CA GLU C 293 13.85 -28.36 -0.68
C GLU C 293 13.28 -26.96 -0.59
N VAL C 294 12.00 -26.80 -0.91
CA VAL C 294 11.34 -25.51 -0.79
C VAL C 294 10.77 -25.40 0.63
N GLY C 295 11.31 -24.46 1.39
CA GLY C 295 10.95 -24.31 2.78
C GLY C 295 11.93 -23.36 3.43
N ARG C 296 11.71 -23.12 4.72
CA ARG C 296 12.55 -22.21 5.47
C ARG C 296 13.20 -22.95 6.64
N ALA C 297 14.38 -22.49 7.03
CA ALA C 297 15.15 -23.12 8.10
C ALA C 297 15.72 -22.02 8.99
N ILE C 298 15.46 -22.11 10.28
CA ILE C 298 15.94 -21.14 11.25
C ILE C 298 17.03 -21.79 12.08
N TYR C 299 18.22 -21.19 12.03
CA TYR C 299 19.41 -21.62 12.75
C TYR C 299 19.63 -20.73 13.96
N ALA C 300 20.67 -21.04 14.72
CA ALA C 300 21.01 -20.29 15.92
C ALA C 300 21.80 -19.04 15.57
N PRO C 301 21.80 -18.04 16.45
CA PRO C 301 22.61 -16.84 16.23
C PRO C 301 24.08 -17.17 16.03
N PRO C 302 24.86 -16.27 15.44
CA PRO C 302 26.24 -16.62 15.10
C PRO C 302 27.12 -16.78 16.33
N ILE C 303 28.23 -17.48 16.13
CA ILE C 303 29.25 -17.66 17.14
C ILE C 303 29.94 -16.33 17.45
N GLU C 304 30.78 -16.32 18.48
CA GLU C 304 31.52 -15.15 18.90
C GLU C 304 32.80 -15.00 18.10
N GLY C 305 33.38 -13.79 18.14
CA GLY C 305 34.68 -13.53 17.59
C GLY C 305 34.69 -13.33 16.09
N GLU C 306 35.91 -13.26 15.54
CA GLU C 306 36.11 -13.00 14.12
C GLU C 306 35.70 -14.21 13.30
N ILE C 307 34.78 -14.00 12.35
CA ILE C 307 34.33 -15.04 11.45
C ILE C 307 34.78 -14.66 10.05
N THR C 308 35.83 -15.33 9.55
CA THR C 308 36.42 -14.93 8.28
C THR C 308 36.60 -16.13 7.36
N CYS C 309 36.22 -15.97 6.09
CA CYS C 309 36.54 -16.91 5.03
C CYS C 309 37.35 -16.24 3.95
N ASN C 310 38.42 -16.91 3.54
CA ASN C 310 39.29 -16.48 2.46
C ASN C 310 39.08 -17.44 1.29
N SER C 311 38.37 -16.99 0.26
CA SER C 311 37.95 -17.89 -0.80
C SER C 311 38.44 -17.41 -2.16
N ASN C 312 38.56 -18.37 -3.08
CA ASN C 312 38.91 -18.09 -4.47
C ASN C 312 37.65 -18.12 -5.32
N ILE C 313 37.36 -17.02 -6.01
CA ILE C 313 36.33 -17.00 -7.04
C ILE C 313 36.90 -17.70 -8.27
N THR C 314 36.28 -18.83 -8.64
CA THR C 314 36.71 -19.60 -9.80
C THR C 314 35.69 -19.61 -10.91
N GLY C 315 34.48 -19.11 -10.66
CA GLY C 315 33.45 -19.12 -11.69
C GLY C 315 32.32 -18.19 -11.32
N LEU C 316 31.45 -17.97 -12.30
CA LEU C 316 30.29 -17.11 -12.14
C LEU C 316 29.04 -17.82 -12.64
N LEU C 317 27.91 -17.47 -12.03
CA LEU C 317 26.59 -17.88 -12.49
C LEU C 317 25.85 -16.64 -12.97
N LEU C 318 25.53 -16.60 -14.27
CA LEU C 318 24.93 -15.41 -14.87
C LEU C 318 23.66 -15.78 -15.63
N LEU C 319 22.84 -14.76 -15.85
CA LEU C 319 21.61 -14.88 -16.61
C LEU C 319 21.47 -13.68 -17.52
N ARG C 320 20.98 -13.93 -18.73
CA ARG C 320 20.74 -12.90 -19.73
C ARG C 320 19.28 -12.45 -19.67
N ASP C 321 19.03 -11.25 -20.18
CA ASP C 321 17.69 -10.67 -20.15
C ASP C 321 16.96 -10.87 -21.48
N ASP C 328 19.86 -3.59 -29.68
CA ASP C 328 20.75 -2.62 -29.04
C ASP C 328 21.85 -3.31 -28.24
N THR C 329 21.51 -3.84 -27.06
CA THR C 329 22.50 -4.29 -26.07
C THR C 329 22.08 -5.60 -25.43
N GLU C 330 23.06 -6.29 -24.83
CA GLU C 330 22.83 -7.53 -24.09
C GLU C 330 23.39 -7.37 -22.68
N THR C 331 22.55 -7.66 -21.67
CA THR C 331 22.88 -7.40 -20.27
C THR C 331 22.90 -8.71 -19.49
N PHE C 332 23.86 -8.84 -18.57
CA PHE C 332 24.08 -10.06 -17.80
C PHE C 332 24.04 -9.75 -16.31
N ARG C 333 23.23 -10.51 -15.58
CA ARG C 333 23.08 -10.30 -14.15
C ARG C 333 23.44 -11.58 -13.39
N PRO C 334 23.92 -11.48 -12.16
CA PRO C 334 24.30 -12.69 -11.42
C PRO C 334 23.08 -13.55 -11.10
N GLY C 335 23.21 -14.84 -11.34
CA GLY C 335 22.12 -15.76 -11.09
C GLY C 335 22.47 -16.82 -10.09
N GLY C 336 21.83 -17.98 -10.18
CA GLY C 336 22.08 -19.09 -9.31
C GLY C 336 20.85 -19.47 -8.50
N GLY C 337 21.04 -20.44 -7.61
CA GLY C 337 19.99 -20.95 -6.75
C GLY C 337 19.75 -22.43 -6.91
N ASP C 338 20.03 -22.97 -8.09
CA ASP C 338 20.02 -24.42 -8.31
C ASP C 338 21.44 -24.92 -8.14
N MET C 339 21.72 -25.53 -6.98
CA MET C 339 23.08 -25.99 -6.67
C MET C 339 23.56 -27.11 -7.57
N ARG C 340 22.67 -27.72 -8.35
CA ARG C 340 23.14 -28.66 -9.35
C ARG C 340 23.98 -27.94 -10.41
N ASP C 341 23.73 -26.65 -10.66
CA ASP C 341 24.62 -25.88 -11.53
C ASP C 341 26.02 -25.77 -10.93
N ASN C 342 26.10 -25.56 -9.61
CA ASN C 342 27.38 -25.61 -8.93
C ASN C 342 28.08 -26.93 -9.18
N TRP C 343 27.36 -28.05 -9.02
CA TRP C 343 27.99 -29.34 -9.27
C TRP C 343 28.37 -29.52 -10.73
N ARG C 344 27.61 -28.91 -11.65
CA ARG C 344 27.92 -29.02 -13.06
C ARG C 344 29.23 -28.33 -13.39
N SER C 345 29.51 -27.21 -12.71
CA SER C 345 30.75 -26.49 -12.97
C SER C 345 31.98 -27.37 -12.77
N GLU C 346 31.84 -28.48 -12.03
CA GLU C 346 32.95 -29.40 -11.82
C GLU C 346 32.76 -30.76 -12.50
N LEU C 347 31.53 -31.18 -12.76
CA LEU C 347 31.28 -32.49 -13.38
C LEU C 347 31.10 -32.40 -14.90
N TYR C 348 31.52 -31.30 -15.52
CA TYR C 348 31.33 -31.17 -16.96
C TYR C 348 32.21 -32.14 -17.74
N LYS C 349 33.45 -32.35 -17.29
CA LYS C 349 34.35 -33.19 -18.07
C LYS C 349 34.04 -34.67 -17.94
N TYR C 350 33.19 -35.08 -17.00
CA TYR C 350 32.98 -36.49 -16.69
C TYR C 350 31.65 -37.00 -17.23
N LYS C 351 31.64 -38.29 -17.59
CA LYS C 351 30.44 -39.02 -17.98
C LYS C 351 30.62 -40.46 -17.56
N VAL C 352 29.58 -41.07 -17.01
CA VAL C 352 29.67 -42.45 -16.53
C VAL C 352 29.31 -43.41 -17.66
N VAL C 353 30.09 -44.49 -17.80
CA VAL C 353 29.90 -45.44 -18.88
C VAL C 353 30.01 -46.87 -18.35
N GLU C 354 29.45 -47.79 -19.12
CA GLU C 354 29.50 -49.22 -18.82
C GLU C 354 30.69 -49.84 -19.52
N LYS D 6 -40.27 -27.03 7.83
CA LYS D 6 -40.30 -26.56 9.21
C LYS D 6 -39.80 -27.62 10.19
N THR D 7 -39.29 -27.16 11.33
CA THR D 7 -38.75 -28.03 12.36
C THR D 7 -38.69 -27.22 13.65
N THR D 8 -37.89 -27.68 14.61
CA THR D 8 -37.67 -26.96 15.86
C THR D 8 -36.17 -26.71 16.01
N LEU D 9 -35.79 -25.45 16.02
CA LEU D 9 -34.39 -25.08 16.26
C LEU D 9 -34.05 -25.32 17.72
N PHE D 10 -32.77 -25.56 17.99
CA PHE D 10 -32.27 -25.50 19.35
C PHE D 10 -31.13 -24.50 19.43
N CYS D 11 -30.99 -23.87 20.58
CA CYS D 11 -30.00 -22.82 20.75
C CYS D 11 -28.74 -23.38 21.38
N ALA D 12 -27.63 -22.71 21.10
CA ALA D 12 -26.33 -23.03 21.66
C ALA D 12 -25.67 -21.73 22.10
N SER D 13 -24.94 -21.77 23.21
CA SER D 13 -24.35 -20.56 23.75
C SER D 13 -23.08 -20.90 24.51
N ASP D 14 -22.27 -19.87 24.73
CA ASP D 14 -21.08 -19.95 25.57
C ASP D 14 -21.36 -19.47 26.99
N ALA D 15 -22.62 -19.53 27.42
CA ALA D 15 -23.00 -19.02 28.73
C ALA D 15 -22.31 -19.80 29.85
N LYS D 16 -22.16 -19.14 31.00
CA LYS D 16 -21.49 -19.71 32.15
C LYS D 16 -22.48 -19.91 33.29
N ALA D 17 -22.43 -21.08 33.92
CA ALA D 17 -23.37 -21.36 35.00
C ALA D 17 -23.04 -20.54 36.24
N TYR D 18 -21.77 -20.24 36.48
CA TYR D 18 -21.44 -19.46 37.69
C TYR D 18 -21.90 -18.02 37.55
N GLU D 19 -22.01 -17.52 36.33
CA GLU D 19 -22.38 -16.13 36.11
C GLU D 19 -23.82 -15.87 36.57
N LYS D 20 -24.03 -14.73 37.21
CA LYS D 20 -25.34 -14.31 37.67
C LYS D 20 -26.08 -13.45 36.64
N GLU D 21 -25.38 -12.95 35.62
CA GLU D 21 -26.02 -12.26 34.52
C GLU D 21 -27.17 -13.11 33.97
N VAL D 22 -28.32 -12.47 33.74
CA VAL D 22 -29.55 -13.23 33.57
C VAL D 22 -29.63 -13.91 32.21
N HIS D 23 -29.01 -13.34 31.17
CA HIS D 23 -28.92 -14.06 29.90
C HIS D 23 -28.14 -15.36 30.10
N ASN D 24 -27.06 -15.32 30.88
CA ASN D 24 -26.32 -16.52 31.20
C ASN D 24 -27.20 -17.53 31.93
N VAL D 25 -27.96 -17.07 32.92
CA VAL D 25 -28.80 -17.96 33.71
C VAL D 25 -29.87 -18.63 32.83
N TRP D 26 -30.45 -17.85 31.91
CA TRP D 26 -31.45 -18.41 31.01
C TRP D 26 -30.82 -19.41 30.04
N ALA D 27 -29.67 -19.06 29.46
CA ALA D 27 -29.08 -19.90 28.43
C ALA D 27 -28.53 -21.20 29.01
N THR D 28 -28.08 -21.19 30.27
CA THR D 28 -27.55 -22.42 30.85
C THR D 28 -28.63 -23.49 30.96
N HIS D 29 -29.84 -23.12 31.33
CA HIS D 29 -30.92 -24.09 31.45
C HIS D 29 -31.70 -24.26 30.16
N ALA D 30 -31.63 -23.32 29.22
CA ALA D 30 -32.45 -23.38 28.02
C ALA D 30 -31.68 -23.70 26.75
N CYS D 31 -30.35 -23.62 26.77
CA CYS D 31 -29.56 -23.81 25.57
C CYS D 31 -28.37 -24.71 25.85
N VAL D 32 -27.80 -25.24 24.77
CA VAL D 32 -26.83 -26.32 24.81
C VAL D 32 -25.42 -25.75 24.59
N PRO D 33 -24.37 -26.40 25.10
CA PRO D 33 -23.01 -25.93 24.80
C PRO D 33 -22.78 -25.68 23.32
N THR D 34 -21.99 -24.66 23.03
CA THR D 34 -21.56 -24.35 21.67
C THR D 34 -20.72 -25.50 21.11
N ASP D 35 -20.44 -25.44 19.82
CA ASP D 35 -19.62 -26.46 19.19
C ASP D 35 -18.28 -25.88 18.75
N PRO D 36 -17.16 -26.30 19.35
CA PRO D 36 -15.85 -25.71 18.98
C PRO D 36 -15.36 -26.12 17.60
N ASN D 37 -16.05 -26.98 16.86
CA ASN D 37 -15.62 -27.41 15.54
C ASN D 37 -16.69 -27.03 14.53
N PRO D 38 -16.65 -25.81 13.99
CA PRO D 38 -17.70 -25.37 13.07
C PRO D 38 -17.43 -25.81 11.63
N GLN D 39 -18.26 -26.71 11.12
CA GLN D 39 -18.10 -27.24 9.78
C GLN D 39 -19.04 -26.53 8.81
N GLU D 40 -18.47 -25.96 7.75
CA GLU D 40 -19.20 -25.17 6.78
C GLU D 40 -18.82 -25.63 5.39
N MET D 41 -19.81 -25.97 4.56
CA MET D 41 -19.54 -26.50 3.23
C MET D 41 -20.01 -25.50 2.17
N VAL D 42 -19.07 -25.06 1.31
CA VAL D 42 -19.35 -23.99 0.34
C VAL D 42 -19.91 -24.61 -0.94
N LEU D 43 -20.81 -23.88 -1.61
CA LEU D 43 -21.58 -24.42 -2.71
C LEU D 43 -21.72 -23.32 -3.77
N ALA D 44 -20.85 -23.34 -4.78
CA ALA D 44 -20.70 -22.18 -5.67
C ALA D 44 -21.81 -22.13 -6.73
N ASN D 45 -22.03 -23.22 -7.46
CA ASN D 45 -23.08 -23.24 -8.47
C ASN D 45 -24.46 -23.35 -7.85
N VAL D 46 -24.54 -23.84 -6.61
CA VAL D 46 -25.77 -23.80 -5.82
C VAL D 46 -26.27 -22.37 -5.70
N THR D 47 -27.57 -22.15 -5.96
CA THR D 47 -28.23 -20.86 -5.73
C THR D 47 -29.68 -21.12 -5.32
N GLU D 48 -30.12 -20.49 -4.23
CA GLU D 48 -31.47 -20.76 -3.69
C GLU D 48 -32.16 -19.46 -3.30
N ASN D 49 -33.47 -19.54 -3.05
CA ASN D 49 -34.29 -18.37 -2.74
C ASN D 49 -34.38 -18.13 -1.24
N PHE D 50 -34.38 -16.85 -0.85
CA PHE D 50 -34.54 -16.44 0.53
C PHE D 50 -35.56 -15.31 0.64
N ASN D 51 -36.24 -15.25 1.78
CA ASN D 51 -37.08 -14.11 2.13
C ASN D 51 -36.95 -13.90 3.64
N MET D 52 -36.13 -12.92 4.03
CA MET D 52 -35.95 -12.61 5.44
C MET D 52 -37.26 -12.21 6.10
N TRP D 53 -38.22 -11.72 5.32
CA TRP D 53 -39.47 -11.22 5.87
C TRP D 53 -40.51 -12.31 6.11
N LYS D 54 -40.27 -13.52 5.63
CA LYS D 54 -41.09 -14.69 5.98
C LYS D 54 -40.17 -15.82 6.43
N ASN D 55 -39.42 -15.58 7.50
CA ASN D 55 -38.44 -16.52 8.02
C ASN D 55 -38.94 -17.09 9.35
N ASP D 56 -39.16 -18.40 9.39
CA ASP D 56 -39.67 -19.04 10.60
C ASP D 56 -38.65 -18.98 11.74
N MET D 57 -37.37 -18.91 11.41
CA MET D 57 -36.33 -18.72 12.42
C MET D 57 -36.57 -17.45 13.23
N VAL D 58 -37.04 -16.39 12.57
CA VAL D 58 -37.35 -15.16 13.28
C VAL D 58 -38.45 -15.41 14.31
N GLU D 59 -39.48 -16.17 13.93
CA GLU D 59 -40.57 -16.45 14.87
C GLU D 59 -40.08 -17.26 16.06
N GLN D 60 -39.27 -18.29 15.80
CA GLN D 60 -38.79 -19.11 16.91
C GLN D 60 -37.89 -18.30 17.85
N MET D 61 -36.99 -17.50 17.29
CA MET D 61 -36.13 -16.68 18.13
C MET D 61 -36.92 -15.63 18.89
N HIS D 62 -37.96 -15.07 18.26
CA HIS D 62 -38.83 -14.14 18.96
C HIS D 62 -39.46 -14.80 20.18
N GLU D 63 -40.02 -16.00 19.99
CA GLU D 63 -40.61 -16.71 21.12
C GLU D 63 -39.59 -16.95 22.23
N ASP D 64 -38.38 -17.36 21.85
CA ASP D 64 -37.36 -17.64 22.85
C ASP D 64 -36.96 -16.37 23.61
N ILE D 65 -36.88 -15.23 22.91
CA ILE D 65 -36.49 -13.99 23.58
C ILE D 65 -37.60 -13.53 24.51
N ILE D 66 -38.86 -13.70 24.09
CA ILE D 66 -39.97 -13.43 24.99
C ILE D 66 -39.85 -14.25 26.26
N SER D 67 -39.50 -15.53 26.12
CA SER D 67 -39.35 -16.39 27.29
C SER D 67 -38.24 -15.88 28.22
N LEU D 68 -37.08 -15.52 27.63
CA LEU D 68 -35.97 -15.02 28.44
C LEU D 68 -36.37 -13.76 29.19
N TRP D 69 -37.03 -12.82 28.50
CA TRP D 69 -37.38 -11.57 29.15
C TRP D 69 -38.40 -11.81 30.26
N ASP D 70 -39.32 -12.75 30.06
CA ASP D 70 -40.30 -13.06 31.09
C ASP D 70 -39.64 -13.69 32.31
N GLU D 71 -38.60 -14.50 32.10
CA GLU D 71 -37.92 -15.14 33.22
C GLU D 71 -36.91 -14.24 33.91
N SER D 72 -36.40 -13.21 33.23
CA SER D 72 -35.27 -12.43 33.72
C SER D 72 -35.64 -11.03 34.17
N LEU D 73 -36.32 -10.25 33.32
CA LEU D 73 -36.72 -8.90 33.67
C LEU D 73 -38.15 -8.89 34.18
N LYS D 74 -38.33 -9.53 35.33
CA LYS D 74 -39.65 -9.62 35.97
C LYS D 74 -40.01 -8.26 36.54
N PRO D 75 -41.10 -7.64 36.09
CA PRO D 75 -41.48 -6.34 36.64
C PRO D 75 -42.21 -6.48 37.96
N CYS D 76 -42.34 -5.36 38.67
CA CYS D 76 -43.18 -5.33 39.87
C CYS D 76 -44.63 -5.61 39.51
N VAL D 77 -45.13 -4.94 38.49
CA VAL D 77 -46.50 -5.16 38.04
C VAL D 77 -46.50 -5.50 36.56
N LYS D 78 -47.36 -6.42 36.16
CA LYS D 78 -47.62 -6.74 34.77
C LYS D 78 -49.13 -6.61 34.57
N LEU D 79 -49.54 -5.58 33.84
CA LEU D 79 -50.95 -5.30 33.57
C LEU D 79 -51.27 -5.79 32.17
N THR D 80 -52.10 -6.84 32.09
CA THR D 80 -52.44 -7.49 30.83
C THR D 80 -53.93 -7.78 30.82
N GLY D 81 -54.64 -7.22 29.85
CA GLY D 81 -56.05 -7.47 29.65
C GLY D 81 -56.90 -7.42 30.91
N GLY D 82 -56.88 -6.28 31.60
CA GLY D 82 -57.64 -6.15 32.82
C GLY D 82 -56.97 -6.75 34.04
N SER D 83 -56.28 -7.87 33.85
CA SER D 83 -55.61 -8.56 34.95
C SER D 83 -54.33 -7.82 35.33
N ALA D 84 -54.00 -7.88 36.62
CA ALA D 84 -52.80 -7.24 37.16
C ALA D 84 -52.06 -8.27 38.00
N ILE D 85 -50.89 -8.69 37.53
CA ILE D 85 -50.06 -9.69 38.19
C ILE D 85 -48.90 -8.99 38.87
N THR D 86 -48.70 -9.25 40.15
CA THR D 86 -47.63 -8.65 40.92
C THR D 86 -46.60 -9.71 41.31
N GLN D 87 -45.34 -9.31 41.39
CA GLN D 87 -44.29 -10.22 41.83
C GLN D 87 -43.04 -9.41 42.19
N ALA D 88 -42.04 -10.12 42.72
CA ALA D 88 -40.81 -9.48 43.13
C ALA D 88 -40.06 -8.94 41.92
N CYS D 89 -39.54 -7.71 42.05
CA CYS D 89 -38.83 -7.04 40.97
C CYS D 89 -37.43 -6.65 41.45
N PRO D 90 -36.53 -7.63 41.56
CA PRO D 90 -35.15 -7.30 41.93
C PRO D 90 -34.38 -6.77 40.74
N LYS D 91 -33.43 -5.90 41.04
CA LYS D 91 -32.47 -5.48 40.03
C LYS D 91 -31.47 -6.61 39.77
N VAL D 92 -31.18 -6.83 38.49
CA VAL D 92 -30.44 -8.00 38.05
C VAL D 92 -29.24 -7.56 37.24
N SER D 93 -28.31 -8.48 37.03
CA SER D 93 -27.20 -8.27 36.13
C SER D 93 -27.68 -8.53 34.71
N PHE D 94 -27.78 -7.48 33.90
CA PHE D 94 -28.35 -7.56 32.56
C PHE D 94 -27.32 -7.09 31.54
N ASP D 95 -26.97 -7.98 30.62
CA ASP D 95 -26.05 -7.69 29.52
C ASP D 95 -26.18 -8.79 28.47
N PRO D 96 -26.71 -8.48 27.29
CA PRO D 96 -27.06 -9.54 26.34
C PRO D 96 -25.86 -10.34 25.87
N ILE D 97 -26.04 -11.64 25.76
CA ILE D 97 -25.00 -12.56 25.31
C ILE D 97 -25.41 -13.12 23.93
N PRO D 98 -24.47 -13.61 23.13
CA PRO D 98 -24.84 -14.13 21.81
C PRO D 98 -25.40 -15.54 21.90
N LEU D 99 -26.40 -15.80 21.05
CA LEU D 99 -27.07 -17.09 20.98
C LEU D 99 -27.00 -17.60 19.54
N HIS D 100 -26.41 -18.79 19.37
CA HIS D 100 -26.44 -19.46 18.09
C HIS D 100 -27.73 -20.28 17.96
N TYR D 101 -28.31 -20.28 16.77
CA TYR D 101 -29.48 -21.09 16.49
C TYR D 101 -29.08 -22.21 15.53
N CYS D 102 -29.42 -23.45 15.90
CA CYS D 102 -28.93 -24.63 15.22
C CYS D 102 -30.09 -25.53 14.84
N ALA D 103 -29.96 -26.20 13.70
CA ALA D 103 -30.86 -27.18 13.11
C ALA D 103 -30.53 -28.58 13.61
N PRO D 104 -31.55 -29.35 14.00
CA PRO D 104 -31.30 -30.71 14.52
C PRO D 104 -30.93 -31.69 13.42
N ALA D 105 -30.64 -32.94 13.81
CA ALA D 105 -30.28 -33.97 12.86
C ALA D 105 -31.39 -34.17 11.83
N GLY D 106 -30.99 -34.27 10.57
CA GLY D 106 -31.90 -34.37 9.46
C GLY D 106 -32.18 -33.05 8.77
N PHE D 107 -31.84 -31.94 9.41
CA PHE D 107 -32.01 -30.62 8.83
C PHE D 107 -30.65 -29.91 8.80
N ALA D 108 -30.62 -28.80 8.08
CA ALA D 108 -29.41 -27.99 7.95
C ALA D 108 -29.83 -26.54 7.77
N ILE D 109 -28.87 -25.63 7.96
CA ILE D 109 -29.10 -24.21 7.74
C ILE D 109 -28.31 -23.80 6.51
N LEU D 110 -29.01 -23.25 5.52
CA LEU D 110 -28.36 -22.68 4.36
C LEU D 110 -28.09 -21.21 4.64
N LYS D 111 -26.88 -20.77 4.33
CA LYS D 111 -26.43 -19.40 4.62
C LYS D 111 -25.94 -18.78 3.33
N CYS D 112 -26.52 -17.64 2.96
CA CYS D 112 -26.14 -16.95 1.74
C CYS D 112 -24.85 -16.16 1.98
N ASN D 113 -23.81 -16.48 1.20
CA ASN D 113 -22.53 -15.81 1.31
C ASN D 113 -22.42 -14.57 0.44
N ASN D 114 -23.51 -14.15 -0.20
CA ASN D 114 -23.48 -12.95 -1.02
C ASN D 114 -23.40 -11.71 -0.12
N LYS D 115 -22.29 -10.99 -0.24
CA LYS D 115 -22.08 -9.74 0.49
C LYS D 115 -23.10 -8.66 0.12
N THR D 116 -23.66 -8.74 -1.08
CA THR D 116 -24.59 -7.74 -1.59
C THR D 116 -26.05 -8.09 -1.32
N PHE D 117 -26.30 -9.26 -0.70
CA PHE D 117 -27.65 -9.83 -0.66
C PHE D 117 -28.58 -9.00 0.20
N ASN D 118 -29.70 -8.54 -0.39
CA ASN D 118 -30.63 -7.68 0.32
C ASN D 118 -31.63 -8.46 1.18
N GLY D 119 -31.50 -9.78 1.25
CA GLY D 119 -32.39 -10.60 2.05
C GLY D 119 -33.61 -11.14 1.31
N THR D 120 -33.80 -10.76 0.06
CA THR D 120 -34.96 -11.18 -0.71
C THR D 120 -34.53 -11.60 -2.11
N GLY D 121 -34.97 -12.78 -2.54
CA GLY D 121 -34.66 -13.27 -3.86
C GLY D 121 -33.64 -14.39 -3.82
N PRO D 122 -33.07 -14.74 -4.97
CA PRO D 122 -32.08 -15.81 -5.01
C PRO D 122 -30.69 -15.31 -4.68
N CYS D 123 -29.95 -16.18 -4.00
CA CYS D 123 -28.53 -15.99 -3.68
C CYS D 123 -27.73 -17.09 -4.37
N ARG D 124 -26.62 -16.70 -4.98
CA ARG D 124 -25.88 -17.61 -5.84
C ARG D 124 -24.64 -18.23 -5.19
N ASN D 125 -24.18 -17.69 -4.07
CA ASN D 125 -23.18 -18.36 -3.25
C ASN D 125 -23.84 -18.74 -1.93
N VAL D 126 -24.03 -20.04 -1.72
CA VAL D 126 -24.68 -20.54 -0.51
C VAL D 126 -23.75 -21.54 0.15
N SER D 127 -23.91 -21.69 1.45
CA SER D 127 -23.12 -22.64 2.22
C SER D 127 -24.02 -23.37 3.21
N THR D 128 -23.51 -24.52 3.66
CA THR D 128 -24.23 -25.40 4.56
C THR D 128 -23.59 -25.31 5.94
N VAL D 129 -24.38 -24.84 6.92
CA VAL D 129 -24.00 -24.78 8.32
C VAL D 129 -24.98 -25.64 9.11
N GLN D 130 -24.65 -25.86 10.38
CA GLN D 130 -25.60 -26.41 11.33
C GLN D 130 -26.06 -25.40 12.38
N CYS D 131 -25.26 -24.37 12.66
CA CYS D 131 -25.62 -23.29 13.57
C CYS D 131 -25.46 -21.95 12.90
N THR D 132 -26.23 -20.96 13.37
CA THR D 132 -25.99 -19.59 12.95
C THR D 132 -24.81 -19.02 13.74
N HIS D 133 -24.48 -17.76 13.48
CA HIS D 133 -23.45 -17.10 14.24
C HIS D 133 -24.04 -16.61 15.57
N GLY D 134 -23.18 -16.03 16.40
CA GLY D 134 -23.64 -15.51 17.68
C GLY D 134 -24.53 -14.29 17.48
N ILE D 135 -25.76 -14.35 17.98
CA ILE D 135 -26.73 -13.28 17.83
C ILE D 135 -27.07 -12.75 19.20
N LYS D 136 -26.79 -11.48 19.44
CA LYS D 136 -27.17 -10.86 20.70
C LYS D 136 -28.61 -10.36 20.59
N PRO D 137 -29.52 -10.85 21.42
CA PRO D 137 -30.92 -10.37 21.37
C PRO D 137 -31.07 -8.99 22.00
N VAL D 138 -30.66 -7.97 21.26
CA VAL D 138 -30.72 -6.60 21.74
C VAL D 138 -32.10 -6.03 21.38
N VAL D 139 -32.87 -5.68 22.40
CA VAL D 139 -34.19 -5.11 22.22
C VAL D 139 -34.04 -3.60 22.15
N SER D 140 -34.51 -2.99 21.05
CA SER D 140 -34.36 -1.56 20.83
C SER D 140 -35.23 -1.13 19.67
N THR D 141 -35.54 0.15 19.65
CA THR D 141 -36.25 0.77 18.53
C THR D 141 -35.33 1.77 17.83
N GLN D 142 -35.76 2.19 16.64
CA GLN D 142 -35.10 3.24 15.86
C GLN D 142 -33.67 2.86 15.46
N LEU D 143 -32.80 2.59 16.42
CA LEU D 143 -31.41 2.24 16.15
C LEU D 143 -31.16 0.79 16.52
N LEU D 144 -30.57 0.04 15.60
CA LEU D 144 -30.13 -1.33 15.86
C LEU D 144 -28.74 -1.29 16.48
N LEU D 145 -28.61 -1.86 17.67
CA LEU D 145 -27.39 -1.78 18.46
C LEU D 145 -26.69 -3.12 18.55
N ASN D 146 -25.35 -3.08 18.50
CA ASN D 146 -24.50 -4.22 18.82
C ASN D 146 -24.71 -5.40 17.87
N GLY D 147 -25.16 -5.12 16.64
CA GLY D 147 -25.37 -6.14 15.65
C GLY D 147 -24.11 -6.46 14.87
N SER D 148 -24.29 -7.17 13.77
CA SER D 148 -23.20 -7.54 12.87
C SER D 148 -23.21 -6.62 11.66
N LEU D 149 -22.06 -6.00 11.38
CA LEU D 149 -21.99 -5.06 10.27
C LEU D 149 -22.01 -5.78 8.93
N ALA D 150 -22.23 -5.01 7.87
CA ALA D 150 -22.18 -5.53 6.51
C ALA D 150 -20.75 -5.49 6.00
N GLU D 151 -20.32 -6.58 5.36
CA GLU D 151 -18.93 -6.69 4.93
C GLU D 151 -18.60 -5.76 3.77
N GLU D 152 -19.59 -5.43 2.95
CA GLU D 152 -19.38 -4.73 1.68
C GLU D 152 -19.98 -3.32 1.79
N GLU D 153 -20.85 -2.92 0.88
CA GLU D 153 -21.52 -1.63 0.91
C GLU D 153 -22.66 -1.64 1.93
N ILE D 154 -23.26 -0.47 2.16
CA ILE D 154 -24.46 -0.39 2.96
C ILE D 154 -25.63 -0.98 2.18
N ILE D 155 -26.49 -1.73 2.86
CA ILE D 155 -27.57 -2.46 2.19
C ILE D 155 -28.91 -2.00 2.72
N ILE D 156 -29.84 -1.72 1.81
CA ILE D 156 -31.22 -1.42 2.16
C ILE D 156 -32.03 -2.71 2.05
N ARG D 157 -32.79 -3.03 3.09
CA ARG D 157 -33.57 -4.26 3.16
C ARG D 157 -35.02 -3.89 3.39
N SER D 158 -35.91 -4.36 2.53
CA SER D 158 -37.32 -4.10 2.70
C SER D 158 -38.11 -5.21 2.02
N GLU D 159 -39.25 -5.56 2.64
CA GLU D 159 -40.14 -6.51 1.99
C GLU D 159 -40.77 -5.90 0.75
N ASN D 160 -40.98 -4.58 0.75
CA ASN D 160 -41.43 -3.87 -0.45
C ASN D 160 -41.07 -2.40 -0.28
N LEU D 161 -40.11 -1.92 -1.08
CA LEU D 161 -39.62 -0.56 -0.89
C LEU D 161 -40.65 0.49 -1.27
N THR D 162 -41.47 0.22 -2.29
CA THR D 162 -42.49 1.18 -2.67
C THR D 162 -43.72 1.12 -1.78
N ASN D 163 -43.84 0.11 -0.93
CA ASN D 163 -44.87 0.09 0.10
C ASN D 163 -44.36 0.88 1.29
N ASN D 164 -44.96 2.06 1.53
CA ASN D 164 -44.49 2.94 2.60
C ASN D 164 -44.83 2.42 3.99
N ALA D 165 -45.62 1.35 4.11
CA ALA D 165 -45.97 0.80 5.40
C ALA D 165 -45.00 -0.28 5.87
N LYS D 166 -44.08 -0.72 5.02
CA LYS D 166 -43.14 -1.76 5.38
C LYS D 166 -41.90 -1.16 6.03
N THR D 167 -41.46 -1.77 7.12
CA THR D 167 -40.27 -1.31 7.82
C THR D 167 -39.03 -1.48 6.93
N ILE D 168 -38.18 -0.46 6.93
CA ILE D 168 -36.94 -0.46 6.16
C ILE D 168 -35.78 -0.74 7.11
N ILE D 169 -34.98 -1.74 6.79
CA ILE D 169 -33.80 -2.08 7.58
C ILE D 169 -32.57 -1.59 6.81
N VAL D 170 -31.89 -0.59 7.37
CA VAL D 170 -30.64 -0.11 6.81
C VAL D 170 -29.51 -0.87 7.52
N HIS D 171 -28.87 -1.78 6.80
CA HIS D 171 -27.75 -2.54 7.35
C HIS D 171 -26.45 -1.83 6.98
N LEU D 172 -25.79 -1.28 7.99
CA LEU D 172 -24.59 -0.46 7.84
C LEU D 172 -23.35 -1.33 7.73
N ASN D 173 -22.29 -0.76 7.16
CA ASN D 173 -21.03 -1.49 7.01
C ASN D 173 -19.93 -1.00 7.92
N GLU D 174 -20.03 0.21 8.47
CA GLU D 174 -19.07 0.70 9.44
C GLU D 174 -19.81 1.17 10.69
N SER D 175 -19.39 0.65 11.84
CA SER D 175 -20.06 0.92 13.10
C SER D 175 -20.07 2.40 13.43
N VAL D 176 -21.08 2.84 14.17
CA VAL D 176 -21.12 4.22 14.67
C VAL D 176 -21.39 4.19 16.17
N ASN D 177 -20.42 4.66 16.96
CA ASN D 177 -20.46 4.48 18.40
C ASN D 177 -21.39 5.51 19.06
N ILE D 178 -22.31 5.02 19.90
CA ILE D 178 -23.18 5.87 20.71
C ILE D 178 -22.99 5.48 22.17
N VAL D 179 -22.73 6.47 23.03
CA VAL D 179 -22.59 6.23 24.46
C VAL D 179 -23.73 6.92 25.20
N CYS D 180 -24.33 6.24 26.17
CA CYS D 180 -25.54 6.70 26.83
C CYS D 180 -25.40 6.48 28.32
N THR D 181 -25.51 7.57 29.08
CA THR D 181 -25.19 7.56 30.50
C THR D 181 -26.23 8.33 31.30
N ARG D 182 -26.70 7.72 32.38
CA ARG D 182 -27.24 8.45 33.51
C ARG D 182 -26.08 8.67 34.47
N PRO D 183 -25.56 9.88 34.60
CA PRO D 183 -24.37 10.09 35.44
C PRO D 183 -24.70 9.96 36.91
N ASN D 184 -23.63 9.83 37.72
CA ASN D 184 -23.78 9.72 39.16
C ASN D 184 -24.21 11.05 39.76
N ASN D 193 -31.95 14.75 39.47
CA ASN D 193 -32.90 13.84 38.83
C ASN D 193 -32.19 12.55 38.44
N ILE D 194 -32.52 11.46 39.16
CA ILE D 194 -31.88 10.17 38.92
C ILE D 194 -32.40 9.47 37.69
N ARG D 195 -33.37 10.06 36.97
CA ARG D 195 -33.94 9.47 35.77
C ARG D 195 -33.51 10.19 34.50
N GLN D 196 -32.77 11.31 34.61
CA GLN D 196 -32.31 12.06 33.45
C GLN D 196 -30.97 11.52 32.98
N ALA D 197 -30.88 11.22 31.69
CA ALA D 197 -29.67 10.67 31.09
C ALA D 197 -29.40 11.38 29.77
N HIS D 198 -28.31 11.00 29.10
CA HIS D 198 -28.01 11.60 27.81
C HIS D 198 -27.10 10.70 27.01
N CYS D 199 -27.01 10.99 25.71
CA CYS D 199 -26.36 10.16 24.70
C CYS D 199 -25.46 11.01 23.81
N ASN D 200 -24.20 10.60 23.69
CA ASN D 200 -23.25 11.28 22.83
C ASN D 200 -22.94 10.43 21.59
N ILE D 201 -22.94 11.11 20.45
CA ILE D 201 -22.58 10.55 19.15
C ILE D 201 -21.70 11.55 18.41
N ASN D 202 -20.60 11.06 17.84
CA ASN D 202 -19.74 11.92 17.03
C ASN D 202 -20.50 12.39 15.78
N GLU D 203 -20.54 13.70 15.56
CA GLU D 203 -21.36 14.24 14.48
C GLU D 203 -20.72 14.02 13.10
N SER D 204 -19.40 13.93 13.02
CA SER D 204 -18.78 13.72 11.72
C SER D 204 -19.04 12.30 11.22
N LYS D 205 -18.88 11.31 12.09
CA LYS D 205 -19.20 9.93 11.71
C LYS D 205 -20.67 9.79 11.35
N TRP D 206 -21.56 10.44 12.09
CA TRP D 206 -22.98 10.40 11.75
C TRP D 206 -23.25 11.10 10.42
N ASN D 207 -22.59 12.23 10.17
CA ASN D 207 -22.75 12.93 8.90
C ASN D 207 -22.34 12.03 7.74
N ASN D 208 -21.18 11.40 7.86
CA ASN D 208 -20.70 10.51 6.80
C ASN D 208 -21.62 9.32 6.61
N THR D 209 -22.06 8.69 7.71
CA THR D 209 -22.94 7.54 7.58
C THR D 209 -24.28 7.92 6.96
N LEU D 210 -24.85 9.06 7.36
CA LEU D 210 -26.12 9.48 6.77
C LEU D 210 -25.94 9.95 5.33
N GLN D 211 -24.75 10.43 4.96
CA GLN D 211 -24.50 10.72 3.56
C GLN D 211 -24.46 9.44 2.73
N LYS D 212 -23.74 8.42 3.19
CA LYS D 212 -23.69 7.17 2.45
C LYS D 212 -25.06 6.49 2.40
N VAL D 213 -25.83 6.59 3.50
CA VAL D 213 -27.18 6.03 3.50
C VAL D 213 -28.08 6.83 2.57
N GLY D 214 -27.92 8.15 2.52
CA GLY D 214 -28.64 8.94 1.54
C GLY D 214 -28.30 8.54 0.12
N GLU D 215 -27.04 8.17 -0.12
CA GLU D 215 -26.63 7.69 -1.44
C GLU D 215 -27.35 6.38 -1.78
N GLU D 216 -27.29 5.41 -0.87
CA GLU D 216 -27.90 4.12 -1.13
C GLU D 216 -29.42 4.23 -1.27
N LEU D 217 -30.03 5.14 -0.50
CA LEU D 217 -31.46 5.37 -0.63
C LEU D 217 -31.78 6.13 -1.91
N ALA D 218 -30.87 7.01 -2.33
CA ALA D 218 -31.06 7.76 -3.56
C ALA D 218 -31.03 6.85 -4.77
N LYS D 219 -30.26 5.78 -4.71
CA LYS D 219 -30.28 4.82 -5.82
C LYS D 219 -31.69 4.28 -6.03
N HIS D 220 -32.37 3.88 -4.95
CA HIS D 220 -33.72 3.33 -5.03
C HIS D 220 -34.78 4.40 -5.25
N PHE D 221 -34.44 5.67 -5.06
CA PHE D 221 -35.32 6.79 -5.38
C PHE D 221 -34.45 7.82 -6.11
N PRO D 222 -34.14 7.57 -7.41
CA PRO D 222 -33.01 8.25 -8.05
C PRO D 222 -33.18 9.73 -8.37
N SER D 223 -35.79 13.33 -9.38
CA SER D 223 -36.92 14.12 -8.88
C SER D 223 -37.13 13.95 -7.38
N LYS D 224 -36.17 13.34 -6.66
CA LYS D 224 -36.36 12.96 -5.26
C LYS D 224 -35.19 13.34 -4.34
N THR D 225 -35.36 14.40 -3.55
CA THR D 225 -34.44 14.81 -2.50
C THR D 225 -34.82 14.11 -1.20
N ILE D 226 -33.83 13.59 -0.48
CA ILE D 226 -34.10 12.63 0.60
C ILE D 226 -33.96 13.33 1.95
N LYS D 227 -35.05 13.36 2.72
CA LYS D 227 -35.05 14.06 4.01
C LYS D 227 -35.16 13.08 5.17
N PHE D 228 -34.44 13.39 6.25
CA PHE D 228 -34.50 12.64 7.50
C PHE D 228 -35.15 13.50 8.55
N GLU D 229 -36.28 13.05 9.09
CA GLU D 229 -37.07 13.79 10.06
C GLU D 229 -37.49 12.87 11.20
N PRO D 230 -37.76 13.43 12.39
CA PRO D 230 -38.12 12.59 13.54
C PRO D 230 -39.43 11.85 13.32
N SER D 231 -39.75 10.98 14.29
CA SER D 231 -40.92 10.12 14.18
C SER D 231 -42.20 10.89 14.47
N SER D 232 -43.24 10.59 13.70
CA SER D 232 -44.46 11.39 13.71
C SER D 232 -45.20 11.27 15.05
N GLY D 233 -45.46 10.05 15.48
CA GLY D 233 -46.20 9.87 16.72
C GLY D 233 -46.47 8.41 16.98
N GLY D 234 -47.00 8.15 18.17
CA GLY D 234 -47.28 6.83 18.69
C GLY D 234 -46.78 6.72 20.12
N ASP D 235 -46.65 5.48 20.58
CA ASP D 235 -46.13 5.25 21.92
C ASP D 235 -44.71 5.77 22.04
N LEU D 236 -44.35 6.21 23.24
CA LEU D 236 -43.01 6.73 23.50
C LEU D 236 -41.95 5.72 23.09
N GLU D 237 -42.26 4.42 23.19
CA GLU D 237 -41.28 3.39 22.87
C GLU D 237 -40.81 3.48 21.42
N ILE D 238 -41.66 3.98 20.51
CA ILE D 238 -41.28 4.08 19.11
C ILE D 238 -41.01 5.51 18.67
N THR D 239 -41.54 6.53 19.36
CA THR D 239 -41.20 7.91 19.02
C THR D 239 -39.79 8.28 19.47
N THR D 240 -39.22 7.52 20.39
CA THR D 240 -37.85 7.73 20.84
C THR D 240 -37.02 6.48 20.54
N HIS D 241 -35.71 6.65 20.66
CA HIS D 241 -34.79 5.50 20.68
C HIS D 241 -34.86 4.92 22.07
N SER D 242 -35.63 3.85 22.24
CA SER D 242 -35.81 3.21 23.52
C SER D 242 -35.06 1.88 23.54
N PHE D 243 -34.42 1.59 24.67
CA PHE D 243 -33.61 0.39 24.80
C PHE D 243 -33.47 0.06 26.28
N ASN D 244 -32.80 -1.05 26.57
CA ASN D 244 -32.54 -1.47 27.94
C ASN D 244 -31.03 -1.54 28.16
N CYS D 245 -30.56 -0.95 29.25
CA CYS D 245 -29.16 -0.92 29.60
C CYS D 245 -29.02 -1.25 31.08
N ARG D 246 -28.30 -2.32 31.40
CA ARG D 246 -28.07 -2.72 32.79
C ARG D 246 -29.39 -2.89 33.55
N GLY D 247 -30.46 -3.25 32.82
CA GLY D 247 -31.77 -3.43 33.38
C GLY D 247 -32.69 -2.24 33.25
N GLU D 248 -32.13 -1.03 33.18
CA GLU D 248 -32.96 0.17 33.16
C GLU D 248 -33.44 0.48 31.75
N PHE D 249 -34.65 1.04 31.67
CA PHE D 249 -35.31 1.30 30.39
C PHE D 249 -35.12 2.76 30.00
N PHE D 250 -34.24 2.99 29.01
CA PHE D 250 -33.91 4.31 28.51
C PHE D 250 -34.81 4.66 27.34
N TYR D 251 -35.32 5.90 27.34
CA TYR D 251 -36.04 6.48 26.21
C TYR D 251 -35.30 7.76 25.83
N CYS D 252 -34.67 7.77 24.66
CA CYS D 252 -33.80 8.86 24.23
C CYS D 252 -34.39 9.60 23.05
N ASN D 253 -34.46 10.92 23.16
CA ASN D 253 -35.04 11.76 22.10
C ASN D 253 -34.08 11.83 20.92
N THR D 254 -34.57 11.53 19.71
CA THR D 254 -33.75 11.54 18.51
C THR D 254 -34.09 12.67 17.55
N SER D 255 -34.79 13.72 18.01
CA SER D 255 -35.15 14.80 17.11
C SER D 255 -33.93 15.59 16.63
N ASP D 256 -32.79 15.45 17.29
CA ASP D 256 -31.54 16.04 16.84
C ASP D 256 -30.69 15.07 16.04
N LEU D 257 -31.16 13.85 15.83
CA LEU D 257 -30.39 12.81 15.17
C LEU D 257 -30.91 12.49 13.77
N PHE D 258 -32.22 12.34 13.64
CA PHE D 258 -32.86 12.12 12.34
C PHE D 258 -33.41 13.48 11.89
N ASN D 259 -32.54 14.25 11.23
CA ASN D 259 -32.81 15.65 10.93
C ASN D 259 -31.78 16.15 9.92
N GLY D 260 -32.03 15.93 8.63
CA GLY D 260 -31.07 16.33 7.63
C GLY D 260 -31.65 16.20 6.24
N THR D 261 -30.86 16.60 5.25
CA THR D 261 -31.29 16.54 3.85
C THR D 261 -30.14 16.12 2.95
N TYR D 262 -30.39 15.09 2.15
CA TYR D 262 -29.50 14.65 1.08
C TYR D 262 -30.05 15.24 -0.21
N ARG D 263 -29.32 16.21 -0.75
CA ARG D 263 -29.71 17.02 -1.90
C ARG D 263 -28.55 17.04 -2.87
N ASN D 264 -28.83 16.89 -4.17
CA ASN D 264 -27.82 17.10 -5.20
C ASN D 264 -26.63 16.15 -5.03
N GLY D 265 -26.83 15.01 -4.39
CA GLY D 265 -25.73 14.15 -4.01
C GLY D 265 -24.91 14.63 -2.84
N THR D 266 -25.23 15.80 -2.29
CA THR D 266 -24.54 16.34 -1.11
C THR D 266 -25.33 17.52 -0.52
N TYR D 267 -25.05 15.33 1.79
CA TYR D 267 -25.90 15.36 2.98
C TYR D 267 -25.50 16.51 3.90
N ASN D 268 -26.48 17.31 4.29
CA ASN D 268 -26.30 18.40 5.23
C ASN D 268 -27.14 18.11 6.45
N HIS D 269 -26.49 18.01 7.61
CA HIS D 269 -27.22 17.82 8.85
C HIS D 269 -27.76 19.16 9.36
N THR D 270 -29.03 19.16 9.76
CA THR D 270 -29.66 20.34 10.33
C THR D 270 -30.01 20.17 11.81
N GLY D 271 -29.53 19.11 12.46
CA GLY D 271 -29.74 18.94 13.88
C GLY D 271 -28.69 19.68 14.70
N ARG D 272 -29.05 19.98 15.95
CA ARG D 272 -28.17 20.79 16.78
C ARG D 272 -27.00 19.97 17.29
N SER D 273 -25.81 20.59 17.27
CA SER D 273 -24.56 19.96 17.65
C SER D 273 -23.83 20.87 18.63
N SER D 274 -22.77 20.34 19.23
CA SER D 274 -21.96 21.11 20.16
C SER D 274 -20.54 20.54 20.15
N ASN D 275 -19.61 21.32 19.60
CA ASN D 275 -18.20 20.95 19.56
C ASN D 275 -18.00 19.55 18.98
N GLY D 276 -18.81 19.22 17.97
CA GLY D 276 -18.65 17.99 17.21
C GLY D 276 -19.41 16.79 17.70
N THR D 277 -20.28 16.94 18.71
CA THR D 277 -21.05 15.82 19.24
C THR D 277 -22.52 16.19 19.30
N ILE D 278 -23.37 15.27 18.81
CA ILE D 278 -24.81 15.34 19.04
C ILE D 278 -25.09 14.61 20.34
N THR D 279 -25.96 15.17 21.17
CA THR D 279 -26.33 14.53 22.43
C THR D 279 -27.85 14.51 22.56
N LEU D 280 -28.38 13.32 22.74
CA LEU D 280 -29.80 13.09 22.94
C LEU D 280 -30.11 13.14 24.43
N GLN D 281 -31.23 13.76 24.79
CA GLN D 281 -31.67 13.81 26.18
C GLN D 281 -32.64 12.68 26.45
N CYS D 282 -32.41 11.94 27.55
CA CYS D 282 -33.05 10.67 27.78
C CYS D 282 -33.76 10.64 29.14
N LYS D 283 -34.79 9.80 29.20
CA LYS D 283 -35.59 9.58 30.39
C LYS D 283 -35.59 8.09 30.70
N ILE D 284 -35.22 7.74 31.94
CA ILE D 284 -35.35 6.37 32.40
C ILE D 284 -36.77 6.18 32.92
N LYS D 285 -37.51 5.27 32.32
CA LYS D 285 -38.90 5.07 32.68
C LYS D 285 -39.08 3.77 33.44
N GLN D 286 -40.21 3.67 34.13
CA GLN D 286 -40.57 2.45 34.84
C GLN D 286 -41.90 1.87 34.40
N ILE D 287 -42.81 2.69 33.88
CA ILE D 287 -43.98 2.19 33.17
C ILE D 287 -43.59 1.99 31.71
N ILE D 288 -43.77 0.78 31.22
CA ILE D 288 -43.29 0.38 29.90
C ILE D 288 -44.47 -0.23 29.14
N ASN D 289 -44.65 0.20 27.89
CA ASN D 289 -45.48 -0.54 26.95
C ASN D 289 -44.65 -1.71 26.43
N MET D 290 -45.10 -2.94 26.73
CA MET D 290 -44.31 -4.11 26.40
C MET D 290 -44.23 -4.31 24.89
N TRP D 291 -43.17 -4.96 24.46
CA TRP D 291 -43.04 -5.40 23.07
C TRP D 291 -43.39 -6.87 22.90
N GLN D 292 -43.35 -7.65 23.99
CA GLN D 292 -43.65 -9.07 23.90
C GLN D 292 -45.13 -9.28 23.56
N GLU D 293 -46.02 -8.62 24.28
CA GLU D 293 -47.45 -8.69 24.02
C GLU D 293 -48.02 -7.29 24.19
N VAL D 294 -49.34 -7.17 24.08
CA VAL D 294 -50.02 -5.89 24.27
C VAL D 294 -50.36 -5.77 25.75
N GLY D 295 -49.57 -4.98 26.47
CA GLY D 295 -49.81 -4.75 27.88
C GLY D 295 -48.81 -3.76 28.42
N ARG D 296 -48.82 -3.59 29.74
CA ARG D 296 -47.91 -2.66 30.37
C ARG D 296 -47.19 -3.33 31.53
N ALA D 297 -46.03 -2.78 31.86
CA ALA D 297 -45.19 -3.36 32.92
C ALA D 297 -44.60 -2.24 33.74
N ILE D 298 -44.69 -2.35 35.07
CA ILE D 298 -44.11 -1.37 35.97
C ILE D 298 -42.93 -1.99 36.68
N TYR D 299 -41.78 -1.32 36.58
CA TYR D 299 -40.51 -1.72 37.16
C TYR D 299 -40.16 -0.79 38.32
N ALA D 300 -39.09 -1.14 39.03
CA ALA D 300 -38.67 -0.40 40.21
C ALA D 300 -37.88 0.84 39.82
N PRO D 301 -37.80 1.83 40.71
CA PRO D 301 -36.96 3.00 40.47
C PRO D 301 -35.53 2.60 40.13
N PRO D 302 -34.80 3.45 39.41
CA PRO D 302 -33.48 3.05 38.92
C PRO D 302 -32.47 2.87 40.04
N ILE D 303 -31.39 2.14 39.71
CA ILE D 303 -30.30 1.90 40.65
C ILE D 303 -29.50 3.17 40.83
N GLU D 304 -28.50 3.13 41.70
CA GLU D 304 -27.59 4.25 41.89
C GLU D 304 -26.24 3.95 41.24
N GLY D 305 -25.42 4.98 41.16
CA GLY D 305 -24.18 4.91 40.41
C GLY D 305 -24.35 5.41 39.00
N GLU D 306 -23.24 5.41 38.27
CA GLU D 306 -23.23 5.87 36.88
C GLU D 306 -23.65 4.73 35.98
N ILE D 307 -24.80 4.86 35.33
CA ILE D 307 -25.35 3.80 34.48
C ILE D 307 -25.03 4.15 33.04
N THR D 308 -24.14 3.37 32.41
CA THR D 308 -23.63 3.70 31.09
C THR D 308 -23.66 2.49 30.16
N CYS D 309 -24.10 2.71 28.93
CA CYS D 309 -23.92 1.75 27.85
C CYS D 309 -23.09 2.35 26.74
N ASN D 310 -22.13 1.57 26.24
CA ASN D 310 -21.24 1.96 25.16
C ASN D 310 -21.54 1.02 23.98
N SER D 311 -22.43 1.46 23.09
CA SER D 311 -22.95 0.54 22.09
C SER D 311 -22.59 0.99 20.68
N ASN D 312 -22.66 0.04 19.76
CA ASN D 312 -22.31 0.23 18.36
C ASN D 312 -23.59 0.24 17.53
N ILE D 313 -23.97 1.40 17.00
CA ILE D 313 -25.01 1.44 15.98
C ILE D 313 -24.54 0.68 14.76
N THR D 314 -25.27 -0.39 14.40
CA THR D 314 -24.97 -1.21 13.25
C THR D 314 -26.10 -1.23 12.23
N GLY D 315 -27.22 -0.58 12.52
CA GLY D 315 -28.33 -0.56 11.57
C GLY D 315 -29.39 0.42 12.00
N LEU D 316 -30.30 0.71 11.08
CA LEU D 316 -31.40 1.63 11.31
C LEU D 316 -32.72 0.98 10.87
N LEU D 317 -33.81 1.36 11.56
CA LEU D 317 -35.14 0.94 11.15
C LEU D 317 -35.95 2.20 10.82
N LEU D 318 -36.30 2.35 9.54
CA LEU D 318 -36.92 3.57 9.03
C LEU D 318 -38.28 3.27 8.43
N LEU D 319 -39.05 4.35 8.24
CA LEU D 319 -40.36 4.29 7.62
C LEU D 319 -40.50 5.49 6.70
N ARG D 320 -40.93 5.22 5.46
CA ARG D 320 -41.16 6.27 4.47
C ARG D 320 -42.60 6.76 4.56
N ASP D 321 -42.79 8.03 4.22
CA ASP D 321 -44.12 8.64 4.35
C ASP D 321 -45.05 8.20 3.23
N ASP D 328 -42.63 14.98 -5.30
CA ASP D 328 -41.55 15.95 -5.28
C ASP D 328 -40.47 15.62 -4.26
N THR D 329 -40.80 15.01 -3.11
CA THR D 329 -39.76 14.45 -2.24
C THR D 329 -40.30 13.48 -1.20
N GLU D 330 -39.45 12.49 -0.87
CA GLU D 330 -39.73 11.45 0.09
C GLU D 330 -39.00 11.71 1.40
N THR D 331 -39.66 11.39 2.52
CA THR D 331 -39.12 11.60 3.85
C THR D 331 -39.05 10.26 4.58
N PHE D 332 -37.94 10.04 5.28
CA PHE D 332 -37.75 8.83 6.09
C PHE D 332 -37.67 9.21 7.57
N ARG D 333 -38.33 8.44 8.41
CA ARG D 333 -38.36 8.67 9.84
C ARG D 333 -37.93 7.39 10.56
N PRO D 334 -37.49 7.50 11.81
CA PRO D 334 -37.16 6.28 12.57
C PRO D 334 -38.40 5.54 13.03
N GLY D 335 -38.38 4.22 12.84
CA GLY D 335 -39.49 3.37 13.20
C GLY D 335 -39.07 2.26 14.14
N GLY D 336 -39.73 1.13 14.01
CA GLY D 336 -39.48 -0.02 14.85
C GLY D 336 -40.68 -0.34 15.73
N GLY D 337 -40.44 -1.22 16.70
CA GLY D 337 -41.50 -1.66 17.59
C GLY D 337 -41.72 -3.16 17.50
N ASP D 338 -41.59 -3.70 16.29
CA ASP D 338 -41.68 -5.14 16.07
C ASP D 338 -40.27 -5.72 16.20
N MET D 339 -39.98 -6.36 17.34
CA MET D 339 -38.65 -6.90 17.58
C MET D 339 -38.31 -8.04 16.62
N ARG D 340 -39.32 -8.61 15.95
CA ARG D 340 -39.03 -9.53 14.86
C ARG D 340 -38.07 -8.91 13.86
N ASP D 341 -38.28 -7.62 13.53
CA ASP D 341 -37.35 -6.93 12.64
C ASP D 341 -35.94 -6.93 13.21
N ASN D 342 -35.80 -6.67 14.52
CA ASN D 342 -34.48 -6.73 15.15
C ASN D 342 -33.83 -8.08 14.90
N TRP D 343 -34.61 -9.17 14.97
CA TRP D 343 -34.02 -10.47 14.70
C TRP D 343 -33.76 -10.69 13.21
N ARG D 344 -34.60 -10.13 12.34
CA ARG D 344 -34.42 -10.29 10.91
C ARG D 344 -33.13 -9.63 10.43
N SER D 345 -32.76 -8.49 11.03
CA SER D 345 -31.52 -7.81 10.66
C SER D 345 -30.31 -8.71 10.78
N GLU D 346 -30.38 -9.75 11.63
CA GLU D 346 -29.28 -10.69 11.77
C GLU D 346 -29.54 -12.05 11.13
N LEU D 347 -30.80 -12.40 10.88
CA LEU D 347 -31.16 -13.73 10.37
C LEU D 347 -31.44 -13.74 8.88
N TYR D 348 -31.12 -12.65 8.16
CA TYR D 348 -31.42 -12.60 6.74
C TYR D 348 -30.63 -13.63 5.95
N LYS D 349 -29.39 -13.91 6.36
CA LYS D 349 -28.55 -14.87 5.64
C LYS D 349 -29.05 -16.30 5.76
N TYR D 350 -29.82 -16.62 6.79
CA TYR D 350 -30.04 -18.00 7.18
C TYR D 350 -31.44 -18.47 6.79
N LYS D 351 -31.53 -19.72 6.35
CA LYS D 351 -32.81 -20.36 6.06
C LYS D 351 -32.69 -21.84 6.40
N VAL D 352 -33.75 -22.41 6.96
CA VAL D 352 -33.73 -23.81 7.40
C VAL D 352 -34.23 -24.70 6.27
N VAL D 353 -33.49 -25.79 6.02
CA VAL D 353 -33.84 -26.76 4.98
C VAL D 353 -33.71 -28.15 5.58
N GLU D 354 -34.35 -29.12 4.95
CA GLU D 354 -34.29 -30.50 5.42
C GLU D 354 -33.41 -31.32 4.48
#